data_8G7V
#
_entry.id   8G7V
#
_cell.length_a   1.00
_cell.length_b   1.00
_cell.length_c   1.00
_cell.angle_alpha   90.00
_cell.angle_beta   90.00
_cell.angle_gamma   90.00
#
_symmetry.space_group_name_H-M   'P 1'
#
loop_
_entity.id
_entity.type
_entity.pdbx_description
1 polymer 'Antiviral innate immune response receptor RIG-I'
2 polymer 'E3 ubiquitin-protein ligase RNF135'
3 polymer p3dsRNA24a
4 polymer p3dsRNA24b
5 non-polymer 'ZINC ION'
#
loop_
_entity_poly.entity_id
_entity_poly.type
_entity_poly.pdbx_seq_one_letter_code
_entity_poly.pdbx_strand_id
1 'polypeptide(L)'
;MTTEQRRSLQAFQDYIRKTLDPTYILSYMAPWFREEEVQYIQAEKNNKGPMEAATLFLKFLLELQEEGWFRGFLDALDHA
GYSGLYEAIESWDFKKIEKLEEYRLLLKRLQPEFKTRIIPTDIISDLSECLINQECEEILQICSTKGMMAGAEKLVECLL
RSDKENWPKTLKLALEKERNKFSELWIVEKGIKDVETEDLEDKMETSDIQIFYQEDPECQNLSENSCPPSEVSDTNLYSP
FKPRNYQLELALPAMKGKNTIICAPTGCGKTFVSLLICEHHLKKFPQGQKGKVVFFANQIPVYEQQKSVFSKYFERHGYR
VTGISGATAENVPVEQIVENNDIIILTPQILVNNLKKGTIPSLSIFTLMIFDECHNTSKQHPYNMIMFNYLDQKLGGSSG
PLPQVIGLTASVGVGDAKNTDEALDYICKLCASLDASVIATVKHNLEELEQVVYKPQKFFRKVESRISDKFKYIIAQLMR
DTESLAKRICKDLENLSQIQNREFGTQKYEQWIVTVQKACMVFQMPDKDEESRICKALFLYTSHLRKYNDALIISEHARM
KDALDYLKDFFSNVRAAGFDEIEQDLTQRFEEKLQELESVSRDPSNENPKLEDLCFILQEEYHLNPETITILFVKTRALV
DALKNWIEGNPKLSFLKPGILTGRGKTNQNTGMTLPAQKCILDAFKASGDHNILIATSVADEGIDIAQCNLVILYEYVGN
VIKMIQTRGRGRARGSKCFLLTSNAGVIEKEQINMYKEKMMNDSILRLQTWDEAVFREKILHIQTHEKFIRDSQEKPKPV
PDKENKKLLCRKCKALACYTADVRVIEECHYTVLGDAFKECFVSRPHPKPKQFSSFEKRAKIFCARQNCSHDWGIHVKYK
TFEIPVIKIESFVVEDIATGVQTLYSKWKDFHFEKIPFDPAEMSK
;
A,C
2 'polypeptide(L)'
;MAGLGLGSAVPVWLAEDDLGCIICQGLLDWPATLPCGHSFCRHCLEALWGARDARRWACPTCRQGAAQQPHLRKNTLLQD
LADKYRRAAREIQAGSDPAHCPCPGSSSLSSAAARPRRRPELQRVAVEKSITEVAQELTELVEHLVDIVRSLQNQRPLSE
SGPDNELSILGKAFSSGVDLSMASPKLVTSDTAAGKIRDILHDLEEIQEKLQESVTWKEAPEAQMQGELLEAPSSSSCPL
PDQSHPALRRASRFAQWAIHPTFNLKSLSCSLEVSKDSRTVTVSHRPQPYRWSCERFSTSQVLCSQALSSGKHYWEVDTR
NCSHWAVGVASWEMSRDQVLGRTMDSCCVEWKGTSQLSAWHMVKETVLGSDRPGVVGIWLNLEEGKLAFYSVDNQEKLLY
ECTISASSPLYPAFWLYGLHPGNYLIIKQVKV
;
B,D
3 'polyribonucleotide' (GTP)GACGUACGUUUCGCGACUGUAGA X
4 'polyribonucleotide' (UTP)CUACAGUCGCGAAACGUACGUCC Y
#
loop_
_chem_comp.id
_chem_comp.type
_chem_comp.name
_chem_comp.formula
A RNA linking ADENOSINE-5'-MONOPHOSPHATE 'C10 H14 N5 O7 P'
C RNA linking CYTIDINE-5'-MONOPHOSPHATE 'C9 H14 N3 O8 P'
G RNA linking GUANOSINE-5'-MONOPHOSPHATE 'C10 H14 N5 O8 P'
GTP non-polymer GUANOSINE-5'-TRIPHOSPHATE 'C10 H16 N5 O14 P3'
U RNA linking URIDINE-5'-MONOPHOSPHATE 'C9 H13 N2 O9 P'
UTP non-polymer 'URIDINE 5'-TRIPHOSPHATE' 'C9 H15 N2 O15 P3'
ZN non-polymer 'ZINC ION' 'Zn 2'
#
# COMPACT_ATOMS: atom_id res chain seq x y z
N PHE A 241 -23.34 -37.61 -33.16
CA PHE A 241 -23.87 -38.73 -33.93
C PHE A 241 -22.94 -39.94 -33.83
N LYS A 242 -21.64 -39.69 -34.00
CA LYS A 242 -20.62 -40.74 -33.98
C LYS A 242 -19.59 -40.42 -32.90
N PRO A 243 -19.48 -41.21 -31.83
CA PRO A 243 -18.56 -40.87 -30.75
C PRO A 243 -17.10 -41.13 -31.11
N ARG A 244 -16.21 -40.53 -30.32
CA ARG A 244 -14.78 -40.72 -30.44
C ARG A 244 -14.27 -41.47 -29.21
N ASN A 245 -12.94 -41.65 -29.16
CA ASN A 245 -12.37 -42.49 -28.11
C ASN A 245 -12.13 -41.74 -26.82
N TYR A 246 -11.69 -40.48 -26.90
CA TYR A 246 -11.53 -39.71 -25.68
C TYR A 246 -12.87 -39.32 -25.07
N GLN A 247 -13.93 -39.24 -25.88
CA GLN A 247 -15.25 -39.01 -25.33
C GLN A 247 -15.85 -40.26 -24.73
N LEU A 248 -15.26 -41.43 -24.99
CA LEU A 248 -15.67 -42.65 -24.33
C LEU A 248 -14.69 -43.11 -23.27
N GLU A 249 -13.46 -42.58 -23.28
CA GLU A 249 -12.58 -42.80 -22.14
C GLU A 249 -13.00 -41.99 -20.94
N LEU A 250 -13.74 -40.89 -21.16
CA LEU A 250 -14.26 -40.10 -20.05
C LEU A 250 -15.57 -40.69 -19.52
N ALA A 251 -16.43 -41.18 -20.41
CA ALA A 251 -17.74 -41.63 -20.00
C ALA A 251 -17.75 -43.02 -19.40
N LEU A 252 -16.62 -43.69 -19.36
CA LEU A 252 -16.56 -45.07 -18.89
C LEU A 252 -16.70 -45.23 -17.37
N PRO A 253 -16.10 -44.40 -16.49
CA PRO A 253 -16.41 -44.54 -15.07
C PRO A 253 -17.81 -44.09 -14.69
N ALA A 254 -18.45 -43.26 -15.50
CA ALA A 254 -19.80 -42.81 -15.17
C ALA A 254 -20.84 -43.89 -15.44
N MET A 255 -20.63 -44.72 -16.46
CA MET A 255 -21.59 -45.75 -16.80
C MET A 255 -21.59 -46.91 -15.82
N LYS A 256 -20.55 -47.04 -15.00
CA LYS A 256 -20.56 -48.06 -13.96
C LYS A 256 -21.54 -47.74 -12.85
N GLY A 257 -21.86 -46.45 -12.68
CA GLY A 257 -22.82 -46.06 -11.66
C GLY A 257 -22.20 -45.44 -10.44
N LYS A 258 -21.18 -44.61 -10.62
CA LYS A 258 -20.50 -43.97 -9.51
C LYS A 258 -20.21 -42.52 -9.87
N ASN A 259 -20.08 -41.70 -8.84
CA ASN A 259 -20.12 -40.26 -9.01
C ASN A 259 -18.75 -39.75 -9.45
N THR A 260 -18.75 -38.81 -10.39
CA THR A 260 -17.53 -38.46 -11.11
C THR A 260 -17.44 -36.95 -11.28
N ILE A 261 -16.22 -36.46 -11.51
CA ILE A 261 -15.87 -35.04 -11.71
C ILE A 261 -15.17 -34.89 -13.06
N ILE A 262 -15.79 -35.44 -14.12
CA ILE A 262 -15.26 -35.42 -15.49
C ILE A 262 -14.81 -34.04 -15.93
N CYS A 263 -13.53 -33.92 -16.26
CA CYS A 263 -12.91 -32.61 -16.56
C CYS A 263 -12.33 -32.61 -17.97
N ALA A 264 -13.18 -32.26 -18.93
CA ALA A 264 -12.84 -32.23 -20.34
C ALA A 264 -12.66 -30.80 -20.80
N PRO A 265 -11.56 -30.48 -21.49
CA PRO A 265 -11.33 -29.11 -21.96
C PRO A 265 -11.97 -28.75 -23.28
N THR A 266 -12.90 -29.54 -23.80
CA THR A 266 -13.57 -29.24 -25.05
C THR A 266 -14.96 -28.72 -24.76
N GLY A 267 -15.38 -27.68 -25.47
CA GLY A 267 -16.71 -27.13 -25.27
C GLY A 267 -17.79 -28.06 -25.77
N CYS A 268 -17.62 -28.59 -26.98
CA CYS A 268 -18.56 -29.58 -27.47
C CYS A 268 -18.31 -30.96 -26.89
N GLY A 269 -17.20 -31.15 -26.17
CA GLY A 269 -16.92 -32.44 -25.57
C GLY A 269 -17.81 -32.72 -24.38
N LYS A 270 -18.09 -31.69 -23.57
CA LYS A 270 -18.95 -31.84 -22.41
C LYS A 270 -20.38 -32.20 -22.82
N THR A 271 -20.87 -31.58 -23.89
CA THR A 271 -22.22 -31.85 -24.36
C THR A 271 -22.34 -33.28 -24.85
N PHE A 272 -21.34 -33.76 -25.58
CA PHE A 272 -21.43 -35.11 -26.11
C PHE A 272 -21.21 -36.16 -25.03
N VAL A 273 -20.37 -35.86 -24.03
CA VAL A 273 -20.14 -36.82 -22.96
C VAL A 273 -21.37 -36.91 -22.07
N SER A 274 -22.02 -35.77 -21.79
CA SER A 274 -23.27 -35.79 -21.05
C SER A 274 -24.37 -36.47 -21.84
N LEU A 275 -24.35 -36.34 -23.17
CA LEU A 275 -25.29 -37.06 -24.01
C LEU A 275 -25.10 -38.56 -23.89
N LEU A 276 -23.85 -39.02 -23.88
CA LEU A 276 -23.57 -40.45 -23.80
C LEU A 276 -24.00 -41.03 -22.45
N ILE A 277 -23.70 -40.33 -21.36
CA ILE A 277 -24.08 -40.81 -20.05
C ILE A 277 -25.59 -40.77 -19.87
N CYS A 278 -26.23 -39.72 -20.37
CA CYS A 278 -27.68 -39.61 -20.32
C CYS A 278 -28.36 -40.66 -21.17
N GLU A 279 -27.71 -41.09 -22.24
CA GLU A 279 -28.28 -42.14 -23.07
C GLU A 279 -28.16 -43.49 -22.38
N HIS A 280 -26.98 -43.79 -21.82
CA HIS A 280 -26.80 -45.09 -21.20
C HIS A 280 -27.55 -45.22 -19.88
N HIS A 281 -27.86 -44.11 -19.22
CA HIS A 281 -28.53 -44.21 -17.92
C HIS A 281 -29.97 -44.65 -18.06
N LEU A 282 -30.66 -44.23 -19.12
CA LEU A 282 -32.07 -44.59 -19.25
C LEU A 282 -32.27 -46.01 -19.75
N LYS A 283 -31.38 -46.49 -20.62
CA LYS A 283 -31.59 -47.75 -21.31
C LYS A 283 -31.15 -48.96 -20.50
N LYS A 284 -30.76 -48.79 -19.24
CA LYS A 284 -30.42 -49.92 -18.40
C LYS A 284 -31.52 -50.30 -17.42
N PHE A 285 -32.66 -49.61 -17.45
CA PHE A 285 -33.68 -49.94 -16.47
C PHE A 285 -34.53 -51.13 -16.88
N PRO A 286 -35.06 -51.88 -15.90
CA PRO A 286 -36.07 -52.90 -16.19
C PRO A 286 -37.43 -52.32 -16.52
N GLN A 287 -38.42 -53.20 -16.70
CA GLN A 287 -39.71 -52.80 -17.24
C GLN A 287 -40.52 -51.99 -16.23
N GLY A 288 -41.03 -50.85 -16.69
CA GLY A 288 -41.81 -49.96 -15.86
C GLY A 288 -41.03 -48.85 -15.21
N GLN A 289 -39.74 -49.07 -14.97
CA GLN A 289 -38.91 -48.08 -14.29
C GLN A 289 -38.51 -46.98 -15.25
N LYS A 290 -38.50 -45.74 -14.74
CA LYS A 290 -38.18 -44.58 -15.54
C LYS A 290 -37.00 -43.84 -14.92
N GLY A 291 -36.19 -43.24 -15.78
CA GLY A 291 -35.12 -42.37 -15.36
C GLY A 291 -35.56 -40.91 -15.43
N LYS A 292 -35.10 -40.11 -14.49
CA LYS A 292 -35.51 -38.72 -14.37
C LYS A 292 -34.29 -37.83 -14.21
N VAL A 293 -33.32 -38.03 -15.09
CA VAL A 293 -32.09 -37.26 -15.11
C VAL A 293 -32.36 -35.76 -15.26
N VAL A 294 -31.76 -34.96 -14.38
CA VAL A 294 -31.90 -33.51 -14.42
C VAL A 294 -30.52 -32.89 -14.63
N PHE A 295 -30.41 -32.05 -15.65
CA PHE A 295 -29.17 -31.40 -16.04
C PHE A 295 -29.26 -29.94 -15.63
N PHE A 296 -28.48 -29.53 -14.65
CA PHE A 296 -28.48 -28.13 -14.27
C PHE A 296 -27.71 -27.31 -15.29
N ALA A 297 -28.09 -26.05 -15.42
CA ALA A 297 -27.34 -25.09 -16.21
C ALA A 297 -27.40 -23.75 -15.51
N ASN A 298 -26.25 -23.11 -15.31
CA ASN A 298 -26.26 -21.94 -14.46
C ASN A 298 -26.69 -20.69 -15.22
N GLN A 299 -26.37 -20.57 -16.49
CA GLN A 299 -26.66 -19.36 -17.23
C GLN A 299 -27.89 -19.57 -18.10
N ILE A 300 -28.41 -18.48 -18.65
CA ILE A 300 -29.57 -18.57 -19.55
C ILE A 300 -29.21 -19.04 -20.96
N PRO A 301 -28.18 -18.52 -21.66
CA PRO A 301 -27.89 -19.08 -23.00
C PRO A 301 -27.42 -20.52 -22.97
N VAL A 302 -26.72 -20.94 -21.91
CA VAL A 302 -26.35 -22.34 -21.77
C VAL A 302 -27.57 -23.20 -21.54
N TYR A 303 -28.54 -22.70 -20.76
CA TYR A 303 -29.77 -23.44 -20.51
C TYR A 303 -30.57 -23.64 -21.79
N GLU A 304 -30.72 -22.57 -22.57
CA GLU A 304 -31.51 -22.71 -23.80
C GLU A 304 -30.79 -23.51 -24.86
N GLN A 305 -29.46 -23.42 -24.91
CA GLN A 305 -28.69 -24.22 -25.86
C GLN A 305 -28.75 -25.71 -25.52
N GLN A 306 -28.65 -26.04 -24.23
CA GLN A 306 -28.78 -27.44 -23.84
C GLN A 306 -30.21 -27.94 -23.99
N LYS A 307 -31.21 -27.05 -23.91
CA LYS A 307 -32.57 -27.50 -24.20
C LYS A 307 -32.75 -27.80 -25.67
N SER A 308 -32.18 -26.96 -26.54
CA SER A 308 -32.24 -27.20 -27.98
C SER A 308 -31.45 -28.43 -28.39
N VAL A 309 -30.40 -28.78 -27.65
CA VAL A 309 -29.65 -29.98 -27.99
C VAL A 309 -30.35 -31.22 -27.46
N PHE A 310 -30.79 -31.19 -26.20
CA PHE A 310 -31.38 -32.37 -25.58
C PHE A 310 -32.78 -32.67 -26.10
N SER A 311 -33.46 -31.70 -26.71
CA SER A 311 -34.74 -32.05 -27.31
C SER A 311 -34.59 -32.56 -28.73
N LYS A 312 -33.72 -31.94 -29.53
CA LYS A 312 -33.53 -32.34 -30.91
C LYS A 312 -32.68 -33.60 -31.06
N TYR A 313 -32.30 -34.23 -29.96
CA TYR A 313 -31.66 -35.54 -29.99
C TYR A 313 -32.52 -36.63 -29.36
N PHE A 314 -33.14 -36.35 -28.21
CA PHE A 314 -34.03 -37.30 -27.57
C PHE A 314 -35.48 -37.06 -27.96
N GLU A 315 -35.74 -36.99 -29.26
CA GLU A 315 -37.12 -36.97 -29.76
C GLU A 315 -37.53 -38.29 -30.37
N ARG A 316 -36.60 -39.01 -30.98
CA ARG A 316 -36.94 -40.26 -31.67
C ARG A 316 -37.14 -41.41 -30.71
N HIS A 317 -36.63 -41.31 -29.49
CA HIS A 317 -36.85 -42.34 -28.49
C HIS A 317 -38.07 -42.07 -27.65
N GLY A 318 -38.69 -40.90 -27.80
CA GLY A 318 -39.90 -40.60 -27.08
C GLY A 318 -39.69 -40.24 -25.62
N TYR A 319 -38.62 -39.55 -25.30
CA TYR A 319 -38.38 -39.06 -23.95
C TYR A 319 -38.80 -37.60 -23.87
N ARG A 320 -39.50 -37.26 -22.79
CA ARG A 320 -40.11 -35.95 -22.66
C ARG A 320 -39.07 -35.00 -22.08
N VAL A 321 -38.60 -34.08 -22.90
CA VAL A 321 -37.48 -33.19 -22.57
C VAL A 321 -38.03 -31.79 -22.40
N THR A 322 -38.03 -31.27 -21.18
CA THR A 322 -38.52 -29.92 -20.94
C THR A 322 -37.49 -29.14 -20.12
N GLY A 323 -37.73 -27.85 -19.98
CA GLY A 323 -36.85 -27.02 -19.20
C GLY A 323 -37.57 -25.86 -18.55
N ILE A 324 -37.12 -25.49 -17.35
CA ILE A 324 -37.72 -24.39 -16.60
C ILE A 324 -36.69 -23.28 -16.45
N SER A 325 -37.14 -22.04 -16.53
CA SER A 325 -36.34 -20.87 -16.30
C SER A 325 -37.04 -19.98 -15.27
N GLY A 326 -36.48 -18.80 -15.04
CA GLY A 326 -37.21 -17.81 -14.27
C GLY A 326 -38.28 -17.11 -15.08
N ALA A 327 -38.20 -17.18 -16.41
CA ALA A 327 -39.20 -16.64 -17.30
C ALA A 327 -40.26 -17.66 -17.67
N THR A 328 -40.25 -18.83 -17.03
CA THR A 328 -41.23 -19.86 -17.29
C THR A 328 -41.83 -20.42 -16.01
N ALA A 329 -41.15 -20.30 -14.87
CA ALA A 329 -41.65 -20.85 -13.60
C ALA A 329 -42.84 -20.08 -13.04
N GLU A 330 -43.25 -18.99 -13.66
CA GLU A 330 -44.46 -18.29 -13.25
C GLU A 330 -45.65 -18.84 -14.01
N ASN A 331 -46.78 -18.90 -13.31
CA ASN A 331 -48.09 -19.34 -13.80
C ASN A 331 -48.10 -20.78 -14.31
N VAL A 332 -47.07 -21.57 -13.98
CA VAL A 332 -46.99 -22.97 -14.40
C VAL A 332 -46.57 -23.77 -13.16
N PRO A 333 -47.31 -24.81 -12.79
CA PRO A 333 -46.95 -25.57 -11.59
C PRO A 333 -45.69 -26.39 -11.82
N VAL A 334 -44.81 -26.38 -10.82
CA VAL A 334 -43.55 -27.10 -10.97
C VAL A 334 -43.74 -28.60 -10.73
N GLU A 335 -44.71 -28.98 -9.90
CA GLU A 335 -44.82 -30.38 -9.48
C GLU A 335 -45.33 -31.27 -10.60
N GLN A 336 -46.26 -30.77 -11.41
CA GLN A 336 -46.75 -31.54 -12.54
C GLN A 336 -45.77 -31.57 -13.71
N ILE A 337 -44.67 -30.82 -13.64
CA ILE A 337 -43.64 -30.93 -14.66
C ILE A 337 -42.75 -32.13 -14.38
N VAL A 338 -42.34 -32.31 -13.12
CA VAL A 338 -41.34 -33.32 -12.78
C VAL A 338 -41.92 -34.72 -12.88
N GLU A 339 -43.21 -34.87 -12.61
CA GLU A 339 -43.83 -36.18 -12.74
C GLU A 339 -44.11 -36.53 -14.21
N ASN A 340 -44.12 -35.54 -15.11
CA ASN A 340 -44.47 -35.77 -16.50
C ASN A 340 -43.28 -35.65 -17.46
N ASN A 341 -42.05 -35.81 -16.98
CA ASN A 341 -40.90 -35.61 -17.85
C ASN A 341 -39.75 -36.51 -17.43
N ASP A 342 -38.70 -36.51 -18.26
CA ASP A 342 -37.54 -37.35 -17.99
C ASP A 342 -36.22 -36.61 -17.95
N ILE A 343 -36.03 -35.60 -18.81
CA ILE A 343 -34.72 -34.96 -18.97
C ILE A 343 -34.83 -33.47 -18.68
N ILE A 344 -35.48 -33.11 -17.56
CA ILE A 344 -35.63 -31.72 -17.13
C ILE A 344 -34.28 -30.99 -17.08
N ILE A 345 -34.26 -29.77 -17.59
CA ILE A 345 -33.02 -29.00 -17.61
C ILE A 345 -33.14 -27.69 -16.85
N LEU A 346 -33.76 -27.74 -15.68
CA LEU A 346 -33.92 -26.53 -14.87
C LEU A 346 -32.57 -26.00 -14.39
N THR A 347 -32.53 -24.68 -14.11
CA THR A 347 -31.52 -23.82 -13.50
C THR A 347 -31.70 -23.81 -11.98
N PRO A 348 -30.62 -23.81 -11.19
CA PRO A 348 -30.71 -24.37 -9.83
C PRO A 348 -31.43 -23.51 -8.82
N GLN A 349 -31.63 -22.22 -9.09
CA GLN A 349 -32.35 -21.38 -8.14
C GLN A 349 -33.82 -21.77 -8.06
N ILE A 350 -34.36 -22.32 -9.14
CA ILE A 350 -35.73 -22.84 -9.12
C ILE A 350 -35.83 -24.02 -8.16
N LEU A 351 -34.85 -24.91 -8.18
CA LEU A 351 -34.90 -26.08 -7.32
C LEU A 351 -34.64 -25.70 -5.86
N VAL A 352 -33.76 -24.73 -5.62
CA VAL A 352 -33.54 -24.27 -4.24
C VAL A 352 -34.78 -23.60 -3.68
N ASN A 353 -35.45 -22.77 -4.49
CA ASN A 353 -36.68 -22.10 -4.04
C ASN A 353 -37.80 -23.10 -3.80
N ASN A 354 -37.89 -24.13 -4.64
CA ASN A 354 -38.94 -25.10 -4.43
C ASN A 354 -38.63 -26.02 -3.25
N LEU A 355 -37.35 -26.26 -2.96
CA LEU A 355 -37.02 -27.02 -1.77
C LEU A 355 -37.27 -26.22 -0.51
N LYS A 356 -37.15 -24.90 -0.58
CA LYS A 356 -37.59 -24.09 0.55
C LYS A 356 -39.11 -24.07 0.68
N LYS A 357 -39.82 -24.11 -0.46
CA LYS A 357 -41.27 -24.02 -0.42
C LYS A 357 -41.90 -25.29 0.12
N GLY A 358 -41.53 -26.43 -0.43
CA GLY A 358 -42.05 -27.69 0.07
C GLY A 358 -42.38 -28.67 -1.03
N THR A 359 -42.69 -28.16 -2.22
CA THR A 359 -42.88 -29.02 -3.37
C THR A 359 -41.54 -29.61 -3.79
N ILE A 360 -41.60 -30.80 -4.42
CA ILE A 360 -40.47 -31.70 -4.61
C ILE A 360 -39.81 -31.93 -3.26
N PRO A 361 -40.45 -32.70 -2.36
CA PRO A 361 -40.01 -32.72 -0.96
C PRO A 361 -38.71 -33.46 -0.72
N SER A 362 -38.23 -34.23 -1.70
CA SER A 362 -36.95 -34.89 -1.56
C SER A 362 -36.26 -34.94 -2.91
N LEU A 363 -34.95 -35.06 -2.89
CA LEU A 363 -34.18 -35.22 -4.12
C LEU A 363 -34.08 -36.67 -4.56
N SER A 364 -34.81 -37.57 -3.91
CA SER A 364 -34.83 -38.96 -4.33
C SER A 364 -35.73 -39.21 -5.51
N ILE A 365 -36.51 -38.20 -5.93
CA ILE A 365 -37.42 -38.40 -7.05
C ILE A 365 -36.67 -38.42 -8.38
N PHE A 366 -35.44 -37.94 -8.40
CA PHE A 366 -34.60 -38.09 -9.58
C PHE A 366 -33.86 -39.42 -9.52
N THR A 367 -33.17 -39.74 -10.60
CA THR A 367 -32.27 -40.87 -10.63
C THR A 367 -30.88 -40.51 -11.17
N LEU A 368 -30.67 -39.28 -11.58
CA LEU A 368 -29.36 -38.77 -11.97
C LEU A 368 -29.43 -37.25 -11.89
N MET A 369 -28.34 -36.63 -11.45
CA MET A 369 -28.22 -35.18 -11.46
C MET A 369 -26.88 -34.83 -12.08
N ILE A 370 -26.90 -33.97 -13.08
CA ILE A 370 -25.68 -33.55 -13.75
C ILE A 370 -25.45 -32.07 -13.41
N PHE A 371 -24.25 -31.76 -12.95
CA PHE A 371 -23.84 -30.39 -12.68
C PHE A 371 -22.94 -29.90 -13.80
N ASP A 372 -23.42 -28.93 -14.56
CA ASP A 372 -22.58 -28.29 -15.56
C ASP A 372 -21.74 -27.21 -14.90
N GLU A 373 -20.45 -27.17 -15.23
CA GLU A 373 -19.45 -26.25 -14.66
C GLU A 373 -19.44 -26.34 -13.13
N CYS A 374 -19.06 -27.51 -12.64
CA CYS A 374 -19.29 -27.88 -11.25
C CYS A 374 -18.34 -27.22 -10.28
N HIS A 375 -17.32 -26.50 -10.74
CA HIS A 375 -16.36 -25.92 -9.81
C HIS A 375 -16.86 -24.66 -9.14
N ASN A 376 -18.13 -24.30 -9.30
CA ASN A 376 -18.75 -23.27 -8.50
C ASN A 376 -19.43 -23.82 -7.26
N THR A 377 -19.25 -25.11 -6.97
CA THR A 377 -19.86 -25.73 -5.80
C THR A 377 -18.95 -25.53 -4.58
N SER A 378 -18.90 -24.29 -4.12
CA SER A 378 -17.92 -23.94 -3.10
C SER A 378 -18.54 -23.52 -1.78
N LYS A 379 -19.32 -22.45 -1.75
CA LYS A 379 -19.84 -21.94 -0.48
C LYS A 379 -21.05 -21.07 -0.78
N GLN A 380 -22.21 -21.45 -0.26
CA GLN A 380 -23.48 -20.72 -0.37
C GLN A 380 -23.96 -20.54 -1.80
N HIS A 381 -23.36 -21.21 -2.77
CA HIS A 381 -23.75 -21.16 -4.16
C HIS A 381 -24.93 -22.10 -4.40
N PRO A 382 -25.78 -21.83 -5.39
CA PRO A 382 -26.94 -22.69 -5.61
C PRO A 382 -26.63 -24.11 -6.04
N TYR A 383 -25.40 -24.47 -6.38
CA TYR A 383 -25.09 -25.89 -6.43
C TYR A 383 -24.87 -26.44 -5.04
N ASN A 384 -24.20 -25.65 -4.19
CA ASN A 384 -23.91 -26.12 -2.84
C ASN A 384 -25.16 -26.14 -1.98
N MET A 385 -26.14 -25.28 -2.26
CA MET A 385 -27.38 -25.33 -1.51
C MET A 385 -28.26 -26.50 -1.91
N ILE A 386 -27.99 -27.13 -3.04
CA ILE A 386 -28.63 -28.39 -3.41
C ILE A 386 -27.88 -29.57 -2.82
N MET A 387 -26.55 -29.52 -2.88
CA MET A 387 -25.77 -30.58 -2.28
C MET A 387 -25.89 -30.60 -0.77
N PHE A 388 -26.26 -29.48 -0.14
CA PHE A 388 -26.61 -29.52 1.27
C PHE A 388 -27.83 -30.40 1.51
N ASN A 389 -28.86 -30.25 0.70
CA ASN A 389 -30.05 -31.07 0.88
C ASN A 389 -29.82 -32.51 0.47
N TYR A 390 -28.85 -32.75 -0.39
CA TYR A 390 -28.49 -34.13 -0.71
C TYR A 390 -27.73 -34.77 0.43
N LEU A 391 -26.73 -34.07 0.98
CA LEU A 391 -25.88 -34.66 2.00
C LEU A 391 -26.57 -34.75 3.35
N ASP A 392 -27.55 -33.89 3.62
CA ASP A 392 -28.33 -34.10 4.84
C ASP A 392 -29.30 -35.24 4.71
N GLN A 393 -29.50 -35.76 3.51
CA GLN A 393 -30.25 -36.99 3.32
C GLN A 393 -29.36 -38.21 3.37
N LYS A 394 -28.15 -38.13 2.81
CA LYS A 394 -27.27 -39.29 2.82
C LYS A 394 -26.64 -39.51 4.18
N LEU A 395 -26.11 -38.46 4.80
CA LEU A 395 -25.42 -38.59 6.08
C LEU A 395 -26.36 -38.60 7.27
N GLY A 396 -27.66 -38.50 7.05
CA GLY A 396 -28.57 -38.44 8.16
C GLY A 396 -28.87 -39.83 8.67
N GLY A 397 -28.75 -40.81 7.80
CA GLY A 397 -29.15 -42.15 8.12
C GLY A 397 -30.59 -42.46 7.80
N SER A 398 -31.29 -41.55 7.12
CA SER A 398 -32.66 -41.74 6.67
C SER A 398 -32.71 -41.82 5.15
N SER A 399 -31.70 -42.46 4.56
CA SER A 399 -31.51 -42.41 3.12
C SER A 399 -32.52 -43.26 2.37
N GLY A 400 -32.87 -42.80 1.17
CA GLY A 400 -33.58 -43.61 0.21
C GLY A 400 -32.70 -43.93 -0.97
N PRO A 401 -33.29 -44.02 -2.16
CA PRO A 401 -32.50 -44.19 -3.38
C PRO A 401 -31.92 -42.89 -3.91
N LEU A 402 -30.76 -42.49 -3.40
CA LEU A 402 -30.10 -41.26 -3.86
C LEU A 402 -29.61 -41.41 -5.30
N PRO A 403 -29.65 -40.34 -6.07
CA PRO A 403 -29.24 -40.42 -7.49
C PRO A 403 -27.73 -40.31 -7.66
N GLN A 404 -27.27 -40.59 -8.88
CA GLN A 404 -25.90 -40.31 -9.24
C GLN A 404 -25.71 -38.81 -9.41
N VAL A 405 -24.57 -38.30 -8.94
CA VAL A 405 -24.38 -36.85 -8.78
C VAL A 405 -23.18 -36.41 -9.61
N ILE A 406 -23.03 -36.94 -10.82
CA ILE A 406 -21.85 -36.61 -11.63
C ILE A 406 -21.84 -35.13 -12.01
N GLY A 407 -20.65 -34.64 -12.33
CA GLY A 407 -20.47 -33.22 -12.59
C GLY A 407 -19.43 -32.92 -13.66
N LEU A 408 -19.76 -32.04 -14.59
CA LEU A 408 -18.90 -31.74 -15.72
C LEU A 408 -18.21 -30.40 -15.49
N THR A 409 -16.88 -30.38 -15.56
CA THR A 409 -16.11 -29.16 -15.46
C THR A 409 -15.09 -29.06 -16.59
N ALA A 410 -14.29 -28.00 -16.55
CA ALA A 410 -13.14 -27.84 -17.42
C ALA A 410 -11.86 -27.53 -16.68
N SER A 411 -11.93 -27.16 -15.40
CA SER A 411 -10.76 -26.86 -14.59
C SER A 411 -11.20 -26.97 -13.15
N VAL A 412 -10.62 -27.92 -12.41
CA VAL A 412 -11.10 -28.23 -11.07
C VAL A 412 -10.78 -27.10 -10.09
N GLY A 413 -9.79 -26.28 -10.38
CA GLY A 413 -9.51 -25.11 -9.57
C GLY A 413 -8.66 -25.44 -8.35
N VAL A 414 -7.75 -24.54 -8.00
CA VAL A 414 -6.89 -24.71 -6.84
C VAL A 414 -7.23 -23.72 -5.75
N GLY A 415 -7.55 -22.50 -6.10
CA GLY A 415 -8.05 -21.55 -5.12
C GLY A 415 -6.92 -20.83 -4.40
N ASP A 416 -6.82 -21.03 -3.10
CA ASP A 416 -5.91 -20.27 -2.25
C ASP A 416 -4.71 -21.09 -1.81
N ALA A 417 -4.34 -22.10 -2.58
CA ALA A 417 -3.29 -23.01 -2.14
C ALA A 417 -1.92 -22.54 -2.60
N LYS A 418 -0.89 -23.04 -1.92
CA LYS A 418 0.49 -22.69 -2.25
C LYS A 418 1.29 -23.88 -2.77
N ASN A 419 1.39 -24.96 -2.02
CA ASN A 419 2.17 -26.12 -2.44
C ASN A 419 1.22 -27.23 -2.85
N THR A 420 1.80 -28.38 -3.22
CA THR A 420 1.02 -29.46 -3.83
C THR A 420 0.01 -30.05 -2.85
N ASP A 421 0.38 -30.17 -1.58
CA ASP A 421 -0.52 -30.81 -0.64
C ASP A 421 -1.70 -29.92 -0.27
N GLU A 422 -1.53 -28.61 -0.33
CA GLU A 422 -2.69 -27.74 -0.13
C GLU A 422 -3.64 -27.79 -1.32
N ALA A 423 -3.10 -27.99 -2.53
CA ALA A 423 -3.95 -28.25 -3.68
C ALA A 423 -4.69 -29.58 -3.54
N LEU A 424 -4.04 -30.57 -2.94
CA LEU A 424 -4.72 -31.83 -2.69
C LEU A 424 -5.81 -31.68 -1.65
N ASP A 425 -5.59 -30.83 -0.64
CA ASP A 425 -6.63 -30.55 0.34
C ASP A 425 -7.82 -29.87 -0.30
N TYR A 426 -7.58 -28.95 -1.23
CA TYR A 426 -8.69 -28.25 -1.86
C TYR A 426 -9.47 -29.14 -2.81
N ILE A 427 -8.79 -29.98 -3.59
CA ILE A 427 -9.51 -30.85 -4.52
C ILE A 427 -10.26 -31.94 -3.76
N CYS A 428 -9.69 -32.45 -2.65
CA CYS A 428 -10.43 -33.38 -1.82
C CYS A 428 -11.63 -32.72 -1.15
N LYS A 429 -11.52 -31.45 -0.76
CA LYS A 429 -12.68 -30.77 -0.18
C LYS A 429 -13.76 -30.53 -1.22
N LEU A 430 -13.37 -30.28 -2.47
CA LEU A 430 -14.36 -30.14 -3.53
C LEU A 430 -15.05 -31.46 -3.83
N CYS A 431 -14.28 -32.55 -3.90
CA CYS A 431 -14.88 -33.85 -4.17
C CYS A 431 -15.73 -34.34 -3.01
N ALA A 432 -15.42 -33.90 -1.78
CA ALA A 432 -16.27 -34.24 -0.66
C ALA A 432 -17.56 -33.42 -0.68
N SER A 433 -17.47 -32.15 -1.05
CA SER A 433 -18.68 -31.34 -1.12
C SER A 433 -19.54 -31.67 -2.32
N LEU A 434 -19.02 -32.38 -3.31
CA LEU A 434 -19.79 -32.80 -4.47
C LEU A 434 -20.07 -34.29 -4.46
N ASP A 435 -19.53 -35.02 -3.47
CA ASP A 435 -19.85 -36.41 -3.17
C ASP A 435 -19.49 -37.34 -4.32
N ALA A 436 -18.26 -37.20 -4.80
CA ALA A 436 -17.78 -38.12 -5.82
C ALA A 436 -16.57 -38.88 -5.31
N SER A 437 -16.15 -39.85 -6.11
CA SER A 437 -15.05 -40.70 -5.70
C SER A 437 -13.99 -40.84 -6.79
N VAL A 438 -14.37 -40.75 -8.05
CA VAL A 438 -13.44 -40.93 -9.16
C VAL A 438 -13.38 -39.63 -9.95
N ILE A 439 -12.17 -39.26 -10.37
CA ILE A 439 -11.95 -38.11 -11.24
C ILE A 439 -11.42 -38.64 -12.56
N ALA A 440 -12.19 -38.47 -13.63
CA ALA A 440 -11.83 -39.02 -14.93
C ALA A 440 -11.21 -37.95 -15.81
N THR A 441 -10.12 -38.29 -16.47
CA THR A 441 -9.42 -37.40 -17.38
C THR A 441 -8.96 -38.23 -18.57
N VAL A 442 -8.76 -37.57 -19.71
CA VAL A 442 -8.26 -38.25 -20.90
C VAL A 442 -6.81 -38.62 -20.67
N LYS A 443 -6.51 -39.92 -20.67
CA LYS A 443 -5.15 -40.39 -20.43
C LYS A 443 -4.56 -41.15 -21.60
N HIS A 444 -5.33 -42.05 -22.23
CA HIS A 444 -4.80 -42.82 -23.33
C HIS A 444 -4.89 -42.08 -24.66
N ASN A 445 -5.72 -41.05 -24.74
CA ASN A 445 -6.05 -40.39 -26.00
C ASN A 445 -5.55 -38.96 -26.05
N LEU A 446 -4.31 -38.74 -25.58
CA LEU A 446 -3.74 -37.40 -25.54
C LEU A 446 -3.51 -36.82 -26.93
N GLU A 447 -3.40 -37.66 -27.96
CA GLU A 447 -3.30 -37.14 -29.31
C GLU A 447 -4.63 -36.56 -29.77
N GLU A 448 -5.73 -37.22 -29.44
CA GLU A 448 -7.04 -36.71 -29.80
C GLU A 448 -7.43 -35.48 -28.99
N LEU A 449 -6.75 -35.23 -27.88
CA LEU A 449 -7.02 -34.03 -27.10
C LEU A 449 -6.09 -32.88 -27.46
N GLU A 450 -4.86 -33.16 -27.88
CA GLU A 450 -3.94 -32.09 -28.24
C GLU A 450 -4.28 -31.46 -29.58
N GLN A 451 -4.98 -32.18 -30.46
CA GLN A 451 -5.36 -31.61 -31.74
C GLN A 451 -6.48 -30.59 -31.57
N VAL A 452 -7.27 -30.71 -30.52
CA VAL A 452 -8.32 -29.74 -30.19
C VAL A 452 -8.15 -29.34 -28.72
N VAL A 453 -7.33 -28.32 -28.48
CA VAL A 453 -7.11 -27.88 -27.10
C VAL A 453 -7.19 -26.36 -26.92
N TYR A 454 -7.01 -25.57 -27.99
CA TYR A 454 -6.94 -24.10 -27.96
C TYR A 454 -5.93 -23.60 -26.94
N LYS A 455 -4.66 -23.93 -27.17
CA LYS A 455 -3.58 -23.55 -26.28
C LYS A 455 -2.72 -22.46 -26.90
N PRO A 456 -2.89 -21.19 -26.52
CA PRO A 456 -2.09 -20.12 -27.11
C PRO A 456 -0.77 -19.92 -26.36
N GLN A 457 0.03 -18.94 -26.77
CA GLN A 457 1.23 -18.58 -26.02
C GLN A 457 1.16 -17.14 -25.54
N LYS A 458 1.83 -16.89 -24.42
CA LYS A 458 1.74 -15.62 -23.69
C LYS A 458 2.94 -14.73 -24.00
N PHE A 459 2.68 -13.43 -24.00
CA PHE A 459 3.61 -12.42 -24.47
C PHE A 459 3.61 -11.20 -23.55
N PHE A 460 3.83 -11.41 -22.25
CA PHE A 460 3.78 -10.33 -21.24
C PHE A 460 4.57 -9.10 -21.63
N ARG A 461 3.93 -7.93 -21.54
CA ARG A 461 4.55 -6.68 -22.00
C ARG A 461 4.32 -5.61 -20.94
N LYS A 462 5.28 -5.44 -20.04
CA LYS A 462 5.18 -4.41 -19.02
C LYS A 462 5.43 -3.04 -19.65
N VAL A 463 4.51 -2.12 -19.43
CA VAL A 463 4.58 -0.78 -20.01
C VAL A 463 4.45 0.21 -18.86
N GLU A 464 5.12 1.36 -18.98
CA GLU A 464 5.20 2.36 -17.92
C GLU A 464 4.07 3.37 -18.05
N SER A 465 3.94 4.19 -17.01
CA SER A 465 2.97 5.28 -17.02
C SER A 465 3.58 6.51 -17.68
N ARG A 466 2.81 7.59 -17.69
CA ARG A 466 3.29 8.86 -18.23
C ARG A 466 4.09 9.62 -17.18
N ILE A 467 4.91 10.56 -17.65
CA ILE A 467 5.83 11.28 -16.79
C ILE A 467 5.35 12.70 -16.48
N SER A 468 4.78 13.40 -17.46
CA SER A 468 4.28 14.76 -17.27
C SER A 468 2.76 14.70 -17.15
N ASP A 469 2.28 14.42 -15.94
CA ASP A 469 0.85 14.32 -15.69
C ASP A 469 0.30 15.69 -15.30
N LYS A 470 0.06 16.51 -16.32
CA LYS A 470 -0.53 17.83 -16.08
C LYS A 470 -1.98 17.72 -15.65
N PHE A 471 -2.69 16.72 -16.21
CA PHE A 471 -4.10 16.53 -15.91
C PHE A 471 -4.31 16.14 -14.46
N LYS A 472 -3.45 15.26 -13.94
CA LYS A 472 -3.51 14.88 -12.54
C LYS A 472 -3.22 16.07 -11.64
N TYR A 473 -2.33 16.97 -12.08
CA TYR A 473 -2.02 18.17 -11.31
C TYR A 473 -3.23 19.10 -11.24
N ILE A 474 -3.91 19.32 -12.37
CA ILE A 474 -5.02 20.26 -12.39
C ILE A 474 -6.22 19.71 -11.61
N ILE A 475 -6.51 18.42 -11.77
CA ILE A 475 -7.61 17.84 -11.01
C ILE A 475 -7.23 17.71 -9.53
N ALA A 476 -5.94 17.61 -9.22
CA ALA A 476 -5.51 17.63 -7.83
C ALA A 476 -5.74 18.99 -7.20
N GLN A 477 -5.49 20.06 -7.96
CA GLN A 477 -5.78 21.40 -7.47
C GLN A 477 -7.28 21.59 -7.25
N LEU A 478 -8.10 21.09 -8.17
CA LEU A 478 -9.55 21.21 -7.99
C LEU A 478 -10.05 20.38 -6.82
N MET A 479 -9.45 19.22 -6.58
CA MET A 479 -9.90 18.38 -5.47
C MET A 479 -9.47 18.96 -4.13
N ARG A 480 -8.29 19.58 -4.09
CA ARG A 480 -7.91 20.32 -2.89
C ARG A 480 -8.82 21.52 -2.66
N ASP A 481 -9.27 22.16 -3.74
CA ASP A 481 -10.23 23.26 -3.60
C ASP A 481 -11.56 22.78 -3.02
N THR A 482 -12.07 21.66 -3.54
CA THR A 482 -13.34 21.15 -3.05
C THR A 482 -13.20 20.62 -1.62
N GLU A 483 -12.04 20.07 -1.28
CA GLU A 483 -11.82 19.60 0.08
C GLU A 483 -11.71 20.77 1.06
N SER A 484 -11.08 21.86 0.65
CA SER A 484 -11.00 23.03 1.50
C SER A 484 -12.35 23.72 1.64
N LEU A 485 -13.16 23.67 0.58
CA LEU A 485 -14.52 24.17 0.68
C LEU A 485 -15.38 23.28 1.57
N ALA A 486 -15.07 21.99 1.63
CA ALA A 486 -15.84 21.07 2.45
C ALA A 486 -15.56 21.21 3.93
N LYS A 487 -14.40 21.76 4.30
CA LYS A 487 -14.06 21.86 5.71
C LYS A 487 -14.64 23.10 6.37
N ARG A 488 -15.07 24.10 5.60
CA ARG A 488 -15.62 25.31 6.18
C ARG A 488 -16.99 25.09 6.81
N ILE A 489 -17.66 23.99 6.49
CA ILE A 489 -18.92 23.62 7.11
C ILE A 489 -18.80 22.34 7.92
N CYS A 490 -17.59 21.80 8.04
CA CYS A 490 -17.33 20.70 8.97
C CYS A 490 -15.87 20.82 9.38
N LYS A 491 -15.63 21.38 10.56
CA LYS A 491 -14.27 21.64 11.02
C LYS A 491 -13.56 20.40 11.52
N ASP A 492 -14.31 19.35 11.84
CA ASP A 492 -13.76 18.12 12.40
C ASP A 492 -13.77 17.00 11.39
N LEU A 493 -13.53 17.34 10.12
CA LEU A 493 -13.64 16.38 9.03
C LEU A 493 -12.57 15.30 9.13
N GLU A 494 -11.37 15.65 9.58
CA GLU A 494 -10.28 14.70 9.61
C GLU A 494 -10.40 13.71 10.77
N ASN A 495 -11.38 13.88 11.65
CA ASN A 495 -11.68 12.91 12.70
C ASN A 495 -12.61 11.80 12.24
N LEU A 496 -13.19 11.93 11.06
CA LEU A 496 -14.24 11.02 10.61
C LEU A 496 -13.71 9.76 9.94
N SER A 497 -12.39 9.58 9.89
CA SER A 497 -11.84 8.43 9.19
C SER A 497 -10.54 7.98 9.85
N GLN A 498 -10.27 6.68 9.77
CA GLN A 498 -9.07 6.09 10.36
C GLN A 498 -8.06 5.70 9.30
N ILE A 499 -8.11 6.32 8.14
CA ILE A 499 -7.17 6.02 7.07
C ILE A 499 -5.98 6.95 7.19
N GLN A 500 -4.82 6.50 6.70
CA GLN A 500 -3.57 7.26 6.66
C GLN A 500 -3.61 8.25 5.49
N ASN A 501 -2.45 8.75 5.06
CA ASN A 501 -2.35 9.68 3.95
C ASN A 501 -2.99 9.12 2.68
N ARG A 502 -3.86 9.93 2.09
CA ARG A 502 -4.66 9.55 0.94
C ARG A 502 -4.15 10.28 -0.29
N GLU A 503 -3.93 9.54 -1.37
CA GLU A 503 -3.47 10.13 -2.61
C GLU A 503 -4.55 10.03 -3.68
N PHE A 504 -4.60 11.03 -4.54
CA PHE A 504 -5.66 11.12 -5.54
C PHE A 504 -5.41 10.13 -6.66
N GLY A 505 -6.46 9.43 -7.05
CA GLY A 505 -6.40 8.51 -8.16
C GLY A 505 -6.13 7.07 -7.80
N THR A 506 -6.36 6.67 -6.57
CA THR A 506 -6.33 5.27 -6.18
C THR A 506 -7.71 4.86 -5.71
N GLN A 507 -7.82 3.61 -5.26
CA GLN A 507 -9.08 3.16 -4.70
C GLN A 507 -9.18 3.48 -3.22
N LYS A 508 -8.04 3.72 -2.57
CA LYS A 508 -8.04 4.13 -1.17
C LYS A 508 -8.69 5.49 -0.99
N TYR A 509 -8.55 6.38 -1.96
CA TYR A 509 -9.21 7.66 -1.85
C TYR A 509 -10.72 7.52 -1.97
N GLU A 510 -11.19 6.59 -2.78
CA GLU A 510 -12.63 6.36 -2.87
C GLU A 510 -13.14 5.72 -1.60
N GLN A 511 -12.31 4.89 -0.94
CA GLN A 511 -12.68 4.37 0.37
C GLN A 511 -12.80 5.47 1.40
N TRP A 512 -11.90 6.45 1.35
CA TRP A 512 -11.98 7.58 2.28
C TRP A 512 -13.19 8.46 1.98
N ILE A 513 -13.51 8.65 0.70
CA ILE A 513 -14.66 9.46 0.31
C ILE A 513 -15.96 8.79 0.74
N VAL A 514 -16.05 7.47 0.57
CA VAL A 514 -17.24 6.73 0.97
C VAL A 514 -17.39 6.75 2.49
N THR A 515 -16.28 6.63 3.23
CA THR A 515 -16.37 6.65 4.68
C THR A 515 -16.78 8.03 5.19
N VAL A 516 -16.27 9.09 4.57
CA VAL A 516 -16.65 10.44 4.97
C VAL A 516 -18.11 10.70 4.66
N GLN A 517 -18.55 10.28 3.48
CA GLN A 517 -19.94 10.53 3.06
C GLN A 517 -20.94 9.74 3.89
N LYS A 518 -20.56 8.55 4.35
CA LYS A 518 -21.44 7.83 5.27
C LYS A 518 -21.38 8.44 6.66
N ALA A 519 -20.24 8.99 7.05
CA ALA A 519 -20.14 9.57 8.38
C ALA A 519 -20.89 10.89 8.49
N CYS A 520 -21.11 11.57 7.38
CA CYS A 520 -21.77 12.86 7.38
C CYS A 520 -23.28 12.77 7.18
N MET A 521 -23.84 11.56 7.17
CA MET A 521 -25.27 11.39 7.07
C MET A 521 -25.95 11.24 8.42
N VAL A 522 -25.19 11.13 9.50
CA VAL A 522 -25.75 10.83 10.80
C VAL A 522 -25.64 12.01 11.75
N PHE A 523 -25.61 13.22 11.21
CA PHE A 523 -25.65 14.40 12.06
C PHE A 523 -27.03 14.60 12.67
N GLN A 524 -27.03 15.10 13.90
CA GLN A 524 -28.25 15.31 14.69
C GLN A 524 -28.24 16.69 15.32
N MET A 525 -27.92 17.71 14.51
CA MET A 525 -27.90 19.07 15.02
C MET A 525 -29.32 19.55 15.34
N PRO A 526 -29.49 20.40 16.37
CA PRO A 526 -30.84 20.77 16.81
C PRO A 526 -31.56 21.77 15.93
N ASP A 527 -30.97 22.22 14.82
CA ASP A 527 -31.68 23.16 13.96
C ASP A 527 -32.74 22.44 13.14
N LYS A 528 -32.41 21.27 12.59
CA LYS A 528 -33.25 20.39 11.79
C LYS A 528 -33.74 21.02 10.48
N ASP A 529 -33.25 22.20 10.11
CA ASP A 529 -33.53 22.75 8.79
C ASP A 529 -32.22 23.25 8.19
N GLU A 530 -31.27 23.64 9.02
CA GLU A 530 -29.92 23.86 8.53
C GLU A 530 -29.21 22.54 8.32
N GLU A 531 -29.57 21.52 9.11
CA GLU A 531 -29.04 20.17 8.91
C GLU A 531 -29.45 19.62 7.55
N SER A 532 -30.67 19.94 7.11
CA SER A 532 -31.12 19.61 5.78
C SER A 532 -30.36 20.37 4.69
N ARG A 533 -29.61 21.40 5.04
CA ARG A 533 -28.70 22.03 4.11
C ARG A 533 -27.26 21.59 4.30
N ILE A 534 -26.85 21.32 5.54
CA ILE A 534 -25.46 20.91 5.81
C ILE A 534 -25.19 19.53 5.24
N CYS A 535 -26.10 18.57 5.50
CA CYS A 535 -25.90 17.22 4.99
C CYS A 535 -26.04 17.17 3.48
N LYS A 536 -26.89 18.02 2.91
CA LYS A 536 -27.01 18.09 1.46
C LYS A 536 -25.73 18.65 0.83
N ALA A 537 -25.13 19.67 1.45
CA ALA A 537 -23.90 20.23 0.92
C ALA A 537 -22.74 19.26 1.05
N LEU A 538 -22.72 18.49 2.14
CA LEU A 538 -21.69 17.47 2.30
C LEU A 538 -21.84 16.36 1.27
N PHE A 539 -23.07 15.94 1.00
CA PHE A 539 -23.32 14.92 0.01
C PHE A 539 -22.92 15.39 -1.39
N LEU A 540 -23.19 16.67 -1.69
CA LEU A 540 -22.81 17.22 -3.00
C LEU A 540 -21.30 17.32 -3.15
N TYR A 541 -20.60 17.78 -2.11
CA TYR A 541 -19.15 17.92 -2.18
C TYR A 541 -18.48 16.56 -2.30
N THR A 542 -18.98 15.57 -1.56
CA THR A 542 -18.39 14.24 -1.66
C THR A 542 -18.72 13.56 -2.98
N SER A 543 -19.88 13.88 -3.57
CA SER A 543 -20.18 13.35 -4.90
C SER A 543 -19.24 13.94 -5.94
N HIS A 544 -18.93 15.24 -5.85
CA HIS A 544 -18.02 15.82 -6.83
C HIS A 544 -16.59 15.33 -6.63
N LEU A 545 -16.20 15.10 -5.38
CA LEU A 545 -14.90 14.46 -5.11
C LEU A 545 -14.84 13.07 -5.72
N ARG A 546 -15.92 12.30 -5.61
CA ARG A 546 -15.93 10.96 -6.18
C ARG A 546 -15.90 10.99 -7.69
N LYS A 547 -16.55 11.99 -8.31
CA LYS A 547 -16.52 12.06 -9.76
C LYS A 547 -15.15 12.45 -10.29
N TYR A 548 -14.46 13.39 -9.61
CA TYR A 548 -13.09 13.71 -9.99
C TYR A 548 -12.17 12.50 -9.77
N ASN A 549 -12.41 11.74 -8.70
CA ASN A 549 -11.59 10.57 -8.42
C ASN A 549 -11.81 9.47 -9.44
N ASP A 550 -13.01 9.37 -9.99
CA ASP A 550 -13.21 8.41 -11.08
C ASP A 550 -12.58 8.90 -12.37
N ALA A 551 -12.64 10.20 -12.63
CA ALA A 551 -12.06 10.73 -13.86
C ALA A 551 -10.56 10.60 -13.87
N LEU A 552 -9.94 10.68 -12.69
CA LEU A 552 -8.50 10.45 -12.59
C LEU A 552 -8.13 9.03 -13.00
N ILE A 553 -8.91 8.04 -12.55
CA ILE A 553 -8.59 6.65 -12.85
C ILE A 553 -8.84 6.34 -14.32
N ILE A 554 -9.91 6.91 -14.88
CA ILE A 554 -10.20 6.70 -16.30
C ILE A 554 -9.14 7.37 -17.17
N SER A 555 -8.57 8.50 -16.72
CA SER A 555 -7.47 9.10 -17.48
C SER A 555 -6.19 8.29 -17.34
N GLU A 556 -5.91 7.74 -16.16
CA GLU A 556 -4.68 6.96 -16.01
C GLU A 556 -4.73 5.62 -16.70
N HIS A 557 -5.93 5.08 -16.96
CA HIS A 557 -6.00 3.83 -17.72
C HIS A 557 -6.25 4.06 -19.21
N ALA A 558 -7.29 4.80 -19.55
CA ALA A 558 -7.64 5.03 -20.94
C ALA A 558 -6.98 6.30 -21.44
N ARG A 559 -7.43 6.77 -22.60
CA ARG A 559 -7.01 8.04 -23.16
C ARG A 559 -7.42 9.21 -22.25
N MET A 560 -6.73 10.34 -22.41
CA MET A 560 -6.96 11.48 -21.53
C MET A 560 -8.30 12.16 -21.79
N LYS A 561 -8.80 12.07 -23.04
CA LYS A 561 -9.97 12.86 -23.43
C LYS A 561 -11.26 12.31 -22.82
N ASP A 562 -11.32 11.01 -22.56
CA ASP A 562 -12.54 10.42 -22.03
C ASP A 562 -12.79 10.83 -20.59
N ALA A 563 -11.75 11.19 -19.85
CA ALA A 563 -11.95 11.73 -18.50
C ALA A 563 -12.69 13.06 -18.54
N LEU A 564 -12.28 13.95 -19.45
CA LEU A 564 -12.95 15.23 -19.58
C LEU A 564 -14.35 15.05 -20.16
N ASP A 565 -14.53 14.07 -21.04
CA ASP A 565 -15.88 13.82 -21.57
C ASP A 565 -16.81 13.25 -20.51
N TYR A 566 -16.30 12.39 -19.63
CA TYR A 566 -17.11 11.85 -18.54
C TYR A 566 -17.48 12.94 -17.54
N LEU A 567 -16.54 13.83 -17.24
CA LEU A 567 -16.83 14.94 -16.34
C LEU A 567 -17.82 15.90 -16.96
N LYS A 568 -17.69 16.16 -18.26
CA LYS A 568 -18.62 17.06 -18.91
C LYS A 568 -20.01 16.46 -19.02
N ASP A 569 -20.10 15.14 -19.18
CA ASP A 569 -21.40 14.49 -19.22
C ASP A 569 -22.06 14.53 -17.84
N PHE A 570 -21.28 14.35 -16.79
CA PHE A 570 -21.83 14.45 -15.44
C PHE A 570 -22.27 15.87 -15.13
N PHE A 571 -21.53 16.86 -15.61
CA PHE A 571 -21.94 18.24 -15.36
C PHE A 571 -23.12 18.65 -16.23
N SER A 572 -23.27 18.07 -17.42
CA SER A 572 -24.49 18.28 -18.20
C SER A 572 -25.69 17.66 -17.50
N ASN A 573 -25.49 16.49 -16.89
CA ASN A 573 -26.56 15.86 -16.13
C ASN A 573 -26.96 16.71 -14.94
N VAL A 574 -26.00 17.31 -14.24
CA VAL A 574 -26.37 18.12 -13.09
C VAL A 574 -26.91 19.48 -13.52
N ARG A 575 -26.58 19.93 -14.74
CA ARG A 575 -27.24 21.13 -15.28
C ARG A 575 -28.69 20.86 -15.59
N ALA A 576 -28.98 19.69 -16.16
CA ALA A 576 -30.37 19.34 -16.42
C ALA A 576 -31.14 18.96 -15.16
N ALA A 577 -30.44 18.58 -14.09
CA ALA A 577 -31.11 18.19 -12.87
C ALA A 577 -31.70 19.39 -12.14
N GLY A 578 -30.86 20.32 -11.74
CA GLY A 578 -31.32 21.45 -10.95
C GLY A 578 -30.15 22.33 -10.58
N PHE A 579 -30.47 23.42 -9.88
CA PHE A 579 -29.44 24.39 -9.54
C PHE A 579 -29.79 25.12 -8.26
N ASP A 580 -28.80 25.22 -7.36
CA ASP A 580 -28.88 26.05 -6.18
C ASP A 580 -27.54 26.77 -6.05
N GLU A 581 -27.34 27.44 -4.90
CA GLU A 581 -26.14 28.22 -4.71
C GLU A 581 -24.90 27.37 -4.50
N ILE A 582 -25.06 26.09 -4.19
CA ILE A 582 -23.91 25.19 -4.11
C ILE A 582 -23.52 24.72 -5.50
N GLU A 583 -24.51 24.26 -6.27
CA GLU A 583 -24.23 23.63 -7.55
C GLU A 583 -23.82 24.65 -8.61
N GLN A 584 -24.41 25.84 -8.57
CA GLN A 584 -23.96 26.93 -9.43
C GLN A 584 -22.50 27.28 -9.13
N ASP A 585 -22.13 27.28 -7.85
CA ASP A 585 -20.76 27.55 -7.45
C ASP A 585 -19.80 26.48 -7.94
N LEU A 586 -20.20 25.22 -7.86
CA LEU A 586 -19.28 24.15 -8.28
C LEU A 586 -19.15 24.07 -9.79
N THR A 587 -20.25 24.28 -10.51
CA THR A 587 -20.18 24.31 -11.96
C THR A 587 -19.37 25.50 -12.47
N GLN A 588 -19.55 26.67 -11.84
CA GLN A 588 -18.73 27.81 -12.23
C GLN A 588 -17.31 27.71 -11.72
N ARG A 589 -17.03 26.79 -10.79
CA ARG A 589 -15.64 26.48 -10.49
C ARG A 589 -15.01 25.62 -11.58
N PHE A 590 -15.77 24.66 -12.11
CA PHE A 590 -15.21 23.82 -13.17
C PHE A 590 -15.03 24.59 -14.48
N GLU A 591 -15.94 25.51 -14.77
CA GLU A 591 -15.87 26.27 -16.01
C GLU A 591 -14.66 27.21 -16.06
N GLU A 592 -14.07 27.52 -14.90
CA GLU A 592 -12.90 28.39 -14.87
C GLU A 592 -11.69 27.72 -15.50
N LYS A 593 -11.58 26.40 -15.36
CA LYS A 593 -10.41 25.68 -15.84
C LYS A 593 -10.76 24.70 -16.94
N LEU A 594 -12.01 24.70 -17.40
CA LEU A 594 -12.42 23.85 -18.52
C LEU A 594 -11.59 24.09 -19.78
N GLN A 595 -11.24 25.35 -20.06
CA GLN A 595 -10.50 25.64 -21.29
C GLN A 595 -9.06 25.18 -21.18
N GLU A 596 -8.46 25.33 -20.00
CA GLU A 596 -7.11 24.83 -19.77
C GLU A 596 -7.07 23.31 -19.86
N LEU A 597 -8.11 22.66 -19.33
CA LEU A 597 -8.20 21.20 -19.40
C LEU A 597 -8.44 20.73 -20.84
N GLU A 598 -9.24 21.48 -21.60
CA GLU A 598 -9.52 21.07 -22.97
C GLU A 598 -8.32 21.29 -23.88
N SER A 599 -7.52 22.33 -23.61
CA SER A 599 -6.32 22.52 -24.39
C SER A 599 -5.26 21.51 -24.03
N VAL A 600 -5.14 21.15 -22.74
CA VAL A 600 -4.13 20.17 -22.36
C VAL A 600 -4.56 18.75 -22.67
N SER A 601 -5.84 18.52 -22.93
CA SER A 601 -6.27 17.19 -23.34
C SER A 601 -6.00 16.91 -24.81
N ARG A 602 -5.90 17.96 -25.62
CA ARG A 602 -5.74 17.82 -27.06
C ARG A 602 -4.28 17.83 -27.49
N ASP A 603 -3.37 17.42 -26.62
CA ASP A 603 -1.99 17.46 -27.09
C ASP A 603 -1.65 16.17 -27.84
N PRO A 604 -0.96 16.27 -28.97
CA PRO A 604 -0.52 15.08 -29.68
C PRO A 604 0.64 14.35 -29.02
N SER A 605 1.22 14.89 -27.94
CA SER A 605 2.36 14.29 -27.29
C SER A 605 2.00 13.59 -25.98
N ASN A 606 0.76 13.68 -25.53
CA ASN A 606 0.37 13.21 -24.20
C ASN A 606 -0.57 12.01 -24.25
N GLU A 607 -0.34 11.10 -25.17
CA GLU A 607 -1.03 9.82 -25.14
C GLU A 607 -0.54 8.99 -23.97
N ASN A 608 -1.38 8.06 -23.55
CA ASN A 608 -0.91 7.01 -22.67
C ASN A 608 0.06 6.12 -23.43
N PRO A 609 1.26 5.85 -22.89
CA PRO A 609 2.17 4.93 -23.59
C PRO A 609 1.67 3.50 -23.65
N LYS A 610 0.78 3.12 -22.72
CA LYS A 610 0.09 1.84 -22.81
C LYS A 610 -0.78 1.77 -24.07
N LEU A 611 -1.53 2.83 -24.35
CA LEU A 611 -2.26 2.90 -25.61
C LEU A 611 -1.31 3.05 -26.79
N GLU A 612 -0.17 3.70 -26.57
CA GLU A 612 0.77 3.94 -27.66
C GLU A 612 1.41 2.66 -28.15
N ASP A 613 1.62 1.67 -27.28
CA ASP A 613 2.06 0.39 -27.85
C ASP A 613 0.93 -0.61 -28.02
N LEU A 614 -0.27 -0.32 -27.50
CA LEU A 614 -1.42 -1.11 -27.91
C LEU A 614 -1.71 -0.90 -29.39
N CYS A 615 -1.63 0.34 -29.87
CA CYS A 615 -1.80 0.58 -31.30
C CYS A 615 -0.66 -0.01 -32.11
N PHE A 616 0.54 -0.08 -31.52
CA PHE A 616 1.67 -0.70 -32.20
C PHE A 616 1.46 -2.21 -32.35
N ILE A 617 1.06 -2.89 -31.28
CA ILE A 617 0.87 -4.34 -31.37
C ILE A 617 -0.42 -4.71 -32.07
N LEU A 618 -1.33 -3.77 -32.25
CA LEU A 618 -2.46 -4.02 -33.13
C LEU A 618 -2.13 -3.76 -34.59
N GLN A 619 -1.16 -2.89 -34.87
CA GLN A 619 -0.77 -2.66 -36.25
C GLN A 619 0.41 -3.52 -36.69
N GLU A 620 0.96 -4.33 -35.80
CA GLU A 620 1.96 -5.30 -36.25
C GLU A 620 1.32 -6.56 -36.82
N GLU A 621 0.52 -7.25 -36.02
CA GLU A 621 0.03 -8.55 -36.44
C GLU A 621 -1.05 -8.46 -37.51
N TYR A 622 -1.75 -7.34 -37.57
CA TYR A 622 -2.67 -7.14 -38.69
C TYR A 622 -1.91 -6.88 -39.97
N HIS A 623 -0.78 -6.16 -39.90
CA HIS A 623 0.02 -5.92 -41.10
C HIS A 623 0.71 -7.19 -41.56
N LEU A 624 1.13 -8.03 -40.61
CA LEU A 624 1.67 -9.34 -40.94
C LEU A 624 0.63 -10.19 -41.64
N ASN A 625 -0.58 -10.21 -41.13
CA ASN A 625 -1.61 -11.06 -41.67
C ASN A 625 -2.95 -10.38 -41.49
N PRO A 626 -3.56 -9.85 -42.56
CA PRO A 626 -4.78 -9.06 -42.42
C PRO A 626 -6.06 -9.86 -42.22
N GLU A 627 -5.97 -11.16 -41.95
CA GLU A 627 -7.14 -11.99 -41.70
C GLU A 627 -7.14 -12.52 -40.28
N THR A 628 -6.77 -11.69 -39.31
CA THR A 628 -6.63 -12.11 -37.93
C THR A 628 -7.67 -11.40 -37.08
N ILE A 629 -8.49 -12.18 -36.38
CA ILE A 629 -9.59 -11.64 -35.57
C ILE A 629 -9.13 -11.60 -34.12
N THR A 630 -9.33 -10.47 -33.46
CA THR A 630 -8.88 -10.30 -32.09
C THR A 630 -10.03 -9.95 -31.16
N ILE A 631 -9.74 -10.02 -29.88
CA ILE A 631 -10.68 -9.69 -28.82
C ILE A 631 -9.89 -9.01 -27.71
N LEU A 632 -10.47 -7.98 -27.10
CA LEU A 632 -9.75 -7.07 -26.22
C LEU A 632 -10.47 -7.02 -24.88
N PHE A 633 -9.96 -7.75 -23.89
CA PHE A 633 -10.62 -7.83 -22.60
C PHE A 633 -10.29 -6.60 -21.77
N VAL A 634 -11.30 -5.83 -21.39
CA VAL A 634 -11.12 -4.62 -20.60
C VAL A 634 -11.85 -4.82 -19.28
N LYS A 635 -11.33 -4.22 -18.21
CA LYS A 635 -11.83 -4.53 -16.88
C LYS A 635 -13.17 -3.88 -16.58
N THR A 636 -13.29 -2.58 -16.82
CA THR A 636 -14.46 -1.82 -16.38
C THR A 636 -15.38 -1.55 -17.57
N ARG A 637 -16.68 -1.35 -17.28
CA ARG A 637 -17.61 -0.93 -18.32
C ARG A 637 -17.31 0.48 -18.83
N ALA A 638 -16.69 1.32 -18.00
CA ALA A 638 -16.41 2.68 -18.42
C ALA A 638 -15.25 2.75 -19.40
N LEU A 639 -14.37 1.77 -19.39
CA LEU A 639 -13.26 1.72 -20.33
C LEU A 639 -13.53 0.78 -21.49
N VAL A 640 -14.70 0.15 -21.56
CA VAL A 640 -14.98 -0.70 -22.70
C VAL A 640 -15.53 0.10 -23.86
N ASP A 641 -16.04 1.31 -23.61
CA ASP A 641 -16.48 2.20 -24.67
C ASP A 641 -15.58 3.41 -24.85
N ALA A 642 -14.62 3.62 -23.96
CA ALA A 642 -13.54 4.55 -24.24
C ALA A 642 -12.72 4.06 -25.42
N LEU A 643 -12.32 2.80 -25.38
CA LEU A 643 -11.51 2.22 -26.44
C LEU A 643 -12.33 1.93 -27.69
N LYS A 644 -13.66 1.85 -27.56
CA LYS A 644 -14.51 1.84 -28.73
C LYS A 644 -14.47 3.19 -29.42
N ASN A 645 -14.45 4.27 -28.65
CA ASN A 645 -14.31 5.59 -29.23
C ASN A 645 -12.91 5.83 -29.77
N TRP A 646 -11.90 5.17 -29.20
CA TRP A 646 -10.52 5.50 -29.51
C TRP A 646 -10.13 5.04 -30.91
N ILE A 647 -10.56 3.84 -31.30
CA ILE A 647 -10.31 3.39 -32.66
C ILE A 647 -11.17 4.15 -33.65
N GLU A 648 -12.31 4.69 -33.21
CA GLU A 648 -13.11 5.58 -34.04
C GLU A 648 -12.41 6.93 -34.10
N GLY A 649 -11.45 7.05 -35.01
CA GLY A 649 -10.70 8.28 -35.11
C GLY A 649 -9.20 8.11 -34.99
N ASN A 650 -8.73 6.93 -35.24
CA ASN A 650 -7.30 6.75 -35.26
C ASN A 650 -6.82 6.64 -36.69
N PRO A 651 -5.78 7.36 -37.08
CA PRO A 651 -5.30 7.29 -38.47
C PRO A 651 -4.55 6.00 -38.76
N LYS A 652 -3.95 5.40 -37.74
CA LYS A 652 -3.23 4.16 -37.92
C LYS A 652 -4.10 2.93 -37.79
N LEU A 653 -5.34 3.07 -37.33
CA LEU A 653 -6.20 1.93 -37.03
C LEU A 653 -7.52 2.06 -37.76
N SER A 654 -7.44 2.38 -39.06
CA SER A 654 -8.65 2.51 -39.86
C SER A 654 -9.24 1.17 -40.26
N PHE A 655 -8.46 0.09 -40.21
CA PHE A 655 -8.94 -1.21 -40.68
C PHE A 655 -9.62 -2.03 -39.61
N LEU A 656 -9.88 -1.46 -38.44
CA LEU A 656 -10.62 -2.16 -37.40
C LEU A 656 -12.08 -1.69 -37.38
N LYS A 657 -12.96 -2.58 -36.91
CA LYS A 657 -14.34 -2.24 -36.63
C LYS A 657 -14.64 -2.71 -35.22
N PRO A 658 -15.00 -1.82 -34.29
CA PRO A 658 -15.21 -2.24 -32.91
C PRO A 658 -16.49 -3.04 -32.75
N GLY A 659 -16.39 -4.10 -31.96
CA GLY A 659 -17.41 -5.13 -31.86
C GLY A 659 -17.89 -5.39 -30.45
N ILE A 660 -18.19 -4.33 -29.68
CA ILE A 660 -18.56 -4.42 -28.27
C ILE A 660 -19.76 -5.34 -28.03
N LEU A 661 -19.52 -6.38 -27.25
CA LEU A 661 -20.48 -7.41 -26.87
C LEU A 661 -20.42 -7.67 -25.37
N THR A 662 -20.50 -6.59 -24.59
CA THR A 662 -20.45 -6.61 -23.13
C THR A 662 -21.46 -7.54 -22.48
N ASP A 690 -18.70 -9.17 -39.59
CA ASP A 690 -18.30 -7.80 -39.90
C ASP A 690 -17.70 -7.12 -38.68
N HIS A 691 -16.78 -7.83 -38.01
CA HIS A 691 -16.14 -7.30 -36.80
C HIS A 691 -14.74 -7.86 -36.72
N ASN A 692 -13.73 -7.01 -36.88
CA ASN A 692 -12.35 -7.46 -36.72
C ASN A 692 -11.98 -7.63 -35.26
N ILE A 693 -12.44 -6.72 -34.41
CA ILE A 693 -12.07 -6.71 -33.01
C ILE A 693 -13.35 -6.74 -32.20
N LEU A 694 -13.26 -7.26 -30.98
CA LEU A 694 -14.42 -7.40 -30.10
C LEU A 694 -14.00 -6.88 -28.74
N ILE A 695 -14.47 -5.68 -28.38
CA ILE A 695 -14.05 -5.01 -27.16
C ILE A 695 -15.06 -5.40 -26.08
N ALA A 696 -14.73 -6.44 -25.32
CA ALA A 696 -15.65 -7.01 -24.35
C ALA A 696 -15.09 -6.88 -22.94
N THR A 697 -15.96 -7.10 -21.96
CA THR A 697 -15.60 -7.03 -20.54
C THR A 697 -15.40 -8.41 -19.94
N SER A 698 -16.36 -9.31 -20.15
CA SER A 698 -16.21 -10.69 -19.70
C SER A 698 -16.98 -11.57 -20.68
N VAL A 699 -16.30 -12.54 -21.26
CA VAL A 699 -16.91 -13.46 -22.21
C VAL A 699 -17.96 -14.33 -21.54
N ILE A 706 -15.39 -16.28 -30.06
CA ILE A 706 -15.73 -17.42 -29.22
C ILE A 706 -15.11 -18.66 -29.86
N ALA A 707 -13.79 -18.81 -29.62
CA ALA A 707 -12.92 -19.80 -30.25
C ALA A 707 -12.89 -19.68 -31.78
N GLN A 708 -13.06 -18.45 -32.29
CA GLN A 708 -12.74 -18.13 -33.66
C GLN A 708 -11.61 -17.13 -33.79
N CYS A 709 -11.23 -16.48 -32.70
CA CYS A 709 -10.29 -15.37 -32.72
C CYS A 709 -8.92 -15.84 -32.26
N ASN A 710 -7.94 -15.80 -33.16
CA ASN A 710 -6.57 -16.15 -32.80
C ASN A 710 -5.74 -14.93 -32.43
N LEU A 711 -6.29 -14.09 -31.54
CA LEU A 711 -5.52 -13.06 -30.83
C LEU A 711 -6.36 -12.62 -29.65
N VAL A 712 -5.82 -12.75 -28.44
CA VAL A 712 -6.50 -12.29 -27.24
C VAL A 712 -5.58 -11.32 -26.54
N ILE A 713 -6.06 -10.10 -26.30
CA ILE A 713 -5.27 -9.07 -25.66
C ILE A 713 -5.95 -8.68 -24.36
N LEU A 714 -5.27 -8.89 -23.25
CA LEU A 714 -5.82 -8.62 -21.92
C LEU A 714 -5.32 -7.25 -21.49
N TYR A 715 -6.13 -6.23 -21.74
CA TYR A 715 -5.77 -4.86 -21.38
C TYR A 715 -5.96 -4.69 -19.90
N GLU A 716 -4.90 -5.02 -19.14
CA GLU A 716 -4.84 -4.87 -17.67
C GLU A 716 -5.94 -5.66 -16.99
N TYR A 717 -6.03 -6.95 -17.33
CA TYR A 717 -7.08 -7.83 -16.86
C TYR A 717 -6.41 -9.05 -16.25
N VAL A 718 -6.68 -9.33 -14.98
CA VAL A 718 -5.99 -10.41 -14.30
C VAL A 718 -6.56 -11.76 -14.72
N ILE A 722 -9.14 -18.06 -11.84
CA ILE A 722 -9.11 -18.92 -13.01
C ILE A 722 -8.94 -18.06 -14.26
N LYS A 723 -7.99 -18.48 -15.10
CA LYS A 723 -7.63 -17.80 -16.34
C LYS A 723 -8.84 -17.70 -17.28
N MET A 724 -8.79 -16.75 -18.20
CA MET A 724 -9.86 -16.59 -19.18
C MET A 724 -9.80 -17.73 -20.18
N ILE A 725 -10.57 -18.78 -19.91
CA ILE A 725 -10.48 -20.04 -20.64
C ILE A 725 -11.40 -19.92 -21.85
N GLN A 726 -10.80 -19.74 -23.02
CA GLN A 726 -11.52 -19.66 -24.29
C GLN A 726 -11.50 -21.00 -25.02
N THR A 727 -12.10 -22.02 -24.41
CA THR A 727 -12.23 -23.34 -25.03
C THR A 727 -13.72 -23.65 -25.13
N ARG A 728 -14.36 -23.22 -26.23
CA ARG A 728 -15.82 -23.26 -26.21
C ARG A 728 -16.46 -23.99 -27.39
N GLY A 729 -15.85 -23.97 -28.58
CA GLY A 729 -16.51 -24.43 -29.78
C GLY A 729 -16.15 -25.86 -30.16
N ARG A 730 -16.81 -26.33 -31.22
CA ARG A 730 -16.48 -27.61 -31.84
C ARG A 730 -15.48 -27.44 -32.97
N GLY A 731 -14.36 -26.77 -32.66
CA GLY A 731 -13.44 -26.32 -33.68
C GLY A 731 -12.05 -26.91 -33.57
N ARG A 732 -11.02 -26.07 -33.64
CA ARG A 732 -9.62 -26.50 -33.61
C ARG A 732 -8.84 -25.55 -32.71
N ALA A 733 -7.52 -25.63 -32.76
CA ALA A 733 -6.65 -24.81 -31.91
C ALA A 733 -5.82 -23.81 -32.71
N ARG A 734 -4.99 -24.29 -33.65
CA ARG A 734 -4.39 -23.60 -34.79
C ARG A 734 -3.50 -22.40 -34.45
N GLY A 735 -3.28 -22.10 -33.17
CA GLY A 735 -2.31 -21.09 -32.78
C GLY A 735 -2.83 -19.68 -32.56
N SER A 736 -2.75 -19.21 -31.32
CA SER A 736 -3.23 -17.89 -30.93
C SER A 736 -2.20 -17.22 -30.03
N LYS A 737 -2.40 -15.93 -29.76
CA LYS A 737 -1.48 -15.16 -28.93
C LYS A 737 -2.26 -14.47 -27.81
N CYS A 738 -1.63 -14.37 -26.64
CA CYS A 738 -2.33 -13.99 -25.41
C CYS A 738 -1.58 -12.83 -24.74
N PHE A 739 -1.38 -11.76 -25.51
CA PHE A 739 -0.65 -10.57 -25.05
C PHE A 739 -1.30 -9.95 -23.82
N LEU A 740 -0.47 -9.56 -22.86
CA LEU A 740 -0.93 -8.99 -21.60
C LEU A 740 -0.20 -7.68 -21.35
N LEU A 741 -0.93 -6.57 -21.38
CA LEU A 741 -0.39 -5.25 -21.10
C LEU A 741 -0.78 -4.81 -19.70
N THR A 742 0.12 -4.08 -19.06
CA THR A 742 -0.11 -3.64 -17.68
C THR A 742 0.74 -2.42 -17.40
N SER A 743 0.59 -1.89 -16.19
CA SER A 743 1.40 -0.78 -15.73
C SER A 743 2.04 -1.04 -14.37
N ASN A 744 1.74 -2.16 -13.73
CA ASN A 744 2.31 -2.50 -12.44
C ASN A 744 2.58 -3.99 -12.44
N ALA A 745 3.72 -4.39 -11.88
CA ALA A 745 4.18 -5.75 -12.04
C ALA A 745 3.41 -6.75 -11.20
N GLY A 746 2.48 -6.30 -10.36
CA GLY A 746 1.60 -7.23 -9.66
C GLY A 746 0.72 -8.01 -10.63
N VAL A 747 0.28 -7.37 -11.70
CA VAL A 747 -0.49 -8.01 -12.76
C VAL A 747 0.35 -9.09 -13.44
N ILE A 748 1.64 -8.83 -13.61
CA ILE A 748 2.50 -9.81 -14.26
C ILE A 748 2.76 -11.00 -13.34
N GLU A 749 3.10 -10.73 -12.08
CA GLU A 749 3.42 -11.83 -11.18
C GLU A 749 2.20 -12.67 -10.81
N LYS A 750 1.00 -12.09 -10.85
CA LYS A 750 -0.19 -12.90 -10.61
C LYS A 750 -0.38 -13.97 -11.69
N GLU A 751 -0.14 -13.61 -12.96
CA GLU A 751 -0.20 -14.63 -14.00
C GLU A 751 0.99 -15.58 -13.95
N GLN A 752 2.16 -15.06 -13.54
CA GLN A 752 3.35 -15.89 -13.43
C GLN A 752 3.19 -16.99 -12.39
N ILE A 753 2.38 -16.75 -11.36
CA ILE A 753 2.09 -17.80 -10.39
C ILE A 753 0.77 -18.52 -10.66
N ASN A 754 -0.12 -17.94 -11.47
CA ASN A 754 -1.28 -18.66 -11.95
C ASN A 754 -0.85 -19.84 -12.82
N MET A 755 0.20 -19.64 -13.61
CA MET A 755 0.75 -20.74 -14.41
C MET A 755 1.28 -21.87 -13.53
N TYR A 756 1.87 -21.54 -12.39
CA TYR A 756 2.38 -22.61 -11.54
C TYR A 756 1.27 -23.29 -10.74
N LYS A 757 0.21 -22.57 -10.38
CA LYS A 757 -0.93 -23.25 -9.76
C LYS A 757 -1.61 -24.19 -10.73
N GLU A 758 -1.67 -23.80 -12.01
CA GLU A 758 -2.13 -24.75 -13.04
C GLU A 758 -1.15 -25.89 -13.24
N LYS A 759 0.15 -25.65 -13.00
CA LYS A 759 1.11 -26.74 -13.10
C LYS A 759 0.93 -27.75 -11.97
N MET A 760 0.53 -27.30 -10.79
CA MET A 760 0.35 -28.25 -9.68
C MET A 760 -1.04 -28.85 -9.62
N MET A 761 -2.02 -28.26 -10.30
CA MET A 761 -3.36 -28.85 -10.35
C MET A 761 -3.36 -30.20 -11.06
N ASN A 762 -2.65 -30.30 -12.19
CA ASN A 762 -2.56 -31.56 -12.92
C ASN A 762 -1.86 -32.63 -12.10
N ASP A 763 -0.84 -32.24 -11.34
CA ASP A 763 -0.13 -33.20 -10.52
C ASP A 763 -0.96 -33.65 -9.32
N SER A 764 -1.79 -32.75 -8.78
CA SER A 764 -2.66 -33.16 -7.69
C SER A 764 -3.74 -34.12 -8.18
N ILE A 765 -4.28 -33.86 -9.38
CA ILE A 765 -5.23 -34.79 -10.00
C ILE A 765 -4.60 -36.16 -10.20
N LEU A 766 -3.36 -36.18 -10.69
CA LEU A 766 -2.69 -37.44 -10.98
C LEU A 766 -2.30 -38.18 -9.71
N ARG A 767 -2.00 -37.46 -8.62
CA ARG A 767 -1.73 -38.15 -7.37
C ARG A 767 -3.01 -38.70 -6.75
N LEU A 768 -4.12 -37.97 -6.88
CA LEU A 768 -5.39 -38.44 -6.34
C LEU A 768 -5.94 -39.61 -7.15
N GLN A 769 -5.58 -39.73 -8.42
CA GLN A 769 -6.06 -40.85 -9.23
C GLN A 769 -5.44 -42.18 -8.83
N THR A 770 -4.37 -42.18 -8.04
CA THR A 770 -3.66 -43.41 -7.69
C THR A 770 -3.94 -43.86 -6.26
N TRP A 771 -5.13 -43.56 -5.73
CA TRP A 771 -5.55 -44.09 -4.45
C TRP A 771 -6.51 -45.25 -4.68
N ASP A 772 -6.90 -45.89 -3.59
CA ASP A 772 -7.83 -47.01 -3.63
C ASP A 772 -9.24 -46.50 -3.35
N GLU A 773 -10.22 -47.05 -4.07
CA GLU A 773 -11.58 -46.57 -3.96
C GLU A 773 -12.24 -46.99 -2.66
N ALA A 774 -11.67 -47.94 -1.93
CA ALA A 774 -12.19 -48.27 -0.62
C ALA A 774 -11.74 -47.26 0.43
N VAL A 775 -10.58 -46.65 0.25
CA VAL A 775 -10.10 -45.67 1.21
C VAL A 775 -10.52 -44.25 0.84
N PHE A 776 -10.82 -44.00 -0.44
CA PHE A 776 -11.18 -42.64 -0.84
C PHE A 776 -12.59 -42.28 -0.39
N ARG A 777 -13.52 -43.22 -0.50
CA ARG A 777 -14.89 -42.99 -0.05
C ARG A 777 -14.98 -42.93 1.47
N GLU A 778 -13.96 -43.41 2.18
CA GLU A 778 -13.86 -43.21 3.61
C GLU A 778 -13.17 -41.90 3.94
N LYS A 779 -12.24 -41.46 3.08
CA LYS A 779 -11.54 -40.20 3.31
C LYS A 779 -12.49 -39.01 3.14
N ILE A 780 -13.36 -39.07 2.14
CA ILE A 780 -14.29 -37.95 1.97
C ILE A 780 -15.39 -37.98 3.01
N LEU A 781 -15.61 -39.11 3.68
CA LEU A 781 -16.67 -39.17 4.68
C LEU A 781 -16.31 -38.36 5.91
N HIS A 782 -15.00 -38.29 6.24
CA HIS A 782 -14.53 -37.43 7.33
C HIS A 782 -14.87 -35.97 7.05
N ILE A 783 -14.60 -35.52 5.84
CA ILE A 783 -14.83 -34.12 5.48
C ILE A 783 -16.31 -33.82 5.42
N GLN A 784 -17.10 -34.78 4.91
CA GLN A 784 -18.55 -34.57 4.83
C GLN A 784 -19.18 -34.49 6.21
N THR A 785 -18.78 -35.39 7.13
CA THR A 785 -19.35 -35.37 8.47
C THR A 785 -18.89 -34.16 9.27
N HIS A 786 -17.62 -33.80 9.15
CA HIS A 786 -17.08 -32.63 9.85
C HIS A 786 -17.73 -31.35 9.35
N GLU A 787 -17.92 -31.23 8.03
CA GLU A 787 -18.57 -30.05 7.50
C GLU A 787 -20.05 -30.03 7.82
N LYS A 788 -20.69 -31.20 7.93
CA LYS A 788 -22.08 -31.25 8.36
C LYS A 788 -22.23 -30.76 9.79
N PHE A 789 -21.30 -31.13 10.66
CA PHE A 789 -21.37 -30.65 12.04
C PHE A 789 -21.07 -29.16 12.14
N ILE A 790 -20.14 -28.66 11.33
CA ILE A 790 -19.84 -27.23 11.32
C ILE A 790 -21.02 -26.43 10.79
N ARG A 791 -21.68 -26.95 9.76
CA ARG A 791 -22.84 -26.28 9.19
C ARG A 791 -24.02 -26.34 10.15
N ASP A 792 -24.16 -27.42 10.90
CA ASP A 792 -25.31 -27.57 11.77
C ASP A 792 -25.15 -26.83 13.08
N SER A 793 -23.93 -26.58 13.54
CA SER A 793 -23.77 -25.78 14.75
C SER A 793 -24.08 -24.31 14.49
N GLN A 794 -23.95 -23.84 13.26
CA GLN A 794 -24.29 -22.46 12.90
C GLN A 794 -25.73 -22.35 12.40
N GLU A 795 -26.67 -22.85 13.18
CA GLU A 795 -28.09 -22.72 12.89
C GLU A 795 -28.77 -21.94 14.00
N LYS A 796 -28.08 -20.89 14.44
CA LYS A 796 -28.56 -20.03 15.51
C LYS A 796 -29.83 -19.31 15.07
N PRO A 797 -30.85 -19.24 15.93
CA PRO A 797 -32.14 -18.65 15.51
C PRO A 797 -32.09 -17.14 15.41
N LYS A 798 -33.24 -16.52 15.14
CA LYS A 798 -33.29 -15.10 14.91
C LYS A 798 -33.00 -14.32 16.21
N PRO A 799 -32.41 -13.14 16.09
CA PRO A 799 -32.33 -12.24 17.25
C PRO A 799 -33.71 -11.72 17.61
N VAL A 800 -33.79 -11.15 18.81
CA VAL A 800 -35.06 -10.64 19.34
C VAL A 800 -35.45 -9.39 18.57
N PRO A 801 -36.63 -9.36 17.95
CA PRO A 801 -37.05 -8.19 17.18
C PRO A 801 -37.38 -7.03 18.10
N ASP A 802 -36.64 -5.93 17.94
CA ASP A 802 -36.84 -4.75 18.77
C ASP A 802 -38.14 -4.05 18.37
N LYS A 803 -39.06 -3.93 19.32
CA LYS A 803 -40.45 -3.67 18.99
C LYS A 803 -40.71 -2.24 18.55
N GLU A 804 -39.95 -1.26 19.06
CA GLU A 804 -40.39 0.13 19.04
C GLU A 804 -40.32 0.74 17.64
N ASN A 805 -41.33 1.55 17.34
CA ASN A 805 -41.51 2.11 16.00
C ASN A 805 -40.46 3.19 15.74
N LYS A 806 -39.55 2.89 14.83
CA LYS A 806 -38.55 3.83 14.35
C LYS A 806 -39.05 4.43 13.03
N LYS A 807 -38.36 5.44 12.53
CA LYS A 807 -38.78 6.05 11.28
C LYS A 807 -37.59 6.26 10.36
N LEU A 808 -37.88 6.34 9.07
CA LEU A 808 -36.87 6.38 8.03
C LEU A 808 -36.80 7.77 7.41
N LEU A 809 -35.60 8.30 7.27
CA LEU A 809 -35.37 9.57 6.59
C LEU A 809 -34.54 9.32 5.33
N CYS A 810 -34.60 10.28 4.41
CA CYS A 810 -33.79 10.19 3.22
C CYS A 810 -32.33 10.47 3.56
N ARG A 811 -31.44 10.07 2.66
CA ARG A 811 -30.02 10.25 2.90
C ARG A 811 -29.46 11.54 2.32
N LYS A 812 -30.28 12.35 1.69
CA LYS A 812 -29.81 13.61 1.15
C LYS A 812 -30.56 14.81 1.73
N CYS A 813 -31.87 14.71 1.88
CA CYS A 813 -32.66 15.79 2.45
C CYS A 813 -32.93 15.57 3.93
N LYS A 814 -32.95 14.32 4.36
CA LYS A 814 -33.34 13.89 5.71
C LYS A 814 -34.75 14.35 6.07
N ALA A 815 -35.64 14.36 5.07
CA ALA A 815 -37.05 14.55 5.31
C ALA A 815 -37.71 13.25 5.72
N LEU A 816 -38.88 13.37 6.34
CA LEU A 816 -39.59 12.19 6.83
C LEU A 816 -40.17 11.41 5.65
N ALA A 817 -39.76 10.15 5.53
CA ALA A 817 -40.29 9.28 4.49
C ALA A 817 -41.47 8.48 5.01
N CYS A 818 -41.26 7.68 6.05
CA CYS A 818 -42.31 6.91 6.68
C CYS A 818 -41.85 6.49 8.06
N TYR A 819 -42.74 5.84 8.79
CA TYR A 819 -42.40 5.14 10.02
C TYR A 819 -42.25 3.67 9.71
N THR A 820 -41.61 2.93 10.62
CA THR A 820 -41.40 1.51 10.41
C THR A 820 -42.58 0.66 10.85
N ALA A 821 -43.76 1.26 10.99
CA ALA A 821 -44.97 0.48 11.16
C ALA A 821 -45.77 0.37 9.87
N ASP A 822 -45.37 1.08 8.82
CA ASP A 822 -46.02 0.98 7.52
C ASP A 822 -45.25 0.07 6.58
N VAL A 823 -44.25 -0.64 7.07
CA VAL A 823 -43.40 -1.47 6.24
C VAL A 823 -43.97 -2.88 6.21
N ARG A 824 -44.27 -3.37 5.01
CA ARG A 824 -44.76 -4.72 4.82
C ARG A 824 -43.75 -5.50 3.98
N VAL A 825 -43.76 -6.81 4.15
CA VAL A 825 -42.77 -7.69 3.53
C VAL A 825 -43.49 -8.56 2.51
N ILE A 826 -42.94 -8.64 1.31
CA ILE A 826 -43.67 -9.29 0.22
C ILE A 826 -43.48 -10.80 0.26
N GLU A 827 -42.24 -11.27 0.09
CA GLU A 827 -41.96 -12.70 0.03
C GLU A 827 -40.76 -13.05 0.89
N GLU A 828 -40.68 -12.43 2.06
CA GLU A 828 -39.57 -12.51 3.02
C GLU A 828 -38.24 -12.02 2.46
N CYS A 829 -38.25 -11.31 1.33
CA CYS A 829 -37.06 -10.70 0.75
C CYS A 829 -37.24 -9.22 0.42
N HIS A 830 -38.43 -8.82 -0.02
CA HIS A 830 -38.67 -7.49 -0.55
C HIS A 830 -39.54 -6.71 0.42
N TYR A 831 -39.48 -5.38 0.33
CA TYR A 831 -40.11 -4.53 1.32
C TYR A 831 -40.88 -3.41 0.64
N THR A 832 -42.06 -3.11 1.15
CA THR A 832 -42.88 -2.01 0.64
C THR A 832 -43.39 -1.16 1.79
N VAL A 833 -43.93 0.00 1.45
CA VAL A 833 -44.50 0.93 2.40
C VAL A 833 -45.97 1.14 2.07
N LEU A 834 -46.84 0.91 3.04
CA LEU A 834 -48.27 0.84 2.79
C LEU A 834 -49.02 2.14 3.04
N GLY A 835 -48.38 3.12 3.68
CA GLY A 835 -49.10 4.31 4.09
C GLY A 835 -49.51 5.21 2.94
N ASP A 836 -50.47 6.09 3.23
CA ASP A 836 -50.98 7.05 2.26
C ASP A 836 -50.23 8.37 2.27
N ALA A 837 -49.63 8.74 3.41
CA ALA A 837 -48.79 9.92 3.44
C ALA A 837 -47.46 9.71 2.73
N PHE A 838 -47.07 8.45 2.52
CA PHE A 838 -45.91 8.16 1.69
C PHE A 838 -46.18 8.45 0.22
N LYS A 839 -47.45 8.49 -0.19
CA LYS A 839 -47.79 8.61 -1.60
C LYS A 839 -47.43 9.98 -2.19
N GLU A 840 -47.21 10.99 -1.34
CA GLU A 840 -46.84 12.32 -1.81
C GLU A 840 -45.37 12.63 -1.60
N CYS A 841 -44.58 11.67 -1.13
CA CYS A 841 -43.18 11.92 -0.85
C CYS A 841 -42.24 11.41 -1.92
N PHE A 842 -42.74 10.72 -2.94
CA PHE A 842 -41.90 10.29 -4.05
C PHE A 842 -42.52 10.69 -5.37
N VAL A 843 -41.69 10.74 -6.40
CA VAL A 843 -42.12 11.02 -7.76
C VAL A 843 -41.58 9.93 -8.68
N SER A 844 -42.44 9.37 -9.51
CA SER A 844 -42.03 8.25 -10.34
C SER A 844 -41.26 8.73 -11.55
N ARG A 845 -40.62 7.79 -12.22
CA ARG A 845 -39.86 8.00 -13.44
C ARG A 845 -39.71 6.65 -14.11
N PRO A 846 -39.94 6.53 -15.42
CA PRO A 846 -39.98 5.21 -16.05
C PRO A 846 -38.61 4.56 -16.11
N HIS A 847 -38.61 3.23 -15.94
CA HIS A 847 -37.40 2.46 -15.74
C HIS A 847 -36.66 2.28 -17.07
N PRO A 848 -35.32 2.36 -17.06
CA PRO A 848 -34.57 2.25 -18.32
C PRO A 848 -34.51 0.85 -18.89
N LYS A 849 -34.72 -0.20 -18.08
CA LYS A 849 -34.61 -1.57 -18.55
C LYS A 849 -35.60 -2.45 -17.81
N PRO A 850 -36.86 -2.43 -18.21
CA PRO A 850 -37.89 -3.18 -17.46
C PRO A 850 -37.81 -4.67 -17.75
N LYS A 851 -37.87 -5.47 -16.69
CA LYS A 851 -37.88 -6.92 -16.83
C LYS A 851 -38.80 -7.51 -15.78
N GLN A 852 -38.74 -8.82 -15.62
CA GLN A 852 -39.68 -9.57 -14.78
C GLN A 852 -38.87 -10.57 -13.97
N PHE A 853 -38.82 -10.38 -12.65
CA PHE A 853 -38.23 -11.36 -11.78
C PHE A 853 -39.27 -11.92 -10.81
N SER A 854 -39.57 -13.20 -10.98
CA SER A 854 -40.09 -14.13 -9.99
C SER A 854 -41.50 -13.89 -9.46
N SER A 855 -42.00 -12.65 -9.46
CA SER A 855 -43.45 -12.41 -9.41
C SER A 855 -43.76 -11.03 -9.98
N PHE A 856 -42.80 -10.40 -10.64
CA PHE A 856 -42.77 -8.95 -10.64
C PHE A 856 -42.64 -8.42 -12.06
N GLU A 857 -42.69 -7.10 -12.18
CA GLU A 857 -42.44 -6.42 -13.46
C GLU A 857 -42.04 -4.99 -13.12
N LYS A 858 -40.77 -4.65 -13.34
CA LYS A 858 -40.27 -3.31 -13.06
C LYS A 858 -40.97 -2.26 -13.91
N ARG A 859 -41.77 -1.40 -13.27
CA ARG A 859 -42.47 -0.34 -13.99
C ARG A 859 -41.75 0.99 -13.92
N ALA A 860 -41.47 1.49 -12.72
CA ALA A 860 -40.88 2.80 -12.58
C ALA A 860 -39.72 2.73 -11.59
N LYS A 861 -38.99 3.84 -11.47
CA LYS A 861 -37.85 3.95 -10.57
C LYS A 861 -37.97 5.27 -9.82
N ILE A 862 -38.32 5.19 -8.55
CA ILE A 862 -38.82 6.35 -7.84
C ILE A 862 -37.68 7.27 -7.40
N PHE A 863 -38.04 8.50 -7.07
CA PHE A 863 -37.10 9.51 -6.58
C PHE A 863 -37.79 10.37 -5.55
N CYS A 864 -36.99 11.08 -4.75
CA CYS A 864 -37.53 11.87 -3.66
C CYS A 864 -38.21 13.12 -4.16
N ALA A 865 -39.40 13.40 -3.62
CA ALA A 865 -40.21 14.54 -4.08
C ALA A 865 -39.94 15.79 -3.25
N ARG A 866 -38.67 16.17 -3.19
CA ARG A 866 -38.30 17.47 -2.68
C ARG A 866 -37.97 18.37 -3.87
N GLN A 867 -37.47 19.57 -3.57
CA GLN A 867 -37.10 20.49 -4.63
C GLN A 867 -35.86 20.00 -5.37
N ASN A 868 -34.82 19.63 -4.62
CA ASN A 868 -33.59 19.21 -5.28
C ASN A 868 -32.96 18.00 -4.59
N CYS A 869 -33.78 17.12 -4.01
CA CYS A 869 -33.20 15.88 -3.49
C CYS A 869 -32.97 14.90 -4.63
N SER A 870 -34.06 14.43 -5.25
CA SER A 870 -34.05 13.52 -6.40
C SER A 870 -33.20 12.28 -6.17
N HIS A 871 -33.31 11.72 -4.97
CA HIS A 871 -32.48 10.60 -4.56
C HIS A 871 -33.13 9.29 -4.99
N ASP A 872 -32.31 8.34 -5.41
CA ASP A 872 -32.79 7.03 -5.84
C ASP A 872 -33.25 6.22 -4.64
N TRP A 873 -34.56 6.05 -4.49
CA TRP A 873 -35.11 5.35 -3.34
C TRP A 873 -35.41 3.89 -3.61
N GLY A 874 -35.80 3.54 -4.82
CA GLY A 874 -36.22 2.17 -5.05
C GLY A 874 -36.76 1.90 -6.44
N ILE A 875 -37.90 1.22 -6.47
CA ILE A 875 -38.50 0.73 -7.71
C ILE A 875 -40.01 0.67 -7.47
N HIS A 876 -40.78 0.99 -8.50
CA HIS A 876 -42.23 0.89 -8.44
C HIS A 876 -42.64 -0.26 -9.34
N VAL A 877 -43.31 -1.25 -8.76
CA VAL A 877 -43.43 -2.56 -9.39
C VAL A 877 -44.89 -2.97 -9.38
N LYS A 878 -45.21 -3.96 -10.22
CA LYS A 878 -46.54 -4.51 -10.33
C LYS A 878 -46.50 -5.95 -9.85
N TYR A 879 -47.10 -6.23 -8.71
CA TYR A 879 -46.87 -7.50 -8.04
C TYR A 879 -47.88 -8.56 -8.45
N LYS A 880 -49.15 -8.36 -8.11
CA LYS A 880 -50.21 -9.19 -8.65
C LYS A 880 -51.24 -8.39 -9.43
N THR A 881 -51.80 -7.36 -8.82
CA THR A 881 -52.73 -6.48 -9.50
C THR A 881 -52.32 -5.03 -9.24
N PHE A 882 -51.63 -4.81 -8.13
CA PHE A 882 -51.40 -3.48 -7.61
C PHE A 882 -50.12 -2.88 -8.21
N GLU A 883 -49.87 -1.62 -7.88
CA GLU A 883 -48.59 -0.97 -8.12
C GLU A 883 -48.04 -0.55 -6.78
N ILE A 884 -46.92 -1.14 -6.37
CA ILE A 884 -46.39 -0.88 -5.03
C ILE A 884 -44.96 -0.35 -5.09
N PRO A 885 -44.59 0.56 -4.18
CA PRO A 885 -43.23 1.08 -4.12
C PRO A 885 -42.25 0.20 -3.36
N VAL A 886 -41.61 -0.75 -4.03
CA VAL A 886 -40.57 -1.53 -3.37
C VAL A 886 -39.36 -0.64 -3.10
N ILE A 887 -39.02 -0.49 -1.83
CA ILE A 887 -37.94 0.40 -1.42
C ILE A 887 -36.74 -0.42 -1.01
N LYS A 888 -35.60 0.24 -0.89
CA LYS A 888 -34.40 -0.39 -0.38
C LYS A 888 -33.86 0.41 0.80
N ILE A 889 -33.37 -0.30 1.81
CA ILE A 889 -32.82 0.34 3.00
C ILE A 889 -31.42 0.90 2.75
N GLU A 890 -30.84 0.62 1.60
CA GLU A 890 -29.49 1.06 1.32
C GLU A 890 -29.41 2.57 1.12
N SER A 891 -30.51 3.20 0.70
CA SER A 891 -30.52 4.63 0.46
C SER A 891 -31.45 5.35 1.43
N PHE A 892 -31.41 4.94 2.69
CA PHE A 892 -32.21 5.54 3.74
C PHE A 892 -31.35 5.67 4.98
N VAL A 893 -31.89 6.34 6.01
CA VAL A 893 -31.28 6.37 7.33
C VAL A 893 -32.36 6.12 8.37
N VAL A 894 -32.13 5.12 9.23
CA VAL A 894 -33.10 4.72 10.23
C VAL A 894 -32.84 5.51 11.50
N GLU A 895 -33.90 6.05 12.09
CA GLU A 895 -33.79 6.92 13.25
C GLU A 895 -34.79 6.46 14.30
N ASP A 896 -34.32 6.35 15.54
CA ASP A 896 -35.19 6.02 16.65
C ASP A 896 -35.81 7.30 17.19
N ILE A 897 -37.14 7.32 17.31
CA ILE A 897 -37.78 8.51 17.86
C ILE A 897 -37.69 8.59 19.37
N ALA A 898 -37.27 7.50 20.03
CA ALA A 898 -37.17 7.52 21.49
C ALA A 898 -35.98 8.33 21.95
N THR A 899 -34.78 7.92 21.57
CA THR A 899 -33.60 8.71 21.91
C THR A 899 -33.40 9.86 20.93
N GLY A 900 -33.23 9.53 19.65
CA GLY A 900 -33.02 10.55 18.64
C GLY A 900 -31.79 10.30 17.80
N VAL A 901 -31.20 9.12 17.95
CA VAL A 901 -29.97 8.79 17.25
C VAL A 901 -30.33 8.15 15.90
N GLN A 902 -29.46 8.34 14.92
CA GLN A 902 -29.66 7.82 13.57
C GLN A 902 -28.56 6.82 13.24
N THR A 903 -28.91 5.80 12.47
CA THR A 903 -27.96 4.77 12.10
C THR A 903 -28.13 4.44 10.62
N LEU A 904 -27.12 3.82 10.03
CA LEU A 904 -27.14 3.40 8.63
C LEU A 904 -27.09 1.88 8.57
N TYR A 905 -28.23 1.25 8.30
CA TYR A 905 -28.27 -0.19 8.08
C TYR A 905 -28.29 -0.43 6.58
N SER A 906 -27.29 -1.18 6.10
CA SER A 906 -26.98 -1.21 4.68
C SER A 906 -27.57 -2.41 3.95
N LYS A 907 -28.14 -3.38 4.65
CA LYS A 907 -28.89 -4.44 4.02
C LYS A 907 -30.11 -4.70 4.86
N TRP A 908 -31.15 -5.23 4.23
CA TRP A 908 -32.44 -5.35 4.92
C TRP A 908 -32.41 -6.37 6.04
N LYS A 909 -31.63 -7.45 5.88
CA LYS A 909 -31.61 -8.48 6.90
C LYS A 909 -30.82 -8.06 8.13
N ASP A 910 -30.02 -7.00 8.05
CA ASP A 910 -29.28 -6.52 9.21
C ASP A 910 -30.08 -5.53 10.03
N PHE A 911 -31.07 -4.87 9.44
CA PHE A 911 -31.94 -3.96 10.16
C PHE A 911 -33.03 -4.80 10.82
N HIS A 912 -32.82 -5.15 12.09
CA HIS A 912 -33.73 -6.01 12.80
C HIS A 912 -34.84 -5.17 13.44
N PHE A 913 -36.08 -5.53 13.14
CA PHE A 913 -37.25 -4.84 13.64
C PHE A 913 -38.45 -5.78 13.53
N GLU A 914 -39.63 -5.27 13.81
CA GLU A 914 -40.86 -6.06 13.77
C GLU A 914 -41.32 -6.21 12.33
N LYS A 915 -41.13 -7.39 11.76
CA LYS A 915 -41.39 -7.64 10.34
C LYS A 915 -42.81 -8.15 10.17
N ILE A 916 -43.67 -7.32 9.59
CA ILE A 916 -45.07 -7.63 9.40
C ILE A 916 -45.30 -7.98 7.94
N PRO A 917 -45.94 -9.10 7.62
CA PRO A 917 -46.09 -9.50 6.22
C PRO A 917 -47.16 -8.70 5.50
N PHE A 918 -47.15 -8.85 4.18
CA PHE A 918 -48.08 -8.14 3.31
C PHE A 918 -49.40 -8.88 3.22
N ASP A 919 -50.49 -8.12 3.23
CA ASP A 919 -51.85 -8.67 3.24
C ASP A 919 -52.68 -7.94 2.20
N PRO A 920 -53.22 -8.62 1.18
CA PRO A 920 -53.98 -7.92 0.15
C PRO A 920 -55.37 -7.50 0.59
N ALA A 921 -55.85 -7.98 1.73
CA ALA A 921 -57.18 -7.62 2.20
C ALA A 921 -57.24 -6.22 2.79
N GLU A 922 -56.10 -5.67 3.21
CA GLU A 922 -56.10 -4.30 3.72
C GLU A 922 -56.31 -3.29 2.60
N MET A 923 -55.39 -3.27 1.64
CA MET A 923 -55.53 -2.45 0.45
C MET A 923 -54.90 -3.14 -0.74
N SER B 252 30.63 -8.48 -55.29
CA SER B 252 31.67 -9.49 -55.16
C SER B 252 31.48 -10.63 -56.15
N ARG B 253 30.36 -10.61 -56.87
CA ARG B 253 30.13 -11.58 -57.94
C ARG B 253 30.06 -10.91 -59.30
N PHE B 254 29.16 -9.96 -59.51
CA PHE B 254 29.26 -9.06 -60.65
C PHE B 254 29.86 -7.75 -60.19
N ALA B 255 29.78 -6.74 -61.04
CA ALA B 255 30.44 -5.45 -60.81
C ALA B 255 29.87 -4.73 -59.59
N GLN B 256 30.77 -4.14 -58.80
CA GLN B 256 30.40 -3.37 -57.62
C GLN B 256 29.72 -2.07 -58.06
N TRP B 257 28.46 -1.88 -57.66
CA TRP B 257 27.71 -0.72 -58.09
C TRP B 257 27.25 0.20 -56.96
N ALA B 258 27.28 -0.24 -55.70
CA ALA B 258 26.97 0.66 -54.59
C ALA B 258 27.74 0.24 -53.34
N ILE B 259 27.74 1.13 -52.36
CA ILE B 259 28.32 0.93 -51.05
C ILE B 259 27.16 0.65 -50.10
N HIS B 260 27.40 -0.22 -49.10
CA HIS B 260 26.32 -0.75 -48.28
C HIS B 260 25.71 0.33 -47.39
N PRO B 261 24.39 0.31 -47.20
CA PRO B 261 23.71 1.37 -46.45
C PRO B 261 23.97 1.40 -44.94
N THR B 262 23.29 2.31 -44.26
CA THR B 262 23.43 2.48 -42.82
C THR B 262 22.11 3.01 -42.26
N PHE B 263 21.60 2.36 -41.23
CA PHE B 263 20.39 2.84 -40.56
C PHE B 263 20.69 4.07 -39.73
N ASN B 264 19.82 5.08 -39.84
CA ASN B 264 20.06 6.38 -39.21
C ASN B 264 19.27 6.50 -37.92
N LEU B 265 19.91 7.12 -36.91
CA LEU B 265 19.43 7.12 -35.54
C LEU B 265 18.40 8.19 -35.24
N LYS B 266 17.93 8.95 -36.22
CA LYS B 266 16.91 9.95 -35.99
C LYS B 266 15.55 9.62 -36.58
N SER B 267 15.51 8.79 -37.63
CA SER B 267 14.25 8.32 -38.19
C SER B 267 14.06 6.82 -37.97
N LEU B 268 14.91 6.21 -37.15
CA LEU B 268 14.69 4.83 -36.73
C LEU B 268 13.54 4.76 -35.74
N SER B 269 12.69 3.77 -35.89
CA SER B 269 11.49 3.65 -35.10
C SER B 269 11.82 3.22 -33.67
N CYS B 270 10.84 3.40 -32.78
CA CYS B 270 11.05 3.39 -31.33
C CYS B 270 11.22 1.98 -30.75
N SER B 271 11.20 0.93 -31.57
CA SER B 271 11.32 -0.42 -31.07
C SER B 271 12.60 -1.12 -31.50
N LEU B 272 13.43 -0.50 -32.33
CA LEU B 272 14.60 -1.16 -32.89
C LEU B 272 15.89 -0.60 -32.29
N GLU B 273 16.93 -1.45 -32.31
CA GLU B 273 18.14 -1.23 -31.54
C GLU B 273 19.39 -1.56 -32.37
N VAL B 274 19.58 -0.86 -33.48
CA VAL B 274 20.82 -0.97 -34.25
C VAL B 274 22.04 -0.67 -33.38
N SER B 275 23.14 -1.37 -33.66
CA SER B 275 24.27 -1.41 -32.75
C SER B 275 25.21 -0.24 -33.00
N LYS B 276 26.38 -0.27 -32.37
CA LYS B 276 27.35 0.82 -32.50
C LYS B 276 28.01 0.87 -33.87
N ASP B 277 27.99 -0.22 -34.62
CA ASP B 277 28.46 -0.20 -36.01
C ASP B 277 27.38 0.30 -36.97
N SER B 278 26.15 0.44 -36.49
CA SER B 278 25.01 1.00 -37.24
C SER B 278 24.67 0.19 -38.49
N ARG B 279 24.98 -1.11 -38.50
CA ARG B 279 24.63 -1.96 -39.63
C ARG B 279 24.04 -3.29 -39.20
N THR B 280 23.73 -3.48 -37.92
CA THR B 280 23.10 -4.72 -37.42
C THR B 280 21.82 -4.31 -36.69
N VAL B 281 20.68 -4.52 -37.35
CA VAL B 281 19.39 -4.13 -36.79
C VAL B 281 18.79 -5.31 -36.04
N THR B 282 18.26 -5.05 -34.85
CA THR B 282 17.67 -6.09 -34.03
C THR B 282 16.54 -5.52 -33.20
N VAL B 283 15.71 -6.41 -32.68
CA VAL B 283 14.55 -6.04 -31.87
C VAL B 283 14.93 -6.15 -30.41
N SER B 284 14.71 -5.08 -29.66
CA SER B 284 15.06 -5.06 -28.24
C SER B 284 14.09 -5.93 -27.45
N HIS B 285 14.44 -6.17 -26.18
CA HIS B 285 13.54 -6.92 -25.31
C HIS B 285 12.34 -6.08 -24.95
N ARG B 286 12.58 -4.97 -24.32
CA ARG B 286 11.61 -3.98 -23.95
C ARG B 286 11.87 -2.71 -24.74
N PRO B 287 10.83 -2.05 -25.27
CA PRO B 287 11.04 -0.82 -26.02
C PRO B 287 11.54 0.31 -25.13
N GLN B 288 12.43 1.11 -25.70
CA GLN B 288 13.24 2.07 -24.98
C GLN B 288 12.81 3.50 -25.25
N PRO B 289 13.00 4.42 -24.30
CA PRO B 289 12.64 5.82 -24.54
C PRO B 289 13.60 6.48 -25.53
N TYR B 290 13.03 6.99 -26.62
CA TYR B 290 13.75 7.79 -27.61
C TYR B 290 13.12 9.17 -27.69
N ARG B 291 13.60 9.96 -28.64
CA ARG B 291 13.04 11.29 -28.89
C ARG B 291 11.73 11.18 -29.67
N TRP B 292 10.89 12.20 -29.51
CA TRP B 292 9.57 12.24 -30.13
C TRP B 292 9.51 13.45 -31.05
N SER B 293 9.51 13.19 -32.36
CA SER B 293 9.28 14.25 -33.34
C SER B 293 8.62 13.62 -34.55
N CYS B 294 8.63 14.34 -35.66
CA CYS B 294 8.00 13.96 -36.92
C CYS B 294 8.75 12.84 -37.66
N GLU B 295 9.76 12.19 -37.08
CA GLU B 295 10.59 11.25 -37.81
C GLU B 295 10.50 9.81 -37.29
N ARG B 296 9.92 9.59 -36.12
CA ARG B 296 9.78 8.25 -35.59
C ARG B 296 8.61 7.54 -36.26
N PHE B 297 8.86 6.31 -36.75
CA PHE B 297 7.86 5.65 -37.58
C PHE B 297 6.81 4.89 -36.79
N SER B 298 7.07 4.59 -35.50
CA SER B 298 6.13 3.93 -34.59
C SER B 298 5.67 2.56 -35.08
N THR B 299 6.56 1.88 -35.79
CA THR B 299 6.31 0.58 -36.41
C THR B 299 7.71 -0.05 -36.36
N SER B 300 8.04 -0.96 -37.26
CA SER B 300 9.40 -1.47 -37.34
C SER B 300 10.05 -1.11 -38.67
N GLN B 301 9.84 0.13 -39.11
CA GLN B 301 10.36 0.61 -40.39
C GLN B 301 11.58 1.50 -40.18
N VAL B 302 12.63 1.25 -40.95
CA VAL B 302 13.86 2.05 -40.88
C VAL B 302 14.33 2.39 -42.28
N LEU B 303 15.00 3.52 -42.41
CA LEU B 303 15.51 4.04 -43.67
C LEU B 303 17.03 4.08 -43.65
N CYS B 304 17.59 4.44 -44.80
CA CYS B 304 19.04 4.56 -44.98
C CYS B 304 19.40 5.99 -45.37
N SER B 305 20.69 6.20 -45.58
CA SER B 305 21.22 7.52 -45.90
C SER B 305 21.95 7.54 -47.25
N GLN B 306 21.64 6.57 -48.11
CA GLN B 306 22.26 6.51 -49.43
C GLN B 306 21.44 7.33 -50.41
N ALA B 307 22.00 8.44 -50.88
CA ALA B 307 21.34 9.28 -51.85
C ALA B 307 21.26 8.58 -53.21
N LEU B 308 20.41 9.13 -54.07
CA LEU B 308 20.25 8.56 -55.39
C LEU B 308 21.45 8.92 -56.27
N SER B 309 21.52 8.27 -57.43
CA SER B 309 22.57 8.51 -58.41
C SER B 309 21.91 8.43 -59.78
N SER B 310 22.73 8.32 -60.82
CA SER B 310 22.18 8.08 -62.15
C SER B 310 21.66 6.66 -62.26
N GLY B 311 22.54 5.66 -62.14
CA GLY B 311 22.08 4.29 -62.19
C GLY B 311 22.81 3.27 -61.35
N LYS B 312 23.75 3.68 -60.50
CA LYS B 312 24.62 2.74 -59.81
C LYS B 312 24.14 2.55 -58.38
N HIS B 313 23.27 1.56 -58.17
CA HIS B 313 22.79 1.21 -56.84
C HIS B 313 22.44 -0.27 -56.80
N TYR B 314 23.03 -0.96 -55.83
CA TYR B 314 22.78 -2.38 -55.57
C TYR B 314 23.26 -2.67 -54.16
N TRP B 315 22.37 -3.21 -53.33
CA TRP B 315 22.66 -3.34 -51.91
C TRP B 315 22.21 -4.71 -51.41
N GLU B 316 22.91 -5.19 -50.38
CA GLU B 316 22.79 -6.57 -49.95
C GLU B 316 22.85 -6.63 -48.43
N VAL B 317 21.82 -7.25 -47.83
CA VAL B 317 21.72 -7.42 -46.39
C VAL B 317 21.35 -8.88 -46.09
N ASP B 318 21.75 -9.35 -44.92
CA ASP B 318 21.51 -10.74 -44.54
C ASP B 318 20.14 -10.83 -43.87
N THR B 319 19.20 -11.48 -44.56
CA THR B 319 17.81 -11.57 -44.12
C THR B 319 17.45 -12.95 -43.59
N ARG B 320 18.43 -13.83 -43.42
CA ARG B 320 18.20 -15.11 -42.77
C ARG B 320 18.09 -14.88 -41.27
N ASN B 321 17.29 -15.74 -40.61
CA ASN B 321 16.95 -15.67 -39.20
C ASN B 321 16.28 -14.34 -38.87
N CYS B 322 15.29 -14.00 -39.69
CA CYS B 322 14.24 -13.04 -39.37
C CYS B 322 12.92 -13.73 -39.68
N SER B 323 11.95 -13.56 -38.79
CA SER B 323 10.72 -14.35 -38.88
C SER B 323 9.88 -13.93 -40.08
N HIS B 324 9.53 -12.66 -40.16
CA HIS B 324 8.90 -12.10 -41.35
C HIS B 324 9.44 -10.71 -41.60
N TRP B 325 9.78 -10.44 -42.85
CA TRP B 325 10.42 -9.18 -43.22
C TRP B 325 9.77 -8.64 -44.48
N ALA B 326 10.14 -7.42 -44.83
CA ALA B 326 9.70 -6.77 -46.06
C ALA B 326 10.77 -5.79 -46.48
N VAL B 327 11.22 -5.90 -47.72
CA VAL B 327 12.33 -5.11 -48.22
C VAL B 327 11.90 -4.40 -49.50
N GLY B 328 12.39 -3.18 -49.68
CA GLY B 328 12.03 -2.40 -50.83
C GLY B 328 12.63 -1.01 -50.72
N VAL B 329 12.02 -0.07 -51.43
CA VAL B 329 12.52 1.30 -51.47
C VAL B 329 11.35 2.26 -51.28
N ALA B 330 11.62 3.37 -50.61
CA ALA B 330 10.59 4.35 -50.29
C ALA B 330 11.20 5.75 -50.31
N SER B 331 10.33 6.74 -50.43
CA SER B 331 10.75 8.13 -50.46
C SER B 331 10.70 8.73 -49.07
N TRP B 332 11.52 9.77 -48.86
CA TRP B 332 11.53 10.45 -47.57
C TRP B 332 10.29 11.28 -47.36
N GLU B 333 9.68 11.77 -48.45
CA GLU B 333 8.45 12.57 -48.37
C GLU B 333 7.25 11.65 -48.20
N MET B 334 7.19 11.01 -47.04
CA MET B 334 6.16 10.03 -46.73
C MET B 334 5.79 10.15 -45.27
N SER B 335 4.50 9.96 -44.97
CA SER B 335 4.06 10.05 -43.59
C SER B 335 4.57 8.87 -42.79
N ARG B 336 5.05 9.15 -41.58
CA ARG B 336 5.71 8.12 -40.78
C ARG B 336 4.73 7.12 -40.20
N ASP B 337 3.44 7.48 -40.14
CA ASP B 337 2.44 6.56 -39.66
C ASP B 337 2.11 5.47 -40.67
N GLN B 338 2.52 5.64 -41.93
CA GLN B 338 2.12 4.75 -43.00
C GLN B 338 2.86 3.42 -42.93
N VAL B 339 2.49 2.53 -43.82
CA VAL B 339 3.02 1.17 -43.87
C VAL B 339 3.93 1.07 -45.08
N LEU B 340 4.99 0.26 -44.97
CA LEU B 340 5.91 0.03 -46.09
C LEU B 340 5.20 -0.75 -47.18
N GLY B 341 5.16 -0.18 -48.38
CA GLY B 341 4.56 -0.83 -49.52
C GLY B 341 3.08 -0.57 -49.74
N ARG B 342 2.44 0.19 -48.85
CA ARG B 342 1.02 0.51 -49.01
C ARG B 342 0.80 2.00 -49.23
N THR B 343 1.85 2.78 -49.43
CA THR B 343 1.72 4.20 -49.71
C THR B 343 1.38 4.39 -51.19
N MET B 344 1.45 5.64 -51.65
CA MET B 344 1.20 5.93 -53.05
C MET B 344 2.31 5.36 -53.93
N ASP B 345 3.56 5.70 -53.62
CA ASP B 345 4.70 5.25 -54.42
C ASP B 345 5.80 4.74 -53.49
N SER B 346 5.76 3.45 -53.18
CA SER B 346 6.84 2.77 -52.47
C SER B 346 6.74 1.29 -52.78
N CYS B 347 7.67 0.78 -53.59
CA CYS B 347 7.64 -0.59 -54.06
C CYS B 347 8.43 -1.48 -53.11
N CYS B 348 7.91 -2.69 -52.87
CA CYS B 348 8.51 -3.58 -51.90
C CYS B 348 8.17 -5.03 -52.23
N VAL B 349 8.75 -5.95 -51.46
CA VAL B 349 8.47 -7.38 -51.56
C VAL B 349 8.30 -7.91 -50.15
N GLU B 350 7.17 -8.57 -49.89
CA GLU B 350 6.80 -9.00 -48.55
C GLU B 350 6.91 -10.50 -48.39
N TRP B 351 7.36 -10.91 -47.21
CA TRP B 351 7.36 -12.31 -46.78
C TRP B 351 6.20 -12.48 -45.80
N LYS B 352 5.06 -12.92 -46.32
CA LYS B 352 3.82 -12.91 -45.55
C LYS B 352 3.80 -14.04 -44.52
N GLY B 353 2.71 -14.06 -43.73
CA GLY B 353 2.55 -15.07 -42.70
C GLY B 353 2.25 -16.44 -43.22
N THR B 354 1.83 -16.55 -44.48
CA THR B 354 1.55 -17.83 -45.12
C THR B 354 2.79 -18.46 -45.75
N SER B 355 3.98 -18.03 -45.32
CA SER B 355 5.28 -18.45 -45.86
C SER B 355 5.36 -18.21 -47.36
N GLN B 356 4.80 -17.09 -47.80
CA GLN B 356 4.75 -16.72 -49.21
C GLN B 356 5.51 -15.42 -49.42
N LEU B 357 6.28 -15.37 -50.49
CA LEU B 357 7.00 -14.15 -50.88
C LEU B 357 6.16 -13.42 -51.91
N SER B 358 5.41 -12.42 -51.45
CA SER B 358 4.62 -11.57 -52.34
C SER B 358 5.26 -10.20 -52.46
N ALA B 359 4.68 -9.37 -53.31
CA ALA B 359 5.18 -8.03 -53.56
C ALA B 359 4.04 -7.03 -53.51
N TRP B 360 4.35 -5.81 -53.10
CA TRP B 360 3.39 -4.73 -53.07
C TRP B 360 3.92 -3.58 -53.92
N HIS B 361 3.05 -3.03 -54.75
CA HIS B 361 3.39 -1.85 -55.54
C HIS B 361 2.12 -1.01 -55.65
N MET B 362 2.08 0.09 -54.88
CA MET B 362 0.95 1.02 -54.80
C MET B 362 -0.37 0.35 -54.45
N LYS B 364 -0.34 -3.30 -56.06
CA LYS B 364 -1.30 -4.39 -55.81
C LYS B 364 -0.61 -5.59 -55.18
N GLU B 365 -1.26 -6.75 -55.29
CA GLU B 365 -0.90 -7.95 -54.52
C GLU B 365 -0.19 -9.00 -55.38
N THR B 366 0.72 -8.56 -56.26
CA THR B 366 1.52 -9.50 -57.05
C THR B 366 2.41 -10.36 -56.15
N VAL B 367 2.59 -11.61 -56.55
CA VAL B 367 3.12 -12.63 -55.66
C VAL B 367 4.07 -13.55 -56.43
N LEU B 368 5.16 -13.93 -55.77
CA LEU B 368 6.09 -14.92 -56.30
C LEU B 368 5.71 -16.31 -55.76
N GLY B 369 6.60 -17.28 -55.92
CA GLY B 369 6.35 -18.62 -55.41
C GLY B 369 6.55 -18.75 -53.92
N SER B 370 6.93 -19.95 -53.48
CA SER B 370 7.17 -20.23 -52.06
C SER B 370 8.64 -20.14 -51.70
N ASP B 371 9.39 -19.30 -52.42
CA ASP B 371 10.81 -19.12 -52.16
C ASP B 371 11.05 -18.26 -50.92
N ARG B 372 12.16 -18.55 -50.24
CA ARG B 372 12.57 -17.79 -49.06
C ARG B 372 14.07 -17.58 -49.14
N PRO B 373 14.53 -16.37 -49.47
CA PRO B 373 15.97 -16.14 -49.59
C PRO B 373 16.65 -15.99 -48.24
N GLY B 374 17.78 -16.66 -48.09
CA GLY B 374 18.70 -16.37 -47.01
C GLY B 374 19.46 -15.10 -47.34
N VAL B 375 19.69 -14.91 -48.64
CA VAL B 375 20.41 -13.76 -49.18
C VAL B 375 19.66 -13.31 -50.43
N VAL B 376 19.23 -12.05 -50.46
CA VAL B 376 18.69 -11.44 -51.67
C VAL B 376 19.23 -10.02 -51.80
N GLY B 377 19.51 -9.60 -53.03
CA GLY B 377 19.98 -8.26 -53.30
C GLY B 377 19.10 -7.60 -54.34
N ILE B 378 18.95 -6.29 -54.19
CA ILE B 378 18.05 -5.50 -55.02
C ILE B 378 18.90 -4.65 -55.96
N TRP B 379 18.66 -4.82 -57.25
CA TRP B 379 19.36 -4.08 -58.30
C TRP B 379 18.57 -2.82 -58.60
N LEU B 380 19.27 -1.70 -58.79
CA LEU B 380 18.61 -0.44 -59.03
C LEU B 380 19.34 0.35 -60.10
N ASN B 381 18.57 0.88 -61.05
CA ASN B 381 19.05 1.82 -62.08
C ASN B 381 18.20 3.07 -61.93
N LEU B 382 18.71 4.05 -61.20
CA LEU B 382 17.91 5.15 -60.69
C LEU B 382 17.48 6.15 -61.76
N GLU B 383 18.01 6.06 -62.98
CA GLU B 383 17.56 6.98 -64.03
C GLU B 383 16.26 6.54 -64.67
N GLU B 384 15.87 5.27 -64.53
CA GLU B 384 14.72 4.76 -65.26
C GLU B 384 13.77 3.92 -64.41
N GLY B 385 14.07 3.69 -63.14
CA GLY B 385 13.16 2.96 -62.27
C GLY B 385 13.02 1.49 -62.60
N LYS B 386 14.10 0.73 -62.45
CA LYS B 386 14.08 -0.72 -62.66
C LYS B 386 14.59 -1.43 -61.42
N LEU B 387 14.04 -2.61 -61.16
CA LEU B 387 14.45 -3.42 -60.02
C LEU B 387 14.66 -4.86 -60.45
N ALA B 388 15.63 -5.52 -59.81
CA ALA B 388 15.89 -6.93 -60.06
C ALA B 388 16.37 -7.56 -58.76
N PHE B 389 15.65 -8.55 -58.26
CA PHE B 389 15.89 -9.11 -56.93
C PHE B 389 16.66 -10.42 -57.05
N TYR B 390 17.92 -10.30 -57.48
CA TYR B 390 18.82 -11.46 -57.62
C TYR B 390 19.13 -12.04 -56.24
N SER B 391 18.71 -13.27 -56.00
CA SER B 391 18.83 -13.80 -54.64
C SER B 391 20.23 -14.35 -54.34
N VAL B 392 20.55 -15.53 -54.89
CA VAL B 392 21.89 -16.08 -54.75
C VAL B 392 22.25 -16.99 -55.93
N ASP B 393 23.16 -16.54 -56.78
CA ASP B 393 23.96 -17.37 -57.69
C ASP B 393 23.20 -18.18 -58.75
N ASN B 394 21.88 -18.10 -58.77
CA ASN B 394 21.06 -18.98 -59.62
C ASN B 394 20.67 -18.28 -60.92
N GLN B 395 21.70 -18.00 -61.73
CA GLN B 395 21.59 -17.38 -63.06
C GLN B 395 20.85 -16.04 -63.00
N GLU B 396 21.16 -15.26 -61.95
CA GLU B 396 20.55 -13.94 -61.67
C GLU B 396 19.03 -14.05 -61.54
N LYS B 397 18.60 -14.85 -60.56
CA LYS B 397 17.18 -15.13 -60.37
C LYS B 397 16.52 -13.95 -59.66
N LEU B 398 15.80 -13.13 -60.42
CA LEU B 398 15.18 -11.91 -59.89
C LEU B 398 13.69 -12.11 -59.57
N LEU B 399 12.93 -12.56 -60.56
CA LEU B 399 11.52 -12.98 -60.52
C LEU B 399 10.53 -11.83 -60.31
N TYR B 400 10.98 -10.60 -60.14
CA TYR B 400 10.04 -9.48 -60.15
C TYR B 400 10.74 -8.22 -60.62
N GLU B 401 10.01 -7.42 -61.38
CA GLU B 401 10.46 -6.14 -61.89
C GLU B 401 9.46 -5.07 -61.47
N CYS B 402 9.96 -3.92 -61.04
CA CYS B 402 9.12 -2.83 -60.58
C CYS B 402 9.53 -1.54 -61.28
N THR B 403 8.55 -0.73 -61.62
CA THR B 403 8.80 0.62 -62.12
C THR B 403 8.83 1.58 -60.94
N ILE B 404 9.86 2.41 -60.88
CA ILE B 404 10.04 3.37 -59.80
C ILE B 404 9.99 4.78 -60.39
N SER B 405 9.19 5.65 -59.78
CA SER B 405 9.05 7.03 -60.22
C SER B 405 10.19 7.84 -59.59
N ALA B 406 11.27 8.02 -60.35
CA ALA B 406 12.45 8.73 -59.86
C ALA B 406 12.15 10.23 -59.86
N SER B 407 11.44 10.66 -58.81
CA SER B 407 11.16 12.07 -58.56
C SER B 407 11.60 12.45 -57.15
N SER B 408 12.41 11.62 -56.53
CA SER B 408 12.85 11.78 -55.15
C SER B 408 14.04 10.86 -54.95
N PRO B 409 14.86 11.09 -53.91
CA PRO B 409 15.90 10.11 -53.57
C PRO B 409 15.29 8.79 -53.08
N LEU B 410 16.15 7.78 -53.02
CA LEU B 410 15.66 6.41 -52.92
C LEU B 410 16.25 5.68 -51.72
N TYR B 411 16.14 6.27 -50.52
CA TYR B 411 16.55 5.62 -49.28
C TYR B 411 15.70 4.38 -49.05
N PRO B 412 16.29 3.18 -49.13
CA PRO B 412 15.49 1.95 -49.15
C PRO B 412 15.00 1.58 -47.76
N ALA B 413 13.72 1.22 -47.67
CA ALA B 413 13.10 0.95 -46.39
C ALA B 413 13.11 -0.53 -46.10
N PHE B 414 13.13 -0.87 -44.81
CA PHE B 414 13.09 -2.26 -44.36
C PHE B 414 12.17 -2.37 -43.16
N TRP B 415 11.29 -3.37 -43.19
CA TRP B 415 10.41 -3.67 -42.09
C TRP B 415 10.59 -5.12 -41.68
N LEU B 416 10.64 -5.37 -40.38
CA LEU B 416 10.68 -6.73 -39.85
C LEU B 416 9.58 -6.91 -38.82
N TYR B 417 9.34 -8.16 -38.46
CA TYR B 417 8.32 -8.51 -37.48
C TYR B 417 8.87 -8.20 -36.09
N GLY B 418 8.27 -7.21 -35.43
CA GLY B 418 8.82 -6.66 -34.21
C GLY B 418 8.37 -7.27 -32.90
N LEU B 419 7.56 -8.32 -32.93
CA LEU B 419 7.08 -8.95 -31.70
C LEU B 419 8.01 -10.04 -31.19
N HIS B 420 9.10 -10.32 -31.88
CA HIS B 420 10.07 -11.33 -31.45
C HIS B 420 11.33 -10.66 -30.93
N PRO B 421 11.59 -10.67 -29.62
CA PRO B 421 12.85 -10.13 -29.12
C PRO B 421 14.01 -11.02 -29.54
N GLY B 422 15.11 -10.38 -29.93
CA GLY B 422 16.24 -11.08 -30.49
C GLY B 422 16.19 -11.28 -31.99
N ASN B 423 15.06 -11.00 -32.63
CA ASN B 423 14.98 -11.12 -34.08
C ASN B 423 15.76 -10.00 -34.74
N TYR B 424 16.52 -10.33 -35.78
CA TYR B 424 17.55 -9.44 -36.27
C TYR B 424 17.68 -9.51 -37.79
N LEU B 425 18.36 -8.50 -38.34
CA LEU B 425 18.91 -8.53 -39.68
C LEU B 425 20.28 -7.86 -39.65
N ILE B 426 21.10 -8.16 -40.65
CA ILE B 426 22.47 -7.66 -40.74
C ILE B 426 22.76 -7.22 -42.17
N ILE B 427 23.41 -6.06 -42.31
CA ILE B 427 23.93 -5.62 -43.59
C ILE B 427 25.23 -6.38 -43.88
N LYS B 428 25.31 -6.99 -45.06
CA LYS B 428 26.48 -7.78 -45.45
C LYS B 428 27.11 -7.21 -46.72
N GLN B 429 28.17 -7.87 -47.17
CA GLN B 429 28.86 -7.46 -48.38
C GLN B 429 28.00 -7.77 -49.61
N VAL B 430 28.20 -7.00 -50.67
CA VAL B 430 27.47 -7.23 -51.91
C VAL B 430 28.09 -8.39 -52.68
N PRO C 240 20.16 9.00 -17.51
CA PRO C 240 20.84 8.07 -16.58
C PRO C 240 21.69 8.81 -15.56
N PHE C 241 21.93 8.17 -14.42
CA PHE C 241 22.80 8.73 -13.40
C PHE C 241 24.25 8.31 -13.67
N LYS C 242 25.17 9.01 -13.01
CA LYS C 242 26.61 8.94 -13.22
C LYS C 242 27.30 8.11 -12.13
N PRO C 243 28.20 7.19 -12.50
CA PRO C 243 29.03 6.52 -11.50
C PRO C 243 30.22 7.39 -11.11
N ARG C 244 30.35 7.68 -9.82
CA ARG C 244 31.49 8.46 -9.34
C ARG C 244 32.69 7.54 -9.12
N ASN C 245 33.82 8.14 -8.77
CA ASN C 245 35.06 7.38 -8.72
C ASN C 245 35.16 6.56 -7.44
N TYR C 246 34.76 7.12 -6.30
CA TYR C 246 34.82 6.38 -5.05
C TYR C 246 33.84 5.22 -5.05
N GLN C 247 32.74 5.34 -5.78
CA GLN C 247 31.82 4.22 -5.94
C GLN C 247 32.31 3.19 -6.95
N LEU C 248 33.38 3.49 -7.69
CA LEU C 248 34.08 2.42 -8.38
C LEU C 248 35.10 1.77 -7.46
N GLU C 249 35.76 2.57 -6.62
CA GLU C 249 36.77 2.02 -5.72
C GLU C 249 36.17 1.15 -4.63
N LEU C 250 34.96 1.47 -4.17
CA LEU C 250 34.31 0.67 -3.15
C LEU C 250 33.92 -0.70 -3.69
N ALA C 251 33.42 -0.75 -4.91
CA ALA C 251 33.01 -2.01 -5.51
C ALA C 251 34.16 -2.78 -6.13
N LEU C 252 35.32 -2.15 -6.30
CA LEU C 252 36.48 -2.83 -6.88
C LEU C 252 36.95 -4.08 -6.15
N PRO C 253 37.04 -4.15 -4.81
CA PRO C 253 37.53 -5.42 -4.22
C PRO C 253 36.51 -6.54 -4.26
N ALA C 254 35.23 -6.23 -4.07
CA ALA C 254 34.21 -7.28 -4.00
C ALA C 254 34.03 -7.98 -5.33
N MET C 255 34.23 -7.26 -6.44
CA MET C 255 34.11 -7.86 -7.76
C MET C 255 35.21 -8.86 -8.05
N LYS C 256 36.30 -8.85 -7.28
CA LYS C 256 37.37 -9.82 -7.45
C LYS C 256 37.02 -11.20 -6.90
N GLY C 257 35.87 -11.35 -6.26
CA GLY C 257 35.43 -12.64 -5.77
C GLY C 257 35.63 -12.87 -4.29
N LYS C 258 35.82 -11.82 -3.50
CA LYS C 258 35.99 -11.95 -2.07
C LYS C 258 34.69 -11.55 -1.38
N ASN C 259 34.39 -12.22 -0.27
CA ASN C 259 33.23 -11.88 0.53
C ASN C 259 33.59 -10.63 1.33
N THR C 260 32.97 -9.50 1.03
CA THR C 260 33.46 -8.27 1.63
C THR C 260 32.41 -7.58 2.48
N ILE C 261 32.85 -6.55 3.20
CA ILE C 261 31.98 -5.69 3.99
C ILE C 261 32.32 -4.26 3.60
N ILE C 262 31.53 -3.70 2.69
CA ILE C 262 31.66 -2.28 2.39
C ILE C 262 31.20 -1.47 3.59
N CYS C 263 31.84 -0.33 3.83
CA CYS C 263 31.49 0.56 4.91
C CYS C 263 31.27 1.96 4.35
N ALA C 264 30.46 2.02 3.29
CA ALA C 264 30.21 3.30 2.62
C ALA C 264 29.31 4.18 3.49
N PRO C 265 29.56 5.48 3.53
CA PRO C 265 28.73 6.37 4.34
C PRO C 265 27.41 6.65 3.63
N THR C 266 26.48 7.21 4.40
CA THR C 266 25.10 7.37 3.98
C THR C 266 24.98 8.42 2.88
N GLY C 267 23.76 8.54 2.35
CA GLY C 267 23.53 9.52 1.29
C GLY C 267 23.12 8.88 -0.02
N CYS C 268 22.41 7.75 0.07
CA CYS C 268 22.03 6.86 -1.03
C CYS C 268 23.21 6.61 -1.99
N GLY C 269 24.33 6.25 -1.41
CA GLY C 269 25.50 5.90 -2.19
C GLY C 269 25.64 4.41 -2.32
N LYS C 270 25.34 3.68 -1.24
CA LYS C 270 25.46 2.23 -1.24
C LYS C 270 24.44 1.57 -2.16
N THR C 271 23.32 2.24 -2.42
CA THR C 271 22.33 1.73 -3.35
C THR C 271 22.72 1.93 -4.80
N PHE C 272 23.89 2.52 -5.07
CA PHE C 272 24.50 2.46 -6.39
C PHE C 272 25.66 1.49 -6.45
N VAL C 273 26.39 1.32 -5.35
CA VAL C 273 27.45 0.33 -5.28
C VAL C 273 26.88 -1.06 -5.42
N SER C 274 25.74 -1.31 -4.78
CA SER C 274 25.08 -2.60 -4.89
C SER C 274 24.62 -2.86 -6.33
N LEU C 275 24.17 -1.82 -7.01
CA LEU C 275 23.77 -1.95 -8.40
C LEU C 275 24.96 -2.29 -9.29
N LEU C 276 26.10 -1.65 -9.03
CA LEU C 276 27.32 -1.95 -9.79
C LEU C 276 27.76 -3.40 -9.58
N ILE C 277 27.68 -3.89 -8.35
CA ILE C 277 28.14 -5.24 -8.08
C ILE C 277 27.17 -6.27 -8.69
N CYS C 278 25.86 -6.00 -8.63
CA CYS C 278 24.90 -6.89 -9.28
C CYS C 278 25.09 -6.94 -10.79
N GLU C 279 25.29 -5.77 -11.41
CA GLU C 279 25.51 -5.71 -12.85
C GLU C 279 26.77 -6.45 -13.26
N HIS C 280 27.82 -6.34 -12.46
CA HIS C 280 29.03 -7.09 -12.79
C HIS C 280 28.89 -8.58 -12.49
N HIS C 281 28.12 -8.95 -11.46
CA HIS C 281 28.08 -10.34 -11.07
C HIS C 281 27.19 -11.16 -11.99
N LEU C 282 26.07 -10.59 -12.44
CA LEU C 282 25.22 -11.35 -13.35
C LEU C 282 25.83 -11.45 -14.73
N LYS C 283 26.73 -10.53 -15.09
CA LYS C 283 27.37 -10.58 -16.40
C LYS C 283 28.41 -11.69 -16.48
N LYS C 284 29.12 -11.96 -15.39
CA LYS C 284 30.32 -12.79 -15.43
C LYS C 284 30.05 -14.28 -15.56
N PHE C 285 28.79 -14.69 -15.63
CA PHE C 285 28.67 -16.13 -15.83
C PHE C 285 28.59 -16.45 -17.32
N PRO C 286 29.32 -17.50 -17.74
CA PRO C 286 29.28 -17.92 -19.16
C PRO C 286 27.91 -18.44 -19.57
N GLN C 287 27.79 -18.71 -20.87
CA GLN C 287 26.51 -19.07 -21.45
C GLN C 287 26.12 -20.49 -21.04
N GLY C 288 24.85 -20.67 -20.68
CA GLY C 288 24.36 -21.96 -20.23
C GLY C 288 24.02 -21.97 -18.76
N GLN C 289 24.85 -21.33 -17.96
CA GLN C 289 24.63 -21.22 -16.52
C GLN C 289 24.26 -19.77 -16.19
N LYS C 290 24.05 -19.51 -14.91
CA LYS C 290 23.44 -18.25 -14.51
C LYS C 290 23.75 -17.97 -13.05
N GLY C 291 23.67 -16.69 -12.69
CA GLY C 291 23.76 -16.27 -11.31
C GLY C 291 22.39 -15.91 -10.74
N LYS C 292 22.35 -15.72 -9.42
CA LYS C 292 21.07 -15.45 -8.75
C LYS C 292 21.35 -14.61 -7.52
N VAL C 293 21.12 -13.31 -7.65
CA VAL C 293 21.40 -12.35 -6.57
C VAL C 293 20.22 -12.34 -5.61
N VAL C 294 20.50 -12.31 -4.31
CA VAL C 294 19.45 -12.18 -3.31
C VAL C 294 19.80 -11.03 -2.39
N PHE C 295 18.89 -10.06 -2.26
CA PHE C 295 19.14 -8.84 -1.51
C PHE C 295 18.24 -8.83 -0.30
N PHE C 296 18.80 -9.05 0.88
CA PHE C 296 17.98 -9.03 2.09
C PHE C 296 17.76 -7.59 2.54
N ALA C 297 16.53 -7.11 2.44
CA ALA C 297 16.18 -5.84 3.05
C ALA C 297 15.86 -6.08 4.52
N ASN C 298 15.39 -5.06 5.23
CA ASN C 298 14.93 -5.31 6.59
C ASN C 298 13.62 -4.66 6.97
N GLN C 299 13.18 -3.60 6.31
CA GLN C 299 11.90 -2.98 6.58
C GLN C 299 11.16 -2.80 5.27
N ILE C 300 9.82 -2.86 5.35
CA ILE C 300 8.99 -2.82 4.14
C ILE C 300 9.13 -1.51 3.36
N PRO C 301 9.27 -0.32 3.98
CA PRO C 301 9.72 0.84 3.19
C PRO C 301 11.02 0.63 2.44
N VAL C 302 12.07 0.17 3.12
CA VAL C 302 13.36 -0.05 2.46
C VAL C 302 13.24 -1.15 1.41
N TYR C 303 12.41 -2.16 1.68
CA TYR C 303 12.25 -3.27 0.75
C TYR C 303 11.57 -2.82 -0.54
N GLU C 304 10.46 -2.09 -0.43
CA GLU C 304 9.77 -1.63 -1.63
C GLU C 304 10.58 -0.57 -2.37
N GLN C 305 11.34 0.24 -1.63
CA GLN C 305 12.20 1.25 -2.24
C GLN C 305 13.30 0.61 -3.08
N GLN C 306 13.98 -0.40 -2.52
CA GLN C 306 15.02 -1.08 -3.29
C GLN C 306 14.45 -1.93 -4.41
N LYS C 307 13.23 -2.45 -4.24
CA LYS C 307 12.60 -3.19 -5.34
C LYS C 307 12.26 -2.27 -6.50
N SER C 308 11.79 -1.05 -6.21
CA SER C 308 11.53 -0.09 -7.26
C SER C 308 12.81 0.33 -7.96
N VAL C 309 13.90 0.50 -7.20
CA VAL C 309 15.16 0.93 -7.80
C VAL C 309 15.74 -0.16 -8.69
N PHE C 310 15.76 -1.40 -8.22
CA PHE C 310 16.26 -2.51 -9.02
C PHE C 310 15.38 -2.79 -10.22
N SER C 311 14.07 -2.53 -10.11
CA SER C 311 13.17 -2.67 -11.24
C SER C 311 13.47 -1.62 -12.31
N LYS C 312 13.61 -0.35 -11.91
CA LYS C 312 13.89 0.69 -12.88
C LYS C 312 15.29 0.61 -13.45
N TYR C 313 16.21 -0.10 -12.80
CA TYR C 313 17.58 -0.16 -13.30
C TYR C 313 17.90 -1.43 -14.08
N PHE C 314 17.30 -2.57 -13.75
CA PHE C 314 17.69 -3.84 -14.35
C PHE C 314 16.72 -4.37 -15.39
N GLU C 315 15.50 -3.82 -15.48
CA GLU C 315 14.50 -4.40 -16.37
C GLU C 315 14.81 -4.13 -17.83
N ARG C 316 15.57 -3.07 -18.13
CA ARG C 316 15.89 -2.77 -19.51
C ARG C 316 16.91 -3.72 -20.11
N HIS C 317 17.65 -4.45 -19.27
CA HIS C 317 18.73 -5.28 -19.78
C HIS C 317 18.35 -6.74 -19.92
N GLY C 318 17.18 -7.15 -19.44
CA GLY C 318 16.68 -8.47 -19.74
C GLY C 318 16.78 -9.45 -18.60
N TYR C 319 16.69 -8.96 -17.38
CA TYR C 319 16.67 -9.80 -16.19
C TYR C 319 15.28 -9.81 -15.57
N ARG C 320 15.07 -10.74 -14.65
CA ARG C 320 13.76 -10.98 -14.06
C ARG C 320 13.80 -10.59 -12.59
N VAL C 321 13.52 -9.33 -12.32
CA VAL C 321 13.50 -8.85 -10.94
C VAL C 321 12.13 -9.14 -10.36
N THR C 322 12.07 -9.33 -9.05
CA THR C 322 10.86 -9.80 -8.37
C THR C 322 10.84 -9.21 -6.97
N GLY C 323 10.00 -9.76 -6.10
CA GLY C 323 10.06 -9.41 -4.70
C GLY C 323 9.10 -10.23 -3.85
N ILE C 324 9.58 -10.76 -2.73
CA ILE C 324 8.79 -11.52 -1.79
C ILE C 324 8.81 -10.78 -0.46
N SER C 325 7.75 -10.92 0.32
CA SER C 325 7.62 -10.16 1.56
C SER C 325 6.65 -10.90 2.47
N GLY C 326 6.22 -10.22 3.52
CA GLY C 326 5.09 -10.69 4.28
C GLY C 326 3.83 -10.04 3.77
N ALA C 327 3.99 -8.99 2.96
CA ALA C 327 2.84 -8.27 2.43
C ALA C 327 2.12 -9.10 1.37
N THR C 328 2.86 -9.91 0.61
CA THR C 328 2.22 -10.82 -0.33
C THR C 328 1.65 -12.01 0.42
N ALA C 329 0.45 -12.44 0.02
CA ALA C 329 -0.33 -13.41 0.77
C ALA C 329 0.28 -14.81 0.64
N GLU C 330 -0.39 -15.78 1.26
CA GLU C 330 0.12 -17.14 1.24
C GLU C 330 -0.11 -17.74 -0.13
N ASN C 331 0.86 -17.52 -1.01
CA ASN C 331 0.81 -17.95 -2.39
C ASN C 331 2.20 -18.35 -2.82
N VAL C 332 2.26 -19.15 -3.89
CA VAL C 332 3.43 -19.46 -4.73
C VAL C 332 4.74 -19.91 -4.10
N PRO C 333 4.82 -21.19 -3.70
CA PRO C 333 5.99 -21.70 -2.98
C PRO C 333 7.34 -21.20 -3.49
N VAL C 334 8.13 -20.69 -2.55
CA VAL C 334 9.20 -19.75 -2.82
C VAL C 334 10.29 -20.36 -3.68
N GLU C 335 10.45 -21.68 -3.64
CA GLU C 335 11.38 -22.37 -4.52
C GLU C 335 10.99 -22.29 -5.99
N GLN C 336 9.77 -21.87 -6.31
CA GLN C 336 9.37 -21.66 -7.70
C GLN C 336 9.48 -20.22 -8.15
N ILE C 337 9.36 -19.25 -7.24
CA ILE C 337 9.72 -17.88 -7.59
C ILE C 337 11.23 -17.79 -7.82
N VAL C 338 12.02 -18.39 -6.92
CA VAL C 338 13.46 -18.24 -7.05
C VAL C 338 14.07 -19.15 -8.09
N GLU C 339 13.29 -20.06 -8.69
CA GLU C 339 13.76 -20.80 -9.84
C GLU C 339 13.49 -20.07 -11.15
N ASN C 340 12.72 -18.99 -11.13
CA ASN C 340 12.34 -18.27 -12.34
C ASN C 340 12.73 -16.81 -12.30
N ASN C 341 13.62 -16.42 -11.39
CA ASN C 341 14.02 -15.03 -11.30
C ASN C 341 15.53 -14.97 -11.14
N ASP C 342 16.06 -13.75 -11.16
CA ASP C 342 17.50 -13.54 -11.02
C ASP C 342 17.88 -12.47 -10.03
N ILE C 343 16.97 -11.60 -9.62
CA ILE C 343 17.22 -10.67 -8.53
C ILE C 343 16.02 -10.71 -7.61
N ILE C 344 16.19 -11.27 -6.43
CA ILE C 344 15.11 -11.48 -5.48
C ILE C 344 15.33 -10.57 -4.28
N ILE C 345 14.27 -9.92 -3.83
CA ILE C 345 14.39 -9.04 -2.67
C ILE C 345 13.59 -9.64 -1.52
N LEU C 346 14.24 -10.41 -0.66
CA LEU C 346 13.57 -11.02 0.47
C LEU C 346 13.65 -10.12 1.69
N THR C 347 12.65 -10.15 2.47
CA THR C 347 12.98 -9.79 3.83
C THR C 347 13.46 -11.06 4.54
N PRO C 348 14.40 -10.99 5.49
CA PRO C 348 15.19 -12.20 5.81
C PRO C 348 14.43 -13.27 6.58
N GLN C 349 13.37 -12.90 7.30
CA GLN C 349 12.57 -13.89 8.01
C GLN C 349 11.87 -14.85 7.05
N ILE C 350 11.62 -14.43 5.81
CA ILE C 350 11.10 -15.33 4.79
C ILE C 350 12.11 -16.43 4.47
N LEU C 351 13.40 -16.09 4.38
CA LEU C 351 14.38 -17.13 4.10
C LEU C 351 14.62 -18.02 5.31
N VAL C 352 14.53 -17.47 6.52
CA VAL C 352 14.61 -18.30 7.70
C VAL C 352 13.45 -19.29 7.75
N ASN C 353 12.24 -18.82 7.39
CA ASN C 353 11.08 -19.70 7.34
C ASN C 353 11.22 -20.79 6.30
N ASN C 354 11.68 -20.43 5.11
CA ASN C 354 11.79 -21.43 4.05
C ASN C 354 12.95 -22.39 4.27
N LEU C 355 13.94 -22.01 5.05
CA LEU C 355 14.99 -22.95 5.41
C LEU C 355 14.63 -23.80 6.61
N LYS C 356 13.64 -23.37 7.40
CA LYS C 356 13.19 -24.16 8.53
C LYS C 356 12.47 -25.43 8.08
N LYS C 357 11.53 -25.31 7.15
CA LYS C 357 10.73 -26.43 6.69
C LYS C 357 11.27 -27.09 5.44
N GLY C 358 12.43 -26.66 4.95
CA GLY C 358 13.07 -27.34 3.83
C GLY C 358 12.42 -27.17 2.48
N THR C 359 11.48 -26.23 2.32
CA THR C 359 10.93 -25.98 0.99
C THR C 359 11.96 -25.35 0.07
N ILE C 360 12.91 -24.60 0.62
CA ILE C 360 14.15 -24.30 -0.08
C ILE C 360 15.17 -25.32 0.42
N PRO C 361 15.89 -26.00 -0.47
CA PRO C 361 16.85 -27.01 -0.04
C PRO C 361 18.00 -26.49 0.81
N SER C 362 18.73 -25.50 0.29
CA SER C 362 19.92 -24.99 0.95
C SER C 362 20.27 -23.63 0.35
N LEU C 363 21.24 -22.97 0.96
CA LEU C 363 21.73 -21.68 0.47
C LEU C 363 22.58 -21.78 -0.77
N SER C 364 22.85 -22.97 -1.28
CA SER C 364 23.63 -23.09 -2.49
C SER C 364 22.84 -22.77 -3.75
N ILE C 365 21.55 -22.48 -3.63
CA ILE C 365 20.76 -22.12 -4.80
C ILE C 365 21.18 -20.75 -5.32
N PHE C 366 21.51 -19.82 -4.43
CA PHE C 366 21.93 -18.50 -4.84
C PHE C 366 23.40 -18.53 -5.24
N THR C 367 23.91 -17.38 -5.70
CA THR C 367 25.32 -17.20 -5.96
C THR C 367 25.88 -15.92 -5.39
N LEU C 368 25.03 -14.98 -4.97
CA LEU C 368 25.49 -13.73 -4.38
C LEU C 368 24.44 -13.26 -3.41
N MET C 369 24.78 -13.20 -2.13
CA MET C 369 23.89 -12.67 -1.12
C MET C 369 24.38 -11.29 -0.73
N ILE C 370 23.47 -10.32 -0.73
CA ILE C 370 23.78 -8.94 -0.42
C ILE C 370 22.95 -8.55 0.78
N PHE C 371 23.61 -8.33 1.90
CA PHE C 371 22.91 -7.88 3.08
C PHE C 371 22.75 -6.37 3.02
N ASP C 372 21.71 -5.88 3.69
CA ASP C 372 21.55 -4.46 3.94
C ASP C 372 21.72 -4.26 5.43
N GLU C 373 22.48 -3.22 5.80
CA GLU C 373 22.80 -2.86 7.18
C GLU C 373 23.40 -4.05 7.94
N CYS C 374 24.51 -4.56 7.41
CA CYS C 374 25.07 -5.82 7.90
C CYS C 374 25.68 -5.71 9.28
N HIS C 375 25.78 -4.50 9.85
CA HIS C 375 26.27 -4.35 11.20
C HIS C 375 25.27 -4.77 12.26
N ASN C 376 24.04 -5.10 11.87
CA ASN C 376 23.07 -5.67 12.79
C ASN C 376 23.12 -7.19 12.83
N THR C 377 24.07 -7.80 12.12
CA THR C 377 24.33 -9.23 12.29
C THR C 377 24.90 -9.45 13.68
N SER C 378 24.12 -10.08 14.54
CA SER C 378 24.35 -9.98 15.97
C SER C 378 23.96 -11.27 16.66
N LYS C 379 23.62 -11.18 17.94
CA LYS C 379 23.34 -12.33 18.79
C LYS C 379 22.28 -13.27 18.21
N GLN C 380 21.09 -12.74 17.90
CA GLN C 380 20.02 -13.60 17.42
C GLN C 380 19.25 -13.00 16.25
N HIS C 381 19.81 -12.01 15.57
CA HIS C 381 19.11 -11.32 14.49
C HIS C 381 18.98 -12.27 13.30
N PRO C 382 17.96 -12.10 12.45
CA PRO C 382 17.74 -13.07 11.35
C PRO C 382 18.87 -13.20 10.35
N TYR C 383 19.69 -12.16 10.18
CA TYR C 383 20.92 -12.30 9.41
C TYR C 383 21.83 -13.33 10.03
N ASN C 384 21.86 -13.38 11.36
CA ASN C 384 22.71 -14.38 12.01
C ASN C 384 22.13 -15.77 11.87
N MET C 385 20.81 -15.94 11.76
CA MET C 385 20.28 -17.27 11.51
C MET C 385 20.62 -17.76 10.10
N ILE C 386 20.54 -16.85 9.12
CA ILE C 386 20.95 -17.18 7.77
C ILE C 386 22.44 -17.54 7.72
N MET C 387 23.28 -16.77 8.42
CA MET C 387 24.70 -17.09 8.43
C MET C 387 25.01 -18.30 9.30
N PHE C 388 24.16 -18.64 10.27
CA PHE C 388 24.29 -19.92 10.96
C PHE C 388 24.12 -21.06 9.99
N ASN C 389 23.11 -20.96 9.12
CA ASN C 389 22.91 -22.01 8.12
C ASN C 389 24.06 -22.04 7.11
N TYR C 390 24.57 -20.87 6.76
CA TYR C 390 25.67 -20.78 5.80
C TYR C 390 26.95 -21.41 6.34
N LEU C 391 27.31 -21.10 7.58
CA LEU C 391 28.52 -21.65 8.16
C LEU C 391 28.36 -23.12 8.51
N ASP C 392 27.17 -23.54 8.94
CA ASP C 392 26.96 -24.96 9.20
C ASP C 392 26.94 -25.78 7.92
N GLN C 393 26.65 -25.15 6.78
CA GLN C 393 26.80 -25.84 5.50
C GLN C 393 28.26 -25.86 5.06
N LYS C 394 29.00 -24.78 5.33
CA LYS C 394 30.40 -24.69 4.92
C LYS C 394 31.26 -25.70 5.67
N LEU C 395 31.26 -25.61 6.99
CA LEU C 395 32.03 -26.53 7.82
C LEU C 395 31.24 -27.81 8.05
N GLY C 396 31.94 -28.94 8.05
CA GLY C 396 31.26 -30.21 8.26
C GLY C 396 30.94 -30.92 6.97
N GLY C 397 29.65 -31.10 6.69
CA GLY C 397 29.20 -31.89 5.56
C GLY C 397 29.28 -31.14 4.25
N SER C 398 30.49 -31.08 3.68
CA SER C 398 30.85 -30.24 2.54
C SER C 398 29.94 -30.39 1.33
N SER C 399 29.22 -29.33 1.01
CA SER C 399 28.33 -29.25 -0.14
C SER C 399 29.04 -28.55 -1.29
N GLY C 400 28.28 -28.22 -2.32
CA GLY C 400 28.80 -27.56 -3.51
C GLY C 400 29.15 -26.09 -3.29
N PRO C 401 29.11 -25.31 -4.36
CA PRO C 401 29.51 -23.90 -4.26
C PRO C 401 28.48 -23.08 -3.50
N LEU C 402 28.97 -22.24 -2.60
CA LEU C 402 28.34 -21.32 -1.69
C LEU C 402 28.33 -19.92 -2.27
N PRO C 403 27.37 -19.08 -1.91
CA PRO C 403 27.31 -17.74 -2.49
C PRO C 403 28.36 -16.80 -1.94
N GLN C 404 28.79 -15.88 -2.80
CA GLN C 404 29.63 -14.77 -2.37
C GLN C 404 28.81 -13.81 -1.52
N VAL C 405 29.34 -13.45 -0.35
CA VAL C 405 28.62 -12.68 0.64
C VAL C 405 29.13 -11.25 0.66
N ILE C 406 28.21 -10.30 0.67
CA ILE C 406 28.56 -8.89 0.65
C ILE C 406 27.72 -8.18 1.70
N GLY C 407 28.36 -7.38 2.54
CA GLY C 407 27.68 -6.57 3.52
C GLY C 407 27.82 -5.10 3.18
N LEU C 408 26.83 -4.30 3.58
CA LEU C 408 26.75 -2.92 3.10
C LEU C 408 26.45 -1.94 4.22
N THR C 409 27.21 -2.02 5.32
CA THR C 409 26.95 -1.14 6.45
C THR C 409 27.41 0.29 6.17
N ALA C 410 27.12 1.17 7.13
CA ALA C 410 27.62 2.53 7.14
C ALA C 410 28.44 2.86 8.38
N SER C 411 28.27 2.12 9.47
CA SER C 411 29.05 2.32 10.68
C SER C 411 29.02 1.00 11.44
N VAL C 412 30.17 0.33 11.56
CA VAL C 412 30.20 -1.04 12.05
C VAL C 412 29.91 -1.14 13.54
N GLY C 413 29.91 -0.03 14.27
CA GLY C 413 29.28 0.02 15.57
C GLY C 413 29.94 -0.74 16.69
N VAL C 414 31.06 -0.24 17.19
CA VAL C 414 31.97 -1.00 18.04
C VAL C 414 31.58 -1.00 19.52
N GLY C 415 30.36 -0.57 19.82
CA GLY C 415 29.84 -0.38 21.16
C GLY C 415 30.08 -1.45 22.21
N ASP C 416 30.11 -1.02 23.48
CA ASP C 416 30.53 -1.79 24.66
C ASP C 416 31.98 -2.26 24.55
N ALA C 417 32.81 -1.47 23.89
CA ALA C 417 34.25 -1.62 23.96
C ALA C 417 34.85 -0.44 24.73
N LYS C 418 36.11 -0.60 25.11
CA LYS C 418 36.83 0.44 25.85
C LYS C 418 38.01 0.99 25.08
N ASN C 419 38.86 0.14 24.54
CA ASN C 419 40.06 0.60 23.84
C ASN C 419 40.14 -0.01 22.45
N THR C 420 41.27 0.21 21.77
CA THR C 420 41.47 -0.30 20.42
C THR C 420 41.52 -1.82 20.39
N ASP C 421 41.91 -2.44 21.50
CA ASP C 421 41.97 -3.89 21.57
C ASP C 421 40.59 -4.51 21.49
N GLU C 422 39.64 -4.04 22.32
CA GLU C 422 38.30 -4.63 22.30
C GLU C 422 37.54 -4.27 21.03
N ALA C 423 37.84 -3.10 20.44
CA ALA C 423 37.27 -2.77 19.15
C ALA C 423 37.80 -3.68 18.05
N LEU C 424 39.09 -4.02 18.10
CA LEU C 424 39.65 -4.92 17.10
C LEU C 424 39.07 -6.31 17.25
N ASP C 425 38.90 -6.78 18.49
CA ASP C 425 38.30 -8.10 18.70
C ASP C 425 36.84 -8.12 18.25
N TYR C 426 36.09 -7.04 18.50
CA TYR C 426 34.69 -7.02 18.11
C TYR C 426 34.53 -6.94 16.60
N ILE C 427 35.35 -6.13 15.93
CA ILE C 427 35.25 -6.03 14.48
C ILE C 427 35.71 -7.31 13.81
N CYS C 428 36.74 -7.97 14.37
CA CYS C 428 37.11 -9.27 13.84
C CYS C 428 36.04 -10.32 14.11
N LYS C 429 35.30 -10.18 15.21
CA LYS C 429 34.19 -11.09 15.49
C LYS C 429 33.06 -10.91 14.49
N LEU C 430 32.71 -9.66 14.18
CA LEU C 430 31.66 -9.40 13.20
C LEU C 430 32.07 -9.88 11.80
N CYS C 431 33.30 -9.54 11.38
CA CYS C 431 33.75 -9.98 10.07
C CYS C 431 33.97 -11.48 10.00
N ALA C 432 34.12 -12.16 11.14
CA ALA C 432 34.02 -13.60 11.12
C ALA C 432 32.57 -14.06 11.05
N SER C 433 31.64 -13.28 11.57
CA SER C 433 30.24 -13.70 11.54
C SER C 433 29.59 -13.52 10.17
N LEU C 434 30.21 -12.76 9.27
CA LEU C 434 29.76 -12.65 7.89
C LEU C 434 30.55 -13.53 6.95
N ASP C 435 31.55 -14.26 7.46
CA ASP C 435 32.52 -15.02 6.67
C ASP C 435 33.17 -14.14 5.62
N ALA C 436 33.68 -13.00 6.07
CA ALA C 436 34.18 -11.97 5.18
C ALA C 436 35.65 -11.70 5.43
N SER C 437 36.29 -11.05 4.46
CA SER C 437 37.73 -10.87 4.51
C SER C 437 38.21 -9.46 4.25
N VAL C 438 37.43 -8.61 3.58
CA VAL C 438 37.86 -7.27 3.24
C VAL C 438 36.84 -6.29 3.80
N ILE C 439 37.33 -5.21 4.42
CA ILE C 439 36.49 -4.19 5.03
C ILE C 439 36.69 -2.90 4.27
N ALA C 440 36.80 -3.02 2.94
CA ALA C 440 37.15 -1.94 2.02
C ALA C 440 36.31 -0.68 2.22
N THR C 441 37.01 0.45 2.29
CA THR C 441 36.39 1.77 2.29
C THR C 441 37.27 2.70 1.47
N VAL C 442 36.75 3.88 1.18
CA VAL C 442 37.45 4.81 0.30
C VAL C 442 38.64 5.41 1.05
N LYS C 443 39.79 5.46 0.37
CA LYS C 443 41.00 6.09 0.90
C LYS C 443 41.59 7.13 -0.04
N HIS C 444 41.52 6.90 -1.35
CA HIS C 444 42.27 7.74 -2.28
C HIS C 444 41.62 9.11 -2.44
N ASN C 445 40.40 9.14 -2.95
CA ASN C 445 39.66 10.40 -3.08
C ASN C 445 38.70 10.57 -1.91
N LEU C 446 39.26 10.54 -0.71
CA LEU C 446 38.50 10.83 0.50
C LEU C 446 38.02 12.27 0.51
N GLU C 447 38.82 13.19 -0.05
CA GLU C 447 38.41 14.58 -0.20
C GLU C 447 37.27 14.73 -1.19
N GLU C 448 37.11 13.78 -2.13
CA GLU C 448 35.97 13.81 -3.03
C GLU C 448 34.70 13.38 -2.31
N LEU C 449 34.83 12.44 -1.38
CA LEU C 449 33.72 12.11 -0.48
C LEU C 449 33.38 13.30 0.40
N GLU C 450 34.40 14.05 0.84
CA GLU C 450 34.20 15.24 1.66
C GLU C 450 33.45 16.34 0.91
N GLN C 451 33.48 16.33 -0.42
CA GLN C 451 32.63 17.22 -1.20
C GLN C 451 31.15 16.87 -1.07
N VAL C 452 30.83 15.64 -0.68
CA VAL C 452 29.44 15.18 -0.62
C VAL C 452 28.90 15.28 0.80
N VAL C 453 29.51 14.55 1.72
CA VAL C 453 28.98 14.41 3.07
C VAL C 453 29.47 15.58 3.93
N TYR C 454 28.56 16.13 4.71
CA TYR C 454 28.84 17.26 5.61
C TYR C 454 28.63 16.78 7.05
N LYS C 455 29.72 16.41 7.70
CA LYS C 455 29.66 16.14 9.12
C LYS C 455 29.47 17.46 9.85
N PRO C 456 28.38 17.65 10.56
CA PRO C 456 28.08 18.97 11.15
C PRO C 456 28.86 19.20 12.43
N GLN C 457 28.80 20.44 12.89
CA GLN C 457 29.35 20.82 14.18
C GLN C 457 28.24 20.92 15.21
N LYS C 458 28.53 20.45 16.42
CA LYS C 458 27.52 20.21 17.45
C LYS C 458 27.31 21.45 18.30
N PHE C 459 26.24 21.41 19.09
CA PHE C 459 25.94 22.49 20.04
C PHE C 459 25.32 21.86 21.28
N PHE C 460 26.13 21.71 22.33
CA PHE C 460 25.65 21.13 23.57
C PHE C 460 24.96 22.19 24.42
N ARG C 461 23.87 21.80 25.08
CA ARG C 461 23.04 22.71 25.85
C ARG C 461 22.80 22.05 27.21
N LYS C 462 23.69 22.32 28.15
CA LYS C 462 23.52 21.90 29.53
C LYS C 462 22.71 22.99 30.23
N VAL C 463 21.43 22.72 30.47
CA VAL C 463 20.54 23.67 31.12
C VAL C 463 19.90 23.00 32.33
N GLU C 464 19.69 23.77 33.39
CA GLU C 464 19.37 23.22 34.70
C GLU C 464 17.87 23.26 34.95
N SER C 465 17.46 22.58 36.03
CA SER C 465 16.07 22.36 36.34
C SER C 465 15.48 23.54 37.12
N ARG C 466 14.18 23.43 37.40
CA ARG C 466 13.48 24.42 38.20
C ARG C 466 13.80 24.23 39.68
N ILE C 467 13.35 25.19 40.49
CA ILE C 467 13.59 25.21 41.93
C ILE C 467 12.28 25.23 42.71
N SER C 468 11.35 26.11 42.33
CA SER C 468 10.10 26.31 43.05
C SER C 468 9.07 25.26 42.62
N ASP C 469 9.36 24.02 42.98
CA ASP C 469 8.54 22.88 42.56
C ASP C 469 7.40 22.65 43.56
N LYS C 470 6.44 23.59 43.52
CA LYS C 470 5.19 23.41 44.26
C LYS C 470 4.39 22.25 43.70
N PHE C 471 4.49 22.01 42.40
CA PHE C 471 3.87 20.84 41.79
C PHE C 471 4.46 19.56 42.36
N LYS C 472 5.79 19.46 42.38
CA LYS C 472 6.44 18.28 42.96
C LYS C 472 6.22 18.21 44.46
N TYR C 473 6.03 19.35 45.14
CA TYR C 473 5.74 19.33 46.56
C TYR C 473 4.38 18.72 46.86
N ILE C 474 3.34 19.19 46.16
CA ILE C 474 1.99 18.65 46.33
C ILE C 474 1.93 17.20 45.90
N ILE C 475 2.55 16.87 44.76
CA ILE C 475 2.51 15.50 44.25
C ILE C 475 3.30 14.56 45.15
N ALA C 476 4.41 15.02 45.72
CA ALA C 476 5.17 14.21 46.64
C ALA C 476 4.44 14.02 47.97
N GLN C 477 3.67 15.02 48.39
CA GLN C 477 2.83 14.84 49.57
C GLN C 477 1.74 13.82 49.32
N LEU C 478 1.13 13.85 48.13
CA LEU C 478 0.15 12.83 47.77
C LEU C 478 0.77 11.43 47.70
N MET C 479 1.99 11.33 47.16
CA MET C 479 2.63 10.04 47.03
C MET C 479 3.05 9.48 48.39
N ARG C 480 3.54 10.35 49.28
CA ARG C 480 3.84 9.93 50.64
C ARG C 480 2.58 9.54 51.39
N ASP C 481 1.47 10.22 51.12
CA ASP C 481 0.19 9.91 51.76
C ASP C 481 -0.30 8.52 51.32
N THR C 482 -0.24 8.24 50.01
CA THR C 482 -0.64 6.93 49.52
C THR C 482 0.30 5.85 50.00
N GLU C 483 1.60 6.16 50.11
CA GLU C 483 2.55 5.18 50.64
C GLU C 483 2.28 4.89 52.10
N SER C 484 1.89 5.91 52.87
CA SER C 484 1.53 5.70 54.26
C SER C 484 0.27 4.86 54.40
N LEU C 485 -0.69 5.06 53.49
CA LEU C 485 -1.89 4.22 53.50
C LEU C 485 -1.58 2.77 53.15
N ALA C 486 -0.73 2.57 52.14
CA ALA C 486 -0.36 1.22 51.73
C ALA C 486 0.48 0.53 52.81
N LYS C 487 1.33 1.29 53.50
CA LYS C 487 2.10 0.74 54.60
C LYS C 487 1.22 0.46 55.81
N ARG C 488 0.15 1.24 55.98
CA ARG C 488 -0.81 0.97 57.04
C ARG C 488 -1.57 -0.33 56.76
N ILE C 489 -1.93 -0.57 55.51
CA ILE C 489 -2.66 -1.79 55.20
C ILE C 489 -1.72 -3.00 55.22
N CYS C 490 -0.55 -2.89 54.60
CA CYS C 490 0.27 -4.06 54.36
C CYS C 490 1.18 -4.41 55.53
N LYS C 491 1.87 -3.41 56.09
CA LYS C 491 2.84 -3.50 57.17
C LYS C 491 4.02 -4.42 56.86
N ASP C 492 4.23 -4.78 55.59
CA ASP C 492 5.38 -5.58 55.17
C ASP C 492 5.93 -5.06 53.85
N LEU C 493 5.55 -3.83 53.46
CA LEU C 493 5.82 -3.35 52.10
C LEU C 493 7.29 -3.01 51.91
N GLU C 494 8.00 -2.69 52.98
CA GLU C 494 9.40 -2.30 52.85
C GLU C 494 10.33 -3.48 52.65
N ASN C 495 9.86 -4.71 52.94
CA ASN C 495 10.67 -5.89 52.73
C ASN C 495 10.21 -6.74 51.56
N LEU C 496 9.05 -6.43 50.98
CA LEU C 496 8.60 -7.15 49.79
C LEU C 496 9.44 -6.78 48.57
N SER C 497 9.99 -5.58 48.56
CA SER C 497 10.85 -5.11 47.47
C SER C 497 12.31 -5.28 47.85
N GLN C 498 13.18 -5.17 46.86
CA GLN C 498 14.61 -5.25 47.10
C GLN C 498 15.37 -4.00 46.66
N ILE C 499 14.69 -3.04 46.06
CA ILE C 499 15.27 -1.73 45.80
C ILE C 499 15.00 -0.88 47.03
N GLN C 500 16.03 -0.66 47.83
CA GLN C 500 15.83 -0.09 49.16
C GLN C 500 15.65 1.42 49.09
N ASN C 501 16.65 2.13 48.56
CA ASN C 501 16.63 3.58 48.51
C ASN C 501 15.72 4.04 47.38
N ARG C 502 14.62 4.71 47.73
CA ARG C 502 13.60 5.08 46.75
C ARG C 502 13.56 6.59 46.57
N GLU C 503 13.68 7.02 45.31
CA GLU C 503 13.64 8.43 44.93
C GLU C 503 12.44 8.67 44.01
N PHE C 504 11.70 9.75 44.29
CA PHE C 504 10.51 10.09 43.51
C PHE C 504 10.89 10.53 42.10
N GLY C 505 10.18 10.02 41.11
CA GLY C 505 10.27 10.58 39.78
C GLY C 505 11.42 10.05 38.96
N THR C 506 11.70 8.77 39.03
CA THR C 506 12.74 8.16 38.21
C THR C 506 12.36 6.71 37.95
N GLN C 507 13.24 6.01 37.22
CA GLN C 507 12.99 4.61 36.94
C GLN C 507 13.27 3.73 38.14
N LYS C 508 13.96 4.24 39.16
CA LYS C 508 14.18 3.46 40.36
C LYS C 508 12.87 3.26 41.13
N TYR C 509 12.09 4.33 41.26
CA TYR C 509 10.76 4.20 41.85
C TYR C 509 9.83 3.36 40.98
N GLU C 510 10.02 3.40 39.66
CA GLU C 510 9.21 2.58 38.77
C GLU C 510 9.53 1.09 38.97
N GLN C 511 10.81 0.75 39.08
CA GLN C 511 11.19 -0.63 39.36
C GLN C 511 10.69 -1.05 40.74
N TRP C 512 10.69 -0.11 41.70
CA TRP C 512 10.19 -0.39 43.04
C TRP C 512 8.70 -0.71 43.03
N ILE C 513 7.91 0.11 42.32
CA ILE C 513 6.46 -0.07 42.32
C ILE C 513 6.08 -1.28 41.47
N VAL C 514 6.85 -1.60 40.43
CA VAL C 514 6.57 -2.79 39.64
C VAL C 514 6.90 -4.04 40.45
N THR C 515 7.99 -4.00 41.23
CA THR C 515 8.35 -5.17 42.03
C THR C 515 7.38 -5.39 43.18
N VAL C 516 6.88 -4.31 43.79
CA VAL C 516 5.91 -4.54 44.86
C VAL C 516 4.54 -4.92 44.28
N GLN C 517 4.24 -4.52 43.03
CA GLN C 517 3.02 -5.01 42.38
C GLN C 517 3.12 -6.49 42.08
N LYS C 518 4.29 -6.95 41.64
CA LYS C 518 4.47 -8.37 41.40
C LYS C 518 4.50 -9.16 42.70
N ALA C 519 4.91 -8.53 43.79
CA ALA C 519 4.96 -9.23 45.07
C ALA C 519 3.64 -9.23 45.81
N CYS C 520 2.74 -8.29 45.50
CA CYS C 520 1.51 -8.17 46.27
C CYS C 520 0.48 -9.23 45.89
N MET C 521 0.48 -9.66 44.63
CA MET C 521 -0.54 -10.60 44.18
C MET C 521 -0.33 -12.00 44.75
N VAL C 522 0.91 -12.37 45.04
CA VAL C 522 1.24 -13.74 45.40
C VAL C 522 1.04 -13.87 46.90
N PHE C 523 -0.20 -14.17 47.30
CA PHE C 523 -0.53 -14.41 48.70
C PHE C 523 -1.55 -15.53 48.81
N GLN C 524 -1.15 -16.62 49.43
CA GLN C 524 -2.03 -17.74 49.77
C GLN C 524 -2.32 -17.67 51.26
N MET C 525 -3.60 -17.51 51.61
CA MET C 525 -3.99 -17.34 53.00
C MET C 525 -5.32 -18.02 53.21
N PRO C 526 -5.65 -18.46 54.46
CA PRO C 526 -6.95 -19.09 54.73
C PRO C 526 -8.08 -18.11 55.02
N ASP C 527 -8.18 -17.07 54.18
CA ASP C 527 -9.28 -16.10 54.23
C ASP C 527 -9.52 -15.66 52.79
N LYS C 528 -10.48 -16.31 52.15
CA LYS C 528 -10.71 -16.11 50.71
C LYS C 528 -11.40 -14.79 50.40
N ASP C 529 -11.94 -14.10 51.41
CA ASP C 529 -12.40 -12.74 51.20
C ASP C 529 -11.31 -11.72 51.51
N GLU C 530 -10.46 -12.01 52.50
CA GLU C 530 -9.45 -11.04 52.89
C GLU C 530 -8.31 -10.96 51.87
N GLU C 531 -8.00 -12.06 51.18
CA GLU C 531 -7.02 -12.00 50.09
C GLU C 531 -7.52 -11.11 48.97
N SER C 532 -8.83 -11.19 48.67
CA SER C 532 -9.43 -10.34 47.66
C SER C 532 -9.39 -8.89 48.09
N ARG C 533 -9.74 -8.62 49.36
CA ARG C 533 -9.77 -7.24 49.86
C ARG C 533 -8.38 -6.61 49.88
N ILE C 534 -7.39 -7.34 50.40
CA ILE C 534 -6.03 -6.84 50.49
C ILE C 534 -5.43 -6.64 49.10
N CYS C 535 -5.62 -7.61 48.20
CA CYS C 535 -5.05 -7.49 46.87
C CYS C 535 -5.73 -6.40 46.05
N LYS C 536 -7.05 -6.19 46.23
CA LYS C 536 -7.73 -5.13 45.51
C LYS C 536 -7.28 -3.76 46.00
N ALA C 537 -7.14 -3.60 47.33
CA ALA C 537 -6.66 -2.35 47.88
C ALA C 537 -5.23 -2.05 47.44
N LEU C 538 -4.37 -3.08 47.46
CA LEU C 538 -2.99 -2.88 47.04
C LEU C 538 -2.89 -2.62 45.55
N PHE C 539 -3.77 -3.23 44.75
CA PHE C 539 -3.79 -2.96 43.31
C PHE C 539 -4.15 -1.50 43.03
N LEU C 540 -5.18 -0.99 43.70
CA LEU C 540 -5.58 0.39 43.49
C LEU C 540 -4.53 1.37 43.98
N TYR C 541 -3.94 1.11 45.16
CA TYR C 541 -2.94 2.01 45.72
C TYR C 541 -1.66 2.01 44.87
N THR C 542 -1.20 0.85 44.47
CA THR C 542 0.05 0.77 43.72
C THR C 542 -0.13 1.27 42.29
N SER C 543 -1.31 1.08 41.69
CA SER C 543 -1.53 1.63 40.36
C SER C 543 -1.61 3.15 40.41
N HIS C 544 -2.21 3.70 41.46
CA HIS C 544 -2.22 5.15 41.60
C HIS C 544 -0.82 5.69 41.85
N LEU C 545 0.00 4.95 42.62
CA LEU C 545 1.38 5.36 42.85
C LEU C 545 2.20 5.33 41.57
N ARG C 546 2.00 4.30 40.75
CA ARG C 546 2.72 4.18 39.49
C ARG C 546 2.30 5.28 38.52
N LYS C 547 1.01 5.64 38.53
CA LYS C 547 0.57 6.74 37.68
C LYS C 547 1.10 8.08 38.17
N TYR C 548 1.24 8.24 39.49
CA TYR C 548 1.84 9.45 40.03
C TYR C 548 3.31 9.57 39.66
N ASN C 549 4.03 8.44 39.73
CA ASN C 549 5.45 8.44 39.38
C ASN C 549 5.66 8.75 37.90
N ASP C 550 4.81 8.19 37.04
CA ASP C 550 4.94 8.50 35.62
C ASP C 550 4.47 9.91 35.30
N ALA C 551 3.52 10.45 36.08
CA ALA C 551 3.16 11.85 35.93
C ALA C 551 4.31 12.76 36.32
N LEU C 552 5.05 12.38 37.36
CA LEU C 552 6.24 13.14 37.75
C LEU C 552 7.31 13.08 36.67
N ILE C 553 7.51 11.93 36.05
CA ILE C 553 8.52 11.80 35.01
C ILE C 553 8.12 12.58 33.77
N ILE C 554 6.84 12.56 33.40
CA ILE C 554 6.36 13.32 32.25
C ILE C 554 6.47 14.81 32.50
N SER C 555 6.06 15.26 33.70
CA SER C 555 6.14 16.68 34.04
C SER C 555 7.57 17.18 34.19
N GLU C 556 8.53 16.28 34.43
CA GLU C 556 9.92 16.70 34.51
C GLU C 556 10.53 16.97 33.14
N HIS C 557 9.89 16.52 32.07
CA HIS C 557 10.41 16.73 30.72
C HIS C 557 9.49 17.56 29.83
N ALA C 558 8.24 17.78 30.23
CA ALA C 558 7.33 18.60 29.44
C ALA C 558 6.57 19.58 30.32
N ARG C 559 5.58 20.27 29.76
CA ARG C 559 4.80 21.24 30.51
C ARG C 559 3.95 20.55 31.57
N MET C 560 3.59 21.32 32.59
CA MET C 560 2.73 20.80 33.64
C MET C 560 1.33 20.53 33.16
N LYS C 561 0.88 21.24 32.11
CA LYS C 561 -0.46 21.03 31.57
C LYS C 561 -0.61 19.64 30.97
N ASP C 562 0.47 19.10 30.39
CA ASP C 562 0.41 17.78 29.77
C ASP C 562 0.23 16.69 30.81
N ALA C 563 1.02 16.76 31.89
CA ALA C 563 0.84 15.86 33.01
C ALA C 563 -0.50 16.06 33.70
N LEU C 564 -1.04 17.29 33.67
CA LEU C 564 -2.33 17.56 34.27
C LEU C 564 -3.47 16.89 33.51
N ASP C 565 -3.47 17.03 32.17
CA ASP C 565 -4.52 16.36 31.41
C ASP C 565 -4.35 14.85 31.43
N TYR C 566 -3.10 14.38 31.51
CA TYR C 566 -2.82 12.96 31.70
C TYR C 566 -3.43 12.44 33.00
N LEU C 567 -3.15 13.13 34.11
CA LEU C 567 -3.68 12.75 35.42
C LEU C 567 -5.20 12.84 35.45
N LYS C 568 -5.76 13.87 34.83
CA LYS C 568 -7.20 14.09 34.93
C LYS C 568 -7.98 13.08 34.11
N ASP C 569 -7.49 12.73 32.91
CA ASP C 569 -8.21 11.72 32.16
C ASP C 569 -7.97 10.33 32.75
N PHE C 570 -6.83 10.11 33.42
CA PHE C 570 -6.66 8.87 34.18
C PHE C 570 -7.67 8.77 35.31
N PHE C 571 -7.86 9.85 36.07
CA PHE C 571 -8.80 9.81 37.19
C PHE C 571 -10.24 9.68 36.73
N SER C 572 -10.58 10.31 35.60
CA SER C 572 -11.93 10.14 35.07
C SER C 572 -12.15 8.74 34.54
N ASN C 573 -11.13 8.16 33.88
CA ASN C 573 -11.29 6.81 33.35
C ASN C 573 -11.32 5.74 34.42
N VAL C 574 -10.76 5.99 35.60
CA VAL C 574 -10.87 5.04 36.70
C VAL C 574 -12.09 5.31 37.57
N ARG C 575 -12.57 6.56 37.63
CA ARG C 575 -13.78 6.86 38.38
C ARG C 575 -14.99 6.18 37.76
N ALA C 576 -15.08 6.17 36.43
CA ALA C 576 -16.13 5.45 35.73
C ALA C 576 -15.90 3.94 35.68
N ALA C 577 -14.70 3.47 36.05
CA ALA C 577 -14.41 2.04 35.96
C ALA C 577 -15.13 1.26 37.05
N GLY C 578 -14.87 1.61 38.30
CA GLY C 578 -15.49 0.91 39.41
C GLY C 578 -15.45 1.73 40.69
N PHE C 579 -16.56 1.75 41.41
CA PHE C 579 -16.66 2.56 42.63
C PHE C 579 -16.17 1.75 43.82
N ASP C 580 -15.28 2.36 44.59
CA ASP C 580 -14.83 1.81 45.86
C ASP C 580 -14.56 2.98 46.78
N GLU C 581 -14.68 2.71 48.10
CA GLU C 581 -14.35 3.72 49.09
C GLU C 581 -12.86 4.07 49.04
N ILE C 582 -12.02 3.10 48.64
CA ILE C 582 -10.62 3.41 48.34
C ILE C 582 -10.54 4.34 47.13
N GLU C 583 -11.29 4.03 46.07
CA GLU C 583 -11.21 4.83 44.87
C GLU C 583 -11.85 6.20 45.08
N GLN C 584 -12.97 6.25 45.78
CA GLN C 584 -13.58 7.53 46.14
C GLN C 584 -12.67 8.35 47.03
N ASP C 585 -11.96 7.67 47.94
CA ASP C 585 -11.00 8.33 48.80
C ASP C 585 -9.88 8.97 48.00
N LEU C 586 -9.29 8.21 47.07
CA LEU C 586 -8.15 8.71 46.33
C LEU C 586 -8.55 9.82 45.34
N THR C 587 -9.72 9.69 44.73
CA THR C 587 -10.19 10.74 43.81
C THR C 587 -10.55 12.00 44.58
N GLN C 588 -11.14 11.87 45.77
CA GLN C 588 -11.44 13.02 46.60
C GLN C 588 -10.16 13.71 47.08
N ARG C 589 -9.15 12.92 47.46
CA ARG C 589 -7.87 13.48 47.89
C ARG C 589 -7.16 14.19 46.76
N PHE C 590 -7.31 13.71 45.53
CA PHE C 590 -6.70 14.44 44.42
C PHE C 590 -7.48 15.69 44.05
N GLU C 591 -8.81 15.59 43.98
CA GLU C 591 -9.60 16.74 43.58
C GLU C 591 -9.70 17.82 44.65
N GLU C 592 -9.30 17.51 45.89
CA GLU C 592 -9.11 18.57 46.87
C GLU C 592 -7.92 19.45 46.53
N LYS C 593 -6.90 18.89 45.88
CA LYS C 593 -5.70 19.64 45.51
C LYS C 593 -5.68 20.03 44.04
N LEU C 594 -6.68 19.59 43.27
CA LEU C 594 -6.69 19.79 41.83
C LEU C 594 -6.71 21.27 41.45
N GLN C 595 -7.51 22.08 42.14
CA GLN C 595 -7.57 23.50 41.81
C GLN C 595 -6.30 24.23 42.23
N GLU C 596 -5.65 23.79 43.31
CA GLU C 596 -4.35 24.32 43.67
C GLU C 596 -3.32 24.03 42.59
N LEU C 597 -3.35 22.81 42.05
CA LEU C 597 -2.43 22.43 40.99
C LEU C 597 -2.70 23.20 39.71
N GLU C 598 -3.97 23.46 39.39
CA GLU C 598 -4.28 24.26 38.22
C GLU C 598 -3.89 25.72 38.40
N SER C 599 -3.95 26.23 39.64
CA SER C 599 -3.56 27.62 39.86
C SER C 599 -2.05 27.79 39.76
N VAL C 600 -1.28 26.88 40.33
CA VAL C 600 0.17 27.02 40.28
C VAL C 600 0.71 26.67 38.90
N SER C 601 0.12 25.67 38.23
CA SER C 601 0.71 25.13 37.02
C SER C 601 0.55 26.07 35.83
N ARG C 602 -0.61 26.72 35.69
CA ARG C 602 -0.86 27.61 34.56
C ARG C 602 -0.33 29.02 34.84
N ASP C 603 0.98 29.09 35.08
CA ASP C 603 1.65 30.33 35.41
C ASP C 603 2.86 30.46 34.50
N PRO C 604 2.94 31.50 33.68
CA PRO C 604 4.09 31.64 32.76
C PRO C 604 5.42 31.92 33.45
N SER C 605 5.42 32.22 34.74
CA SER C 605 6.68 32.35 35.46
C SER C 605 7.30 30.98 35.76
N ASN C 606 6.47 29.95 35.87
CA ASN C 606 6.95 28.59 36.12
C ASN C 606 7.04 27.82 34.80
N GLU C 607 7.96 28.27 33.96
CA GLU C 607 8.13 27.74 32.61
C GLU C 607 9.22 26.66 32.62
N ASN C 608 8.98 25.60 31.84
CA ASN C 608 9.96 24.55 31.62
C ASN C 608 11.20 25.12 30.96
N PRO C 609 12.36 25.09 31.62
CA PRO C 609 13.52 25.84 31.10
C PRO C 609 14.12 25.24 29.84
N LYS C 610 14.19 23.92 29.76
CA LYS C 610 14.70 23.26 28.57
C LYS C 610 13.80 23.51 27.36
N LEU C 611 12.49 23.54 27.58
CA LEU C 611 11.53 23.80 26.51
C LEU C 611 11.63 25.24 26.00
N GLU C 612 11.78 26.20 26.91
CA GLU C 612 11.88 27.58 26.45
C GLU C 612 13.24 27.88 25.84
N ASP C 613 14.29 27.17 26.24
CA ASP C 613 15.57 27.31 25.54
C ASP C 613 15.50 26.71 24.15
N LEU C 614 14.75 25.61 24.00
CA LEU C 614 14.44 25.09 22.66
C LEU C 614 13.70 26.11 21.83
N CYS C 615 12.73 26.81 22.42
CA CYS C 615 11.98 27.84 21.71
C CYS C 615 12.88 29.00 21.30
N PHE C 616 13.82 29.36 22.18
CA PHE C 616 14.78 30.43 21.88
C PHE C 616 15.68 30.05 20.72
N ILE C 617 16.18 28.80 20.71
CA ILE C 617 17.01 28.31 19.60
C ILE C 617 16.21 28.25 18.30
N LEU C 618 14.95 27.82 18.39
CA LEU C 618 14.04 27.76 17.25
C LEU C 618 13.85 29.14 16.62
N GLN C 619 13.59 30.14 17.45
CA GLN C 619 13.35 31.48 16.93
C GLN C 619 14.63 32.13 16.42
N GLU C 620 15.77 31.87 17.07
CA GLU C 620 17.02 32.48 16.59
C GLU C 620 17.45 31.89 15.25
N GLU C 621 17.35 30.56 15.10
CA GLU C 621 17.70 29.95 13.82
C GLU C 621 16.70 30.34 12.73
N TYR C 622 15.40 30.34 13.04
CA TYR C 622 14.41 30.65 12.02
C TYR C 622 14.40 32.14 11.66
N HIS C 623 14.92 33.00 12.53
CA HIS C 623 15.07 34.40 12.15
C HIS C 623 16.39 34.66 11.43
N LEU C 624 17.42 33.85 11.71
CA LEU C 624 18.63 33.92 10.89
C LEU C 624 18.36 33.40 9.48
N ASN C 625 17.82 32.18 9.39
CA ASN C 625 17.41 31.60 8.11
C ASN C 625 15.94 31.22 8.18
N PRO C 626 15.06 31.88 7.44
CA PRO C 626 13.65 31.48 7.40
C PRO C 626 13.33 30.34 6.44
N GLU C 627 14.33 29.61 5.97
CA GLU C 627 14.15 28.51 5.03
C GLU C 627 14.57 27.17 5.59
N THR C 628 15.07 27.11 6.82
CA THR C 628 15.57 25.87 7.39
C THR C 628 14.41 24.97 7.81
N ILE C 629 14.74 23.71 8.08
CA ILE C 629 13.78 22.74 8.60
C ILE C 629 14.41 21.99 9.77
N THR C 630 13.55 21.54 10.69
CA THR C 630 13.94 20.82 11.89
C THR C 630 13.23 19.47 11.93
N ILE C 631 13.96 18.45 12.35
CA ILE C 631 13.45 17.07 12.36
C ILE C 631 13.50 16.53 13.77
N LEU C 632 13.20 17.39 14.74
CA LEU C 632 13.41 17.25 16.18
C LEU C 632 13.05 15.89 16.74
N PHE C 633 14.03 15.22 17.35
CA PHE C 633 13.89 13.87 17.87
C PHE C 633 13.59 13.93 19.36
N VAL C 634 12.60 13.15 19.80
CA VAL C 634 12.20 13.11 21.20
C VAL C 634 12.29 11.65 21.64
N LYS C 635 12.31 11.43 22.95
CA LYS C 635 12.47 10.09 23.49
C LYS C 635 11.19 9.27 23.39
N THR C 636 10.07 9.82 23.85
CA THR C 636 8.85 9.06 24.05
C THR C 636 7.71 9.71 23.27
N ARG C 637 6.79 8.88 22.78
CA ARG C 637 5.70 9.36 21.92
C ARG C 637 4.72 10.26 22.65
N ALA C 638 4.53 10.04 23.95
CA ALA C 638 3.71 10.95 24.75
C ALA C 638 4.33 12.33 24.80
N LEU C 639 5.66 12.39 24.92
CA LEU C 639 6.36 13.67 24.87
C LEU C 639 6.32 14.27 23.46
N VAL C 640 6.24 13.43 22.42
CA VAL C 640 6.08 13.94 21.05
C VAL C 640 4.74 14.66 20.91
N ASP C 641 3.65 14.00 21.34
CA ASP C 641 2.33 14.62 21.21
C ASP C 641 2.18 15.81 22.14
N ALA C 642 2.80 15.76 23.32
CA ALA C 642 2.77 16.90 24.23
C ALA C 642 3.55 18.08 23.68
N LEU C 643 4.64 17.83 22.97
CA LEU C 643 5.40 18.92 22.39
C LEU C 643 4.67 19.52 21.19
N LYS C 644 3.91 18.69 20.46
CA LYS C 644 3.04 19.24 19.42
C LYS C 644 1.91 20.07 20.02
N ASN C 645 1.38 19.63 21.17
CA ASN C 645 0.38 20.39 21.89
C ASN C 645 0.93 21.72 22.39
N TRP C 646 2.23 21.75 22.72
CA TRP C 646 2.86 23.01 23.11
C TRP C 646 3.08 23.92 21.92
N ILE C 647 3.55 23.38 20.80
CA ILE C 647 3.83 24.21 19.63
C ILE C 647 2.53 24.73 19.01
N GLU C 648 1.39 24.07 19.25
CA GLU C 648 0.12 24.70 18.94
C GLU C 648 -0.25 25.75 19.98
N GLY C 649 0.07 25.50 21.25
CA GLY C 649 -0.29 26.41 22.32
C GLY C 649 0.76 27.47 22.60
N ASN C 650 1.58 27.77 21.59
CA ASN C 650 2.54 28.86 21.66
C ASN C 650 2.15 29.90 20.64
N PRO C 651 1.76 31.11 21.05
CA PRO C 651 1.29 32.10 20.06
C PRO C 651 2.42 32.70 19.25
N LYS C 652 3.64 32.73 19.80
CA LYS C 652 4.79 33.27 19.08
C LYS C 652 5.13 32.41 17.86
N LEU C 653 4.99 31.10 17.99
CA LEU C 653 5.35 30.17 16.92
C LEU C 653 4.12 29.87 16.04
N SER C 654 3.54 30.95 15.51
CA SER C 654 2.43 30.80 14.58
C SER C 654 2.88 30.32 13.21
N PHE C 655 4.17 30.47 12.91
CA PHE C 655 4.71 30.25 11.57
C PHE C 655 5.22 28.81 11.37
N LEU C 656 4.80 27.87 12.20
CA LEU C 656 5.34 26.52 12.16
C LEU C 656 4.23 25.50 11.91
N LYS C 657 4.63 24.37 11.34
CA LYS C 657 3.72 23.25 11.09
C LYS C 657 4.36 21.96 11.57
N PRO C 658 3.87 21.37 12.67
CA PRO C 658 4.47 20.13 13.17
C PRO C 658 4.05 18.93 12.35
N GLY C 659 4.85 17.87 12.48
CA GLY C 659 4.58 16.63 11.76
C GLY C 659 4.87 15.45 12.65
N ILE C 660 4.08 14.39 12.45
CA ILE C 660 4.11 13.20 13.29
C ILE C 660 4.55 12.01 12.46
N LEU C 661 5.45 11.21 13.02
CA LEU C 661 6.01 10.05 12.32
C LEU C 661 6.44 8.98 13.32
N ASP C 690 6.04 21.35 2.38
CA ASP C 690 4.74 21.15 3.01
C ASP C 690 4.85 21.23 4.52
N HIS C 691 6.08 21.16 5.03
CA HIS C 691 6.29 21.16 6.46
C HIS C 691 7.56 21.91 6.82
N ASN C 692 7.58 22.46 8.04
CA ASN C 692 8.74 23.17 8.58
C ASN C 692 9.44 22.36 9.66
N ILE C 693 8.68 21.78 10.60
CA ILE C 693 9.24 21.07 11.73
C ILE C 693 8.62 19.67 11.78
N LEU C 694 9.47 18.66 11.95
CA LEU C 694 9.03 17.30 12.18
C LEU C 694 9.39 16.85 13.60
N ILE C 695 8.44 16.17 14.23
CA ILE C 695 8.63 15.62 15.57
C ILE C 695 8.52 14.11 15.40
N ALA C 696 9.65 13.44 15.25
CA ALA C 696 9.68 12.01 15.00
C ALA C 696 10.63 11.33 15.97
N THR C 697 10.22 10.19 16.51
CA THR C 697 11.00 9.50 17.52
C THR C 697 11.55 8.18 16.97
N SER C 698 12.88 8.06 16.96
CA SER C 698 13.63 6.84 16.66
C SER C 698 13.32 6.28 15.27
N VAL C 699 13.61 7.10 14.27
CA VAL C 699 13.37 6.70 12.89
C VAL C 699 14.41 5.67 12.45
N CYS C 709 17.91 18.02 5.28
CA CYS C 709 17.50 18.88 6.38
C CYS C 709 18.58 19.89 6.71
N ASN C 710 18.35 20.72 7.73
CA ASN C 710 19.38 21.65 8.18
C ASN C 710 19.54 21.74 9.69
N LEU C 711 18.69 21.11 10.50
CA LEU C 711 18.81 21.21 11.95
C LEU C 711 18.24 19.96 12.59
N VAL C 712 19.08 19.23 13.33
CA VAL C 712 18.81 17.87 13.77
C VAL C 712 18.75 17.88 15.30
N ILE C 713 18.02 18.86 15.84
CA ILE C 713 17.89 19.05 17.28
C ILE C 713 17.43 17.78 17.98
N LEU C 714 18.16 17.36 19.01
CA LEU C 714 17.87 16.16 19.78
C LEU C 714 17.38 16.58 21.17
N TYR C 715 16.07 16.50 21.38
CA TYR C 715 15.48 16.84 22.67
C TYR C 715 15.71 15.69 23.64
N GLU C 716 16.92 15.67 24.21
CA GLU C 716 17.38 14.69 25.20
C GLU C 716 17.30 13.26 24.66
N TYR C 717 18.10 13.00 23.64
CA TYR C 717 18.07 11.74 22.91
C TYR C 717 19.45 11.09 22.97
N VAL C 718 19.57 10.04 23.77
CA VAL C 718 20.84 9.32 23.90
C VAL C 718 20.79 8.03 23.10
N ARG C 734 25.80 21.02 4.43
CA ARG C 734 25.67 22.38 3.92
C ARG C 734 24.70 23.18 4.78
N GLY C 735 25.24 23.94 5.73
CA GLY C 735 24.42 24.73 6.63
C GLY C 735 23.65 23.91 7.64
N SER C 736 24.27 22.88 8.21
CA SER C 736 23.60 21.94 9.09
C SER C 736 24.26 21.95 10.46
N LYS C 737 23.44 22.07 11.50
CA LYS C 737 23.88 22.02 12.89
C LYS C 737 22.99 21.05 13.65
N CYS C 738 23.54 20.48 14.73
CA CYS C 738 22.78 19.61 15.61
C CYS C 738 22.98 20.05 17.04
N PHE C 739 21.89 20.14 17.79
CA PHE C 739 21.94 20.52 19.18
C PHE C 739 21.76 19.29 20.07
N LEU C 740 22.02 19.48 21.36
CA LEU C 740 21.74 18.43 22.35
C LEU C 740 21.33 19.11 23.64
N LEU C 741 20.03 19.13 23.90
CA LEU C 741 19.48 19.78 25.10
C LEU C 741 19.36 18.75 26.21
N THR C 742 19.89 19.07 27.39
CA THR C 742 19.79 18.12 28.49
C THR C 742 19.50 18.84 29.79
N SER C 743 18.93 18.10 30.73
CA SER C 743 18.76 18.54 32.09
C SER C 743 19.64 17.77 33.06
N ASN C 744 20.51 16.91 32.54
CA ASN C 744 21.40 16.09 33.37
C ASN C 744 22.79 16.11 32.76
N ALA C 745 23.76 16.58 33.52
CA ALA C 745 25.14 16.63 33.07
C ALA C 745 25.74 15.23 33.20
N GLY C 746 26.21 14.69 32.08
CA GLY C 746 26.75 13.36 32.08
C GLY C 746 26.33 12.59 30.84
N VAL C 747 25.23 13.03 30.22
CA VAL C 747 24.93 12.51 28.90
C VAL C 747 25.75 13.23 27.85
N ILE C 748 26.25 14.43 28.16
CA ILE C 748 27.30 15.04 27.37
C ILE C 748 28.59 14.22 27.51
N GLU C 749 28.84 13.68 28.70
CA GLU C 749 29.94 12.74 28.88
C GLU C 749 29.73 11.48 28.06
N LYS C 750 28.48 11.01 27.96
CA LYS C 750 28.19 9.88 27.07
C LYS C 750 28.40 10.24 25.61
N GLU C 751 28.12 11.48 25.22
CA GLU C 751 28.39 11.88 23.84
C GLU C 751 29.89 11.97 23.57
N GLN C 752 30.67 12.43 24.55
CA GLN C 752 32.11 12.49 24.37
C GLN C 752 32.71 11.09 24.34
N ILE C 753 32.18 10.18 25.15
CA ILE C 753 32.54 8.76 25.08
C ILE C 753 32.18 8.19 23.73
N ASN C 754 31.05 8.63 23.16
CA ASN C 754 30.64 8.19 21.83
C ASN C 754 31.58 8.70 20.75
N MET C 755 32.02 9.95 20.86
CA MET C 755 32.98 10.49 19.90
C MET C 755 34.32 9.78 20.00
N TYR C 756 34.73 9.46 21.24
CA TYR C 756 35.94 8.67 21.45
C TYR C 756 35.81 7.28 20.86
N LYS C 757 34.62 6.68 20.96
CA LYS C 757 34.36 5.39 20.35
C LYS C 757 34.41 5.47 18.83
N GLU C 758 33.94 6.58 18.26
CA GLU C 758 33.96 6.75 16.81
C GLU C 758 35.38 6.87 16.29
N LYS C 759 36.21 7.67 16.97
CA LYS C 759 37.63 7.75 16.64
C LYS C 759 38.32 6.40 16.83
N MET C 760 37.93 5.67 17.88
CA MET C 760 38.47 4.35 18.14
C MET C 760 38.08 3.35 17.05
N MET C 761 36.86 3.46 16.54
CA MET C 761 36.40 2.57 15.47
C MET C 761 37.15 2.82 14.18
N ASN C 762 37.34 4.10 13.82
CA ASN C 762 38.12 4.41 12.63
C ASN C 762 39.57 3.97 12.77
N ASP C 763 40.15 4.13 13.96
CA ASP C 763 41.50 3.64 14.20
C ASP C 763 41.57 2.12 14.16
N SER C 764 40.50 1.45 14.60
CA SER C 764 40.51 -0.01 14.62
C SER C 764 40.39 -0.59 13.22
N ILE C 765 39.53 0.00 12.38
CA ILE C 765 39.44 -0.51 11.01
C ILE C 765 40.69 -0.13 10.22
N LEU C 766 41.31 1.01 10.53
CA LEU C 766 42.56 1.35 9.85
C LEU C 766 43.73 0.51 10.35
N ARG C 767 43.62 -0.03 11.55
CA ARG C 767 44.62 -1.00 11.99
C ARG C 767 44.42 -2.35 11.32
N LEU C 768 43.18 -2.80 11.20
CA LEU C 768 42.92 -4.12 10.64
C LEU C 768 43.14 -4.13 9.13
N GLN C 769 42.92 -3.00 8.46
CA GLN C 769 42.96 -2.95 7.00
C GLN C 769 44.37 -3.12 6.44
N THR C 770 45.40 -2.90 7.26
CA THR C 770 46.78 -3.08 6.84
C THR C 770 47.34 -4.45 7.14
N TRP C 771 46.49 -5.41 7.52
CA TRP C 771 46.97 -6.74 7.83
C TRP C 771 47.31 -7.51 6.55
N ASP C 772 47.86 -8.69 6.76
CA ASP C 772 47.96 -9.69 5.71
C ASP C 772 46.59 -10.39 5.58
N GLU C 773 46.41 -11.14 4.50
CA GLU C 773 45.12 -11.78 4.27
C GLU C 773 45.02 -13.18 4.86
N ALA C 774 46.10 -13.97 4.79
CA ALA C 774 46.01 -15.38 5.15
C ALA C 774 45.92 -15.57 6.65
N VAL C 775 46.69 -14.80 7.42
CA VAL C 775 46.59 -14.86 8.88
C VAL C 775 45.22 -14.37 9.34
N PHE C 776 44.64 -13.41 8.62
CA PHE C 776 43.30 -12.95 8.92
C PHE C 776 42.26 -14.03 8.67
N ARG C 777 42.43 -14.78 7.57
CA ARG C 777 41.45 -15.83 7.27
C ARG C 777 41.60 -17.02 8.20
N GLU C 778 42.82 -17.32 8.65
CA GLU C 778 43.01 -18.32 9.70
C GLU C 778 42.36 -17.87 11.01
N LYS C 779 42.51 -16.59 11.35
CA LYS C 779 41.96 -16.05 12.59
C LYS C 779 40.44 -16.13 12.59
N ILE C 780 39.81 -15.70 11.49
CA ILE C 780 38.36 -15.74 11.44
C ILE C 780 37.87 -17.19 11.32
N LEU C 781 38.68 -18.09 10.76
CA LEU C 781 38.29 -19.49 10.72
C LEU C 781 38.26 -20.09 12.12
N HIS C 782 39.24 -19.78 12.95
CA HIS C 782 39.20 -20.30 14.31
C HIS C 782 38.13 -19.62 15.15
N ILE C 783 37.82 -18.34 14.87
CA ILE C 783 36.71 -17.70 15.58
C ILE C 783 35.39 -18.36 15.20
N GLN C 784 35.21 -18.68 13.92
CA GLN C 784 33.98 -19.33 13.48
C GLN C 784 33.88 -20.76 14.00
N THR C 785 35.01 -21.47 14.07
CA THR C 785 34.98 -22.83 14.58
C THR C 785 34.69 -22.84 16.08
N HIS C 786 35.25 -21.87 16.82
CA HIS C 786 34.98 -21.76 18.24
C HIS C 786 33.52 -21.37 18.50
N GLU C 787 32.98 -20.47 17.68
CA GLU C 787 31.58 -20.07 17.88
C GLU C 787 30.62 -21.17 17.48
N LYS C 788 30.96 -21.97 16.48
CA LYS C 788 30.14 -23.13 16.14
C LYS C 788 30.23 -24.18 17.23
N PHE C 789 31.40 -24.34 17.86
CA PHE C 789 31.55 -25.31 18.93
C PHE C 789 30.74 -24.90 20.16
N ILE C 790 30.70 -23.61 20.47
CA ILE C 790 29.81 -23.14 21.54
C ILE C 790 28.36 -23.30 21.12
N ARG C 791 28.07 -23.15 19.83
CA ARG C 791 26.70 -23.24 19.33
C ARG C 791 26.13 -24.65 19.43
N ASP C 792 26.97 -25.68 19.44
CA ASP C 792 26.52 -27.07 19.37
C ASP C 792 26.76 -27.84 20.66
N SER C 793 26.64 -27.18 21.82
CA SER C 793 26.81 -27.90 23.08
C SER C 793 25.79 -27.58 24.15
N GLN C 794 24.98 -26.52 24.02
CA GLN C 794 24.07 -26.11 25.09
C GLN C 794 22.63 -25.94 24.63
N GLU C 795 22.32 -26.24 23.38
CA GLU C 795 21.08 -25.81 22.73
C GLU C 795 19.95 -26.83 22.93
N LYS C 796 19.73 -27.23 24.18
CA LYS C 796 18.67 -28.19 24.51
C LYS C 796 17.76 -27.59 25.59
N PRO C 797 16.96 -26.56 25.24
CA PRO C 797 16.06 -25.94 26.21
C PRO C 797 14.69 -26.63 26.24
N LYS C 798 14.70 -27.96 26.36
CA LYS C 798 13.50 -28.76 26.21
C LYS C 798 12.75 -28.83 27.53
N PRO C 799 11.60 -28.18 27.66
CA PRO C 799 10.89 -28.15 28.95
C PRO C 799 10.01 -29.38 29.12
N VAL C 800 9.32 -29.42 30.25
CA VAL C 800 8.43 -30.54 30.60
C VAL C 800 6.99 -30.03 30.62
N PRO C 801 6.09 -30.61 29.82
CA PRO C 801 4.67 -30.30 29.98
C PRO C 801 4.15 -30.89 31.27
N ASP C 802 3.48 -30.07 32.06
CA ASP C 802 3.00 -30.49 33.37
C ASP C 802 1.59 -31.03 33.28
N LYS C 803 1.32 -32.08 34.06
CA LYS C 803 0.03 -32.75 34.03
C LYS C 803 -0.88 -32.33 35.18
N GLU C 804 -0.40 -31.46 36.06
CA GLU C 804 -1.20 -31.04 37.20
C GLU C 804 -2.29 -30.06 36.76
N ASN C 805 -3.50 -30.29 37.25
CA ASN C 805 -4.55 -29.30 37.08
C ASN C 805 -4.23 -28.07 37.91
N LYS C 806 -4.68 -26.92 37.44
CA LYS C 806 -4.44 -25.65 38.12
C LYS C 806 -5.71 -24.82 38.05
N LYS C 807 -5.69 -23.66 38.67
CA LYS C 807 -6.77 -22.70 38.57
C LYS C 807 -6.20 -21.35 38.12
N LEU C 808 -7.10 -20.53 37.56
CA LEU C 808 -6.73 -19.20 37.07
C LEU C 808 -7.55 -18.17 37.81
N LEU C 809 -6.88 -17.33 38.59
CA LEU C 809 -7.54 -16.27 39.32
C LEU C 809 -7.35 -14.95 38.59
N CYS C 810 -8.22 -14.00 38.92
CA CYS C 810 -8.06 -12.64 38.41
C CYS C 810 -6.82 -12.00 39.01
N ARG C 811 -6.20 -11.11 38.24
CA ARG C 811 -5.00 -10.44 38.71
C ARG C 811 -5.32 -9.37 39.74
N LYS C 812 -6.52 -8.81 39.69
CA LYS C 812 -6.87 -7.69 40.56
C LYS C 812 -7.72 -8.08 41.74
N CYS C 813 -8.86 -8.73 41.50
CA CYS C 813 -9.77 -9.07 42.59
C CYS C 813 -9.51 -10.45 43.18
N LYS C 814 -8.74 -11.28 42.49
CA LYS C 814 -8.38 -12.64 42.90
C LYS C 814 -9.63 -13.50 43.14
N ALA C 815 -10.41 -13.66 42.08
CA ALA C 815 -11.58 -14.50 42.07
C ALA C 815 -11.37 -15.63 41.06
N LEU C 816 -12.04 -16.75 41.30
CA LEU C 816 -11.88 -17.91 40.44
C LEU C 816 -12.51 -17.66 39.07
N ALA C 817 -11.71 -17.85 38.03
CA ALA C 817 -12.20 -17.75 36.66
C ALA C 817 -12.48 -19.12 36.04
N CYS C 818 -11.45 -19.95 35.94
CA CYS C 818 -11.56 -21.25 35.28
C CYS C 818 -10.40 -22.14 35.71
N TYR C 819 -10.27 -23.28 35.06
CA TYR C 819 -9.23 -24.25 35.32
C TYR C 819 -8.39 -24.43 34.07
N THR C 820 -7.12 -24.80 34.26
CA THR C 820 -6.23 -25.04 33.14
C THR C 820 -6.58 -26.35 32.42
N ALA C 821 -7.34 -27.23 33.07
CA ALA C 821 -7.90 -28.40 32.39
C ALA C 821 -9.08 -28.06 31.48
N ASP C 822 -9.51 -26.80 31.45
CA ASP C 822 -10.68 -26.39 30.70
C ASP C 822 -10.36 -25.60 29.43
N VAL C 823 -9.21 -24.94 29.36
CA VAL C 823 -8.92 -24.06 28.24
C VAL C 823 -8.62 -24.87 26.99
N ARG C 824 -8.97 -24.31 25.84
CA ARG C 824 -8.66 -24.91 24.55
C ARG C 824 -7.83 -23.93 23.75
N VAL C 825 -6.86 -24.46 23.01
CA VAL C 825 -5.99 -23.65 22.17
C VAL C 825 -6.23 -24.06 20.72
N ILE C 826 -6.58 -23.11 19.88
CA ILE C 826 -7.25 -23.45 18.63
C ILE C 826 -6.27 -23.87 17.55
N GLU C 827 -5.42 -22.95 17.13
CA GLU C 827 -4.44 -23.23 16.10
C GLU C 827 -3.07 -22.87 16.63
N GLU C 828 -2.82 -23.31 17.87
CA GLU C 828 -1.63 -23.05 18.71
C GLU C 828 -1.31 -21.56 18.84
N CYS C 829 -2.29 -20.67 18.60
CA CYS C 829 -2.05 -19.24 18.78
C CYS C 829 -3.23 -18.47 19.35
N HIS C 830 -4.30 -19.13 19.79
CA HIS C 830 -5.54 -18.44 20.08
C HIS C 830 -6.22 -18.94 21.36
N TYR C 831 -5.46 -18.96 22.47
CA TYR C 831 -5.88 -19.58 23.73
C TYR C 831 -7.22 -19.07 24.25
N THR C 832 -8.22 -19.94 24.30
CA THR C 832 -9.57 -19.58 24.70
C THR C 832 -10.07 -20.54 25.77
N VAL C 833 -11.25 -20.24 26.29
CA VAL C 833 -11.88 -21.04 27.33
C VAL C 833 -13.17 -21.60 26.76
N LEU C 834 -13.23 -22.93 26.63
CA LEU C 834 -14.48 -23.62 26.35
C LEU C 834 -15.00 -24.12 27.70
N GLY C 835 -15.99 -23.43 28.22
CA GLY C 835 -16.53 -23.78 29.51
C GLY C 835 -17.79 -23.01 29.80
N ASP C 836 -18.82 -23.71 30.27
CA ASP C 836 -20.11 -23.07 30.45
C ASP C 836 -20.19 -22.31 31.77
N ALA C 837 -19.39 -22.72 32.75
CA ALA C 837 -19.25 -21.92 33.97
C ALA C 837 -18.45 -20.66 33.71
N PHE C 838 -17.54 -20.70 32.72
CA PHE C 838 -16.79 -19.52 32.32
C PHE C 838 -17.70 -18.45 31.73
N LYS C 839 -18.81 -18.85 31.11
CA LYS C 839 -19.70 -17.93 30.42
C LYS C 839 -20.42 -16.98 31.38
N GLU C 840 -20.47 -17.30 32.66
CA GLU C 840 -21.12 -16.44 33.64
C GLU C 840 -20.12 -15.63 34.45
N CYS C 841 -18.85 -15.62 34.07
CA CYS C 841 -17.81 -14.92 34.83
C CYS C 841 -17.04 -13.94 33.96
N PHE C 842 -17.76 -13.23 33.07
CA PHE C 842 -17.24 -12.06 32.39
C PHE C 842 -18.42 -11.23 31.90
N VAL C 843 -18.17 -9.94 31.73
CA VAL C 843 -19.16 -8.99 31.24
C VAL C 843 -18.58 -8.27 30.04
N SER C 844 -19.26 -8.34 28.91
CA SER C 844 -18.78 -7.70 27.70
C SER C 844 -19.20 -6.24 27.65
N ARG C 845 -18.33 -5.42 27.05
CA ARG C 845 -18.63 -4.02 26.83
C ARG C 845 -18.03 -3.55 25.50
N LYS C 858 -13.47 -1.84 16.61
CA LYS C 858 -13.06 -3.16 17.05
C LYS C 858 -14.28 -4.05 17.33
N ARG C 859 -14.10 -5.01 18.22
CA ARG C 859 -15.16 -5.89 18.69
C ARG C 859 -15.32 -5.71 20.19
N ALA C 860 -16.13 -6.59 20.79
CA ALA C 860 -16.36 -6.53 22.21
C ALA C 860 -15.11 -6.93 22.99
N LYS C 861 -14.74 -6.12 23.98
CA LYS C 861 -13.66 -6.44 24.90
C LYS C 861 -14.27 -6.83 26.23
N ILE C 862 -13.93 -8.02 26.72
CA ILE C 862 -14.56 -8.55 27.93
C ILE C 862 -13.96 -7.89 29.16
N PHE C 863 -14.63 -8.05 30.30
CA PHE C 863 -14.14 -7.57 31.59
C PHE C 863 -14.56 -8.57 32.66
N CYS C 864 -13.95 -8.45 33.82
CA CYS C 864 -14.27 -9.36 34.92
C CYS C 864 -15.66 -9.04 35.48
N ALA C 865 -16.40 -10.10 35.83
CA ALA C 865 -17.80 -10.00 36.18
C ALA C 865 -18.04 -9.66 37.64
N ARG C 866 -17.01 -9.33 38.41
CA ARG C 866 -17.20 -9.00 39.80
C ARG C 866 -17.84 -7.61 39.94
N GLN C 867 -18.14 -7.25 41.19
CA GLN C 867 -19.00 -6.10 41.46
C GLN C 867 -18.31 -4.79 41.14
N ASN C 868 -17.06 -4.63 41.59
CA ASN C 868 -16.18 -3.59 41.06
C ASN C 868 -14.81 -4.21 40.84
N CYS C 869 -14.61 -4.81 39.67
CA CYS C 869 -13.29 -5.27 39.27
C CYS C 869 -12.80 -4.55 38.03
N SER C 870 -13.61 -4.54 36.96
CA SER C 870 -13.36 -3.78 35.73
C SER C 870 -12.03 -4.16 35.07
N HIS C 871 -11.61 -5.40 35.23
CA HIS C 871 -10.32 -5.86 34.74
C HIS C 871 -10.54 -6.59 33.41
N ASP C 872 -10.00 -6.03 32.34
CA ASP C 872 -10.18 -6.63 31.02
C ASP C 872 -9.31 -7.87 30.88
N TRP C 873 -9.95 -9.01 30.68
CA TRP C 873 -9.19 -10.25 30.56
C TRP C 873 -8.70 -10.47 29.15
N GLY C 874 -9.57 -10.26 28.17
CA GLY C 874 -9.26 -10.58 26.80
C GLY C 874 -10.18 -9.88 25.83
N ILE C 875 -10.58 -10.57 24.76
CA ILE C 875 -11.40 -9.93 23.74
C ILE C 875 -12.24 -10.99 23.05
N HIS C 876 -13.50 -10.63 22.75
CA HIS C 876 -14.33 -11.43 21.86
C HIS C 876 -13.71 -11.44 20.47
N VAL C 877 -13.58 -12.63 19.90
CA VAL C 877 -13.06 -12.77 18.55
C VAL C 877 -13.99 -13.69 17.81
N LYS C 878 -14.01 -13.57 16.49
CA LYS C 878 -14.76 -14.47 15.64
C LYS C 878 -13.80 -15.41 14.94
N TYR C 879 -14.04 -16.70 15.09
CA TYR C 879 -13.26 -17.73 14.41
C TYR C 879 -13.89 -17.97 13.03
N LYS C 880 -13.56 -19.08 12.38
CA LYS C 880 -14.08 -19.40 11.05
C LYS C 880 -15.61 -19.42 11.02
N THR C 881 -16.24 -19.90 12.09
CA THR C 881 -17.69 -19.81 12.24
C THR C 881 -18.08 -19.23 13.59
N PHE C 882 -17.33 -19.58 14.64
CA PHE C 882 -17.76 -19.35 16.01
C PHE C 882 -17.41 -17.95 16.47
N GLU C 883 -17.83 -17.61 17.68
CA GLU C 883 -17.57 -16.32 18.30
C GLU C 883 -17.08 -16.49 19.72
N ILE C 884 -16.12 -17.39 19.92
CA ILE C 884 -15.59 -17.68 21.25
C ILE C 884 -14.64 -16.58 21.70
N PRO C 885 -14.56 -16.26 22.99
CA PRO C 885 -13.66 -15.21 23.45
C PRO C 885 -12.28 -15.73 23.82
N VAL C 886 -11.25 -14.96 23.46
CA VAL C 886 -9.89 -15.29 23.80
C VAL C 886 -9.48 -14.46 25.02
N ILE C 887 -8.51 -14.97 25.76
CA ILE C 887 -8.07 -14.34 27.00
C ILE C 887 -6.57 -14.11 26.91
N LYS C 888 -6.08 -13.25 27.78
CA LYS C 888 -4.66 -12.93 27.89
C LYS C 888 -4.16 -13.33 29.26
N ILE C 889 -3.07 -14.10 29.30
CA ILE C 889 -2.50 -14.56 30.57
C ILE C 889 -1.85 -13.42 31.34
N GLU C 890 -1.59 -12.29 30.69
CA GLU C 890 -1.05 -11.11 31.37
C GLU C 890 -2.04 -10.48 32.34
N SER C 891 -3.30 -10.91 32.34
CA SER C 891 -4.29 -10.44 33.29
C SER C 891 -4.82 -11.61 34.11
N PHE C 892 -3.93 -12.47 34.60
CA PHE C 892 -4.32 -13.60 35.44
C PHE C 892 -3.24 -13.87 36.46
N VAL C 893 -3.58 -14.71 37.43
CA VAL C 893 -2.64 -15.29 38.38
C VAL C 893 -2.86 -16.78 38.38
N VAL C 894 -1.84 -17.54 38.00
CA VAL C 894 -1.94 -18.99 38.02
C VAL C 894 -1.76 -19.47 39.45
N GLU C 895 -2.66 -20.34 39.91
CA GLU C 895 -2.52 -20.98 41.20
C GLU C 895 -2.57 -22.48 40.95
N ASP C 896 -1.78 -23.25 41.69
CA ASP C 896 -1.75 -24.68 41.48
C ASP C 896 -2.59 -25.39 42.53
N ILE C 897 -3.39 -26.36 42.09
CA ILE C 897 -4.37 -26.98 42.95
C ILE C 897 -3.78 -28.13 43.77
N ALA C 898 -2.61 -28.63 43.41
CA ALA C 898 -1.92 -29.57 44.27
C ALA C 898 -1.17 -28.84 45.37
N THR C 899 -0.25 -27.96 44.99
CA THR C 899 0.58 -27.21 45.92
C THR C 899 -0.17 -25.99 46.44
N GLY C 900 0.54 -25.08 47.10
CA GLY C 900 -0.07 -23.86 47.57
C GLY C 900 0.54 -22.59 46.99
N VAL C 901 1.19 -22.69 45.85
CA VAL C 901 1.86 -21.54 45.27
C VAL C 901 0.87 -20.73 44.42
N GLN C 902 1.22 -19.48 44.17
CA GLN C 902 0.42 -18.52 43.42
C GLN C 902 1.26 -17.83 42.36
N THR C 903 1.98 -18.63 41.56
CA THR C 903 3.02 -18.12 40.69
C THR C 903 2.48 -17.25 39.54
N LEU C 904 3.24 -16.22 39.21
CA LEU C 904 2.91 -15.25 38.17
C LEU C 904 3.58 -15.64 36.86
N TYR C 905 2.97 -15.20 35.76
CA TYR C 905 3.55 -15.39 34.43
C TYR C 905 3.30 -14.14 33.61
N SER C 906 3.98 -14.06 32.48
CA SER C 906 3.93 -12.87 31.63
C SER C 906 3.44 -13.13 30.22
N LYS C 907 3.65 -14.32 29.68
CA LYS C 907 3.19 -14.62 28.34
C LYS C 907 2.90 -16.11 28.24
N TRP C 908 2.05 -16.46 27.28
CA TRP C 908 1.48 -17.80 27.18
C TRP C 908 2.52 -18.86 26.83
N LYS C 909 3.65 -18.48 26.24
CA LYS C 909 4.64 -19.48 25.90
C LYS C 909 5.37 -19.99 27.14
N ASP C 910 5.60 -19.12 28.12
CA ASP C 910 6.36 -19.53 29.30
C ASP C 910 5.55 -20.41 30.22
N PHE C 911 4.28 -20.06 30.44
CA PHE C 911 3.39 -20.87 31.26
C PHE C 911 3.15 -22.22 30.61
N HIS C 912 3.42 -23.29 31.34
CA HIS C 912 3.43 -24.63 30.81
C HIS C 912 2.28 -25.45 31.37
N PHE C 913 1.67 -26.25 30.50
CA PHE C 913 0.65 -27.23 30.84
C PHE C 913 0.54 -28.20 29.66
N GLU C 914 -0.45 -29.07 29.70
CA GLU C 914 -0.78 -29.92 28.56
C GLU C 914 -1.81 -29.21 27.70
N LYS C 915 -1.42 -28.85 26.48
CA LYS C 915 -2.24 -28.02 25.62
C LYS C 915 -3.17 -28.90 24.81
N ILE C 916 -4.46 -28.83 25.08
CA ILE C 916 -5.46 -29.66 24.41
C ILE C 916 -6.07 -28.86 23.28
N PRO C 917 -6.03 -29.35 22.04
CA PRO C 917 -6.52 -28.55 20.91
C PRO C 917 -8.04 -28.43 20.90
N PHE C 918 -8.50 -27.33 20.33
CA PHE C 918 -9.93 -27.03 20.27
C PHE C 918 -10.60 -27.80 19.15
N ASP C 919 -11.78 -28.31 19.43
CA ASP C 919 -12.58 -29.04 18.46
C ASP C 919 -14.04 -28.62 18.59
N PRO C 920 -14.77 -28.56 17.48
CA PRO C 920 -16.19 -28.22 17.57
C PRO C 920 -17.04 -29.27 18.26
N ALA C 921 -16.58 -30.51 18.34
CA ALA C 921 -17.31 -31.56 19.04
C ALA C 921 -17.05 -31.49 20.54
N SER D 252 32.43 62.82 13.17
CA SER D 252 33.01 63.71 14.17
C SER D 252 33.56 64.97 13.53
N ARG D 253 33.18 65.22 12.27
CA ARG D 253 33.71 66.37 11.55
C ARG D 253 32.80 67.59 11.60
N PHE D 254 31.50 67.40 11.79
CA PHE D 254 30.58 68.50 12.07
C PHE D 254 30.24 68.52 13.56
N ALA D 255 29.32 69.40 13.95
CA ALA D 255 29.05 69.63 15.36
C ALA D 255 28.25 68.49 15.98
N GLN D 256 28.65 68.10 17.19
CA GLN D 256 27.92 67.09 17.94
C GLN D 256 26.60 67.65 18.44
N TRP D 257 25.55 66.82 18.41
CA TRP D 257 24.23 67.20 18.90
C TRP D 257 23.82 66.47 20.17
N ALA D 258 24.12 65.18 20.27
CA ALA D 258 23.71 64.36 21.40
C ALA D 258 24.81 63.38 21.78
N ILE D 259 24.54 62.60 22.82
CA ILE D 259 25.52 61.71 23.42
C ILE D 259 25.12 60.25 23.20
N HIS D 260 25.97 59.34 23.63
CA HIS D 260 25.78 57.92 23.42
C HIS D 260 24.76 57.36 24.42
N PRO D 261 23.92 56.42 24.00
CA PRO D 261 22.95 55.82 24.92
C PRO D 261 23.62 54.84 25.88
N THR D 262 22.83 54.42 26.86
CA THR D 262 23.24 53.43 27.85
C THR D 262 22.19 52.33 27.89
N PHE D 263 22.62 51.11 28.20
CA PHE D 263 21.74 49.97 28.19
C PHE D 263 21.13 49.75 29.57
N ASN D 264 19.90 49.24 29.60
CA ASN D 264 19.24 48.93 30.86
C ASN D 264 19.55 47.50 31.29
N LEU D 265 19.67 47.31 32.60
CA LEU D 265 19.78 45.98 33.17
C LEU D 265 18.43 45.36 33.46
N LYS D 266 17.34 46.08 33.17
CA LYS D 266 15.99 45.56 33.36
C LYS D 266 15.50 44.74 32.17
N SER D 267 16.06 44.95 30.98
CA SER D 267 15.69 44.21 29.78
C SER D 267 16.91 43.64 29.08
N LEU D 268 17.90 43.18 29.85
CA LEU D 268 19.09 42.58 29.28
C LEU D 268 18.78 41.18 28.75
N SER D 269 19.53 40.78 27.72
CA SER D 269 19.43 39.43 27.17
C SER D 269 19.92 38.40 28.17
N CYS D 270 19.43 37.17 28.03
CA CYS D 270 19.72 36.11 28.98
C CYS D 270 21.07 35.44 28.75
N SER D 271 21.76 35.76 27.65
CA SER D 271 23.07 35.20 27.35
C SER D 271 24.16 36.26 27.22
N LEU D 272 23.88 37.51 27.56
CA LEU D 272 24.83 38.60 27.41
C LEU D 272 25.41 39.01 28.76
N GLU D 273 26.58 39.64 28.71
CA GLU D 273 27.37 40.04 29.87
C GLU D 273 27.86 41.48 29.73
N VAL D 274 26.94 42.40 29.42
CA VAL D 274 27.27 43.81 29.36
C VAL D 274 27.74 44.31 30.71
N SER D 275 28.88 44.98 30.73
CA SER D 275 29.53 45.37 31.97
C SER D 275 28.99 46.71 32.45
N LYS D 276 29.63 47.28 33.48
CA LYS D 276 29.13 48.48 34.13
C LYS D 276 29.34 49.74 33.27
N ASP D 277 30.20 49.68 32.24
CA ASP D 277 30.32 50.82 31.34
C ASP D 277 29.12 50.91 30.40
N SER D 278 28.34 49.83 30.27
CA SER D 278 27.02 49.78 29.66
C SER D 278 26.99 50.21 28.20
N ARG D 279 28.14 50.11 27.52
CA ARG D 279 28.21 50.32 26.09
C ARG D 279 29.10 49.27 25.44
N THR D 280 29.30 48.14 26.11
CA THR D 280 30.20 47.06 25.68
C THR D 280 29.48 45.76 26.00
N VAL D 281 28.94 45.09 24.98
CA VAL D 281 28.22 43.84 25.22
C VAL D 281 29.22 42.69 25.04
N THR D 282 28.95 41.56 25.71
CA THR D 282 29.79 40.38 25.64
C THR D 282 28.92 39.14 25.81
N VAL D 283 29.15 38.12 24.97
CA VAL D 283 28.36 36.89 25.00
C VAL D 283 29.23 35.75 25.50
N SER D 284 28.65 34.88 26.33
CA SER D 284 29.28 33.67 26.82
C SER D 284 28.47 32.46 26.34
N HIS D 285 28.85 31.29 26.83
CA HIS D 285 28.18 30.05 26.42
C HIS D 285 26.90 29.80 27.21
N ARG D 286 26.98 29.70 28.54
CA ARG D 286 25.82 29.29 29.31
C ARG D 286 24.91 30.49 29.56
N PRO D 287 23.59 30.35 29.35
CA PRO D 287 22.69 31.49 29.56
C PRO D 287 22.55 31.84 31.03
N GLN D 288 22.56 33.14 31.31
CA GLN D 288 22.70 33.63 32.67
C GLN D 288 21.35 33.58 33.37
N PRO D 289 21.23 32.88 34.49
CA PRO D 289 19.92 32.76 35.18
C PRO D 289 19.50 34.07 35.82
N TYR D 290 18.42 34.65 35.31
CA TYR D 290 17.83 35.87 35.84
C TYR D 290 16.38 35.61 36.25
N ARG D 291 15.72 36.67 36.69
CA ARG D 291 14.30 36.61 37.00
C ARG D 291 13.48 36.71 35.72
N TRP D 292 12.47 35.84 35.58
CA TRP D 292 11.68 35.74 34.37
C TRP D 292 10.34 36.45 34.56
N SER D 293 10.15 37.55 33.84
CA SER D 293 8.95 38.39 33.97
C SER D 293 8.55 38.86 32.57
N CYS D 294 7.66 39.84 32.52
CA CYS D 294 7.20 40.43 31.26
C CYS D 294 8.11 41.55 30.76
N GLU D 295 9.21 41.84 31.44
CA GLU D 295 10.17 42.83 30.99
C GLU D 295 11.48 42.23 30.53
N ARG D 296 11.84 41.04 31.00
CA ARG D 296 13.01 40.35 30.48
C ARG D 296 12.75 39.91 29.05
N PHE D 297 13.71 40.17 28.17
CA PHE D 297 13.48 39.96 26.74
C PHE D 297 13.51 38.49 26.36
N SER D 298 14.40 37.71 26.99
CA SER D 298 14.59 36.26 26.75
C SER D 298 14.95 35.93 25.30
N THR D 299 15.47 36.90 24.55
CA THR D 299 15.90 36.72 23.17
C THR D 299 17.19 37.52 23.03
N SER D 300 17.65 37.72 21.80
CA SER D 300 18.95 38.34 21.55
C SER D 300 18.79 39.75 21.01
N GLN D 301 17.82 40.48 21.53
CA GLN D 301 17.65 41.91 21.27
C GLN D 301 18.06 42.72 22.49
N VAL D 302 18.75 43.84 22.24
CA VAL D 302 19.29 44.69 23.30
C VAL D 302 18.85 46.13 23.03
N LEU D 303 18.20 46.75 24.01
CA LEU D 303 17.68 48.11 23.91
C LEU D 303 18.58 49.06 24.69
N CYS D 304 18.16 50.33 24.72
CA CYS D 304 18.88 51.36 25.46
C CYS D 304 17.99 52.12 26.43
N SER D 305 18.54 53.16 27.07
CA SER D 305 17.87 53.84 28.18
C SER D 305 17.81 55.35 28.01
N GLN D 306 17.92 55.87 26.79
CA GLN D 306 17.88 57.31 26.58
C GLN D 306 16.45 57.78 26.34
N ALA D 307 16.11 58.91 26.94
CA ALA D 307 14.80 59.50 26.73
C ALA D 307 14.79 60.35 25.46
N LEU D 308 13.63 60.45 24.83
CA LEU D 308 13.56 60.99 23.48
C LEU D 308 13.49 62.52 23.50
N SER D 309 13.83 63.11 22.35
CA SER D 309 13.85 64.55 22.17
C SER D 309 13.37 64.86 20.76
N SER D 310 13.56 66.10 20.33
CA SER D 310 13.01 66.52 19.04
C SER D 310 13.89 66.10 17.87
N GLY D 311 15.14 66.60 17.83
CA GLY D 311 15.95 66.37 16.66
C GLY D 311 17.44 66.14 16.84
N LYS D 312 17.93 66.13 18.08
CA LYS D 312 19.36 66.04 18.34
C LYS D 312 19.70 64.60 18.80
N HIS D 313 20.26 63.82 17.87
CA HIS D 313 20.56 62.41 18.12
C HIS D 313 21.82 62.03 17.34
N TYR D 314 22.86 61.55 18.03
CA TYR D 314 24.04 61.02 17.36
C TYR D 314 24.80 60.07 18.28
N TRP D 315 25.19 58.92 17.74
CA TRP D 315 26.04 57.95 18.43
C TRP D 315 26.64 57.01 17.38
N GLU D 316 27.82 56.47 17.69
CA GLU D 316 28.55 55.60 16.77
C GLU D 316 29.00 54.34 17.48
N VAL D 317 28.74 53.18 16.87
CA VAL D 317 29.05 51.89 17.47
C VAL D 317 30.08 51.17 16.61
N ASP D 318 31.00 50.46 17.27
CA ASP D 318 32.02 49.65 16.62
C ASP D 318 31.43 48.29 16.30
N THR D 319 31.12 48.06 15.03
CA THR D 319 30.51 46.81 14.58
C THR D 319 31.55 45.83 14.02
N ARG D 320 32.82 46.04 14.31
CA ARG D 320 33.80 45.02 13.96
C ARG D 320 33.75 43.90 14.99
N ASN D 321 34.37 42.77 14.61
CA ASN D 321 34.41 41.53 15.40
C ASN D 321 33.02 41.04 15.77
N CYS D 322 32.13 41.00 14.78
CA CYS D 322 30.83 40.37 14.94
C CYS D 322 30.39 39.77 13.62
N SER D 323 29.84 38.55 13.68
CA SER D 323 29.47 37.85 12.47
C SER D 323 28.05 38.22 12.01
N HIS D 324 27.07 38.07 12.89
CA HIS D 324 25.66 38.33 12.55
C HIS D 324 25.10 39.34 13.54
N TRP D 325 24.74 40.52 13.04
CA TRP D 325 24.25 41.60 13.87
C TRP D 325 23.16 42.37 13.11
N ALA D 326 22.35 43.08 13.88
CA ALA D 326 21.29 43.92 13.31
C ALA D 326 21.00 45.04 14.30
N VAL D 327 21.36 46.26 13.93
CA VAL D 327 21.21 47.43 14.79
C VAL D 327 20.20 48.37 14.15
N GLY D 328 19.28 48.89 14.96
CA GLY D 328 18.28 49.80 14.44
C GLY D 328 17.49 50.45 15.55
N VAL D 329 16.77 51.50 15.18
CA VAL D 329 15.97 52.30 16.10
C VAL D 329 14.50 52.16 15.70
N ALA D 330 13.67 51.80 16.66
CA ALA D 330 12.26 51.53 16.40
C ALA D 330 11.45 51.98 17.60
N SER D 331 10.18 51.59 17.62
CA SER D 331 9.27 51.97 18.67
C SER D 331 9.59 51.22 19.96
N TRP D 332 9.24 51.84 21.09
CA TRP D 332 9.49 51.27 22.40
C TRP D 332 8.34 50.43 22.91
N GLU D 333 7.10 50.92 22.79
CA GLU D 333 5.94 50.23 23.33
C GLU D 333 5.56 49.10 22.39
N MET D 334 6.13 47.92 22.67
CA MET D 334 5.80 46.69 21.96
C MET D 334 5.83 45.54 22.96
N SER D 335 5.17 44.44 22.59
CA SER D 335 5.16 43.24 23.42
C SER D 335 6.57 42.67 23.53
N ARG D 336 6.93 42.25 24.74
CA ARG D 336 8.25 41.68 25.00
C ARG D 336 8.40 40.27 24.44
N ASP D 337 7.31 39.64 24.02
CA ASP D 337 7.37 38.36 23.33
C ASP D 337 7.59 38.49 21.83
N GLN D 338 7.57 39.71 21.30
CA GLN D 338 7.93 39.96 19.92
C GLN D 338 9.39 40.40 19.83
N VAL D 339 9.98 40.19 18.65
CA VAL D 339 11.36 40.55 18.40
C VAL D 339 11.41 41.74 17.45
N LEU D 340 12.60 42.31 17.31
CA LEU D 340 12.80 43.49 16.47
C LEU D 340 12.89 43.11 15.00
N GLY D 341 12.20 43.88 14.17
CA GLY D 341 12.30 43.76 12.72
C GLY D 341 11.04 43.23 12.06
N ARG D 342 10.15 42.60 12.81
CA ARG D 342 8.90 42.09 12.26
C ARG D 342 7.76 43.08 12.37
N THR D 343 7.95 44.17 13.12
CA THR D 343 6.92 45.17 13.29
C THR D 343 6.86 46.10 12.07
N MET D 344 5.70 46.73 11.89
CA MET D 344 5.48 47.59 10.73
C MET D 344 6.24 48.92 10.83
N ASP D 345 6.70 49.29 12.01
CA ASP D 345 7.42 50.55 12.24
C ASP D 345 8.77 50.25 12.87
N SER D 346 9.77 50.00 12.01
CA SER D 346 11.11 49.66 12.49
C SER D 346 12.12 50.03 11.42
N CYS D 347 12.94 51.05 11.69
CA CYS D 347 14.06 51.39 10.83
C CYS D 347 15.28 50.65 11.34
N CYS D 348 15.54 49.48 10.77
CA CYS D 348 16.64 48.63 11.19
C CYS D 348 17.21 47.92 9.97
N VAL D 349 18.48 47.57 10.07
CA VAL D 349 19.21 46.88 9.01
C VAL D 349 19.49 45.47 9.51
N GLU D 350 19.04 44.47 8.78
CA GLU D 350 19.25 43.08 9.16
C GLU D 350 20.31 42.48 8.23
N TRP D 351 21.53 42.39 8.72
CA TRP D 351 22.63 41.79 7.97
C TRP D 351 22.50 40.28 8.10
N LYS D 352 21.93 39.66 7.07
CA LYS D 352 21.63 38.23 7.13
C LYS D 352 22.91 37.40 6.98
N GLY D 353 22.82 36.14 7.38
CA GLY D 353 23.90 35.19 7.17
C GLY D 353 24.14 34.80 5.73
N THR D 354 23.23 35.17 4.83
CA THR D 354 23.34 34.88 3.41
C THR D 354 24.12 35.96 2.64
N SER D 355 24.92 36.77 3.36
CA SER D 355 25.91 37.70 2.79
C SER D 355 25.27 38.79 1.93
N GLN D 356 24.26 39.47 2.49
CA GLN D 356 23.73 40.67 1.88
C GLN D 356 23.17 41.57 2.97
N LEU D 357 23.37 42.88 2.80
CA LEU D 357 22.94 43.88 3.78
C LEU D 357 21.45 44.14 3.57
N SER D 358 20.62 43.31 4.18
CA SER D 358 19.17 43.47 4.05
C SER D 358 18.64 44.39 5.14
N ALA D 359 17.38 44.82 4.96
CA ALA D 359 16.70 45.65 5.94
C ALA D 359 15.20 45.47 5.80
N TRP D 360 14.48 45.84 6.84
CA TRP D 360 13.06 45.56 6.94
C TRP D 360 12.25 46.84 6.95
N HIS D 361 11.09 46.80 6.30
CA HIS D 361 10.09 47.85 6.45
C HIS D 361 8.69 47.27 6.56
N MET D 362 8.55 45.94 6.56
CA MET D 362 7.31 45.19 6.70
C MET D 362 6.19 45.59 5.73
N LYS D 364 8.07 43.14 4.06
CA LYS D 364 8.76 43.69 2.91
C LYS D 364 10.27 43.46 3.02
N GLU D 365 10.77 42.51 2.23
CA GLU D 365 12.20 42.20 2.18
C GLU D 365 12.89 43.26 1.35
N THR D 366 13.30 44.35 2.01
CA THR D 366 13.93 45.48 1.34
C THR D 366 15.45 45.29 1.41
N VAL D 367 15.98 44.60 0.41
CA VAL D 367 17.38 44.19 0.40
C VAL D 367 18.20 45.23 -0.34
N LEU D 368 19.40 45.52 0.17
CA LEU D 368 20.30 46.53 -0.35
C LEU D 368 21.59 45.86 -0.85
N GLY D 369 22.60 46.69 -1.12
CA GLY D 369 23.86 46.24 -1.66
C GLY D 369 24.68 45.41 -0.68
N SER D 370 25.92 45.16 -1.07
CA SER D 370 26.74 44.10 -0.48
C SER D 370 27.95 44.64 0.27
N ASP D 371 27.76 45.71 1.05
CA ASP D 371 28.83 46.26 1.86
C ASP D 371 29.01 45.45 3.15
N ARG D 372 30.18 45.62 3.76
CA ARG D 372 30.47 45.11 5.10
C ARG D 372 30.80 46.32 5.98
N PRO D 373 29.80 46.87 6.68
CA PRO D 373 30.00 48.14 7.40
C PRO D 373 30.89 47.98 8.62
N GLY D 374 32.01 48.71 8.63
CA GLY D 374 32.94 48.69 9.74
C GLY D 374 32.44 49.33 11.02
N VAL D 375 32.22 50.65 11.00
CA VAL D 375 31.73 51.38 12.17
C VAL D 375 30.41 52.04 11.81
N VAL D 376 29.33 51.52 12.36
CA VAL D 376 28.00 52.05 12.06
C VAL D 376 27.69 53.14 13.08
N GLY D 377 27.18 54.26 12.59
CA GLY D 377 26.70 55.29 13.48
C GLY D 377 25.28 55.68 13.13
N ILE D 378 24.37 55.64 14.10
CA ILE D 378 22.97 55.96 13.86
C ILE D 378 22.78 57.43 14.16
N TRP D 379 22.44 58.19 13.12
CA TRP D 379 22.18 59.62 13.22
C TRP D 379 20.71 59.83 12.90
N LEU D 380 19.96 60.36 13.87
CA LEU D 380 18.51 60.42 13.79
C LEU D 380 18.04 61.86 13.88
N ASN D 381 17.09 62.22 13.03
CA ASN D 381 16.43 63.52 13.05
C ASN D 381 14.93 63.27 13.03
N LEU D 382 14.32 63.22 14.21
CA LEU D 382 12.88 63.04 14.31
C LEU D 382 12.12 64.34 14.04
N GLU D 383 12.80 65.48 14.12
CA GLU D 383 12.14 66.76 13.84
C GLU D 383 12.22 67.13 12.37
N GLU D 384 13.33 66.81 11.70
CA GLU D 384 13.60 67.30 10.35
C GLU D 384 13.42 66.24 9.28
N GLY D 385 13.23 64.98 9.65
CA GLY D 385 13.01 63.91 8.69
C GLY D 385 14.17 63.63 7.76
N LYS D 386 15.36 63.41 8.34
CA LYS D 386 16.54 63.06 7.56
C LYS D 386 17.30 61.99 8.33
N LEU D 387 17.40 60.80 7.76
CA LEU D 387 18.05 59.66 8.39
C LEU D 387 19.34 59.36 7.65
N ALA D 388 20.46 59.30 8.40
CA ALA D 388 21.77 59.19 7.81
C ALA D 388 22.65 58.24 8.61
N PHE D 389 23.38 57.37 7.90
CA PHE D 389 24.19 56.32 8.51
C PHE D 389 25.56 56.30 7.82
N TYR D 390 26.52 57.06 8.36
CA TYR D 390 27.82 57.24 7.73
C TYR D 390 28.77 56.17 8.24
N SER D 391 29.12 55.20 7.38
CA SER D 391 29.85 54.03 7.87
C SER D 391 31.35 54.27 7.97
N VAL D 392 32.05 54.35 6.82
CA VAL D 392 33.50 54.55 6.80
C VAL D 392 33.88 55.47 5.63
N ASP D 393 34.22 56.72 5.95
CA ASP D 393 35.10 57.58 5.13
C ASP D 393 34.65 57.88 3.71
N ASN D 394 33.47 57.40 3.31
CA ASN D 394 33.03 57.42 1.91
C ASN D 394 32.14 58.62 1.60
N GLN D 395 32.70 59.83 1.83
CA GLN D 395 32.07 61.13 1.56
C GLN D 395 30.74 61.29 2.30
N GLU D 396 30.63 60.62 3.45
CA GLU D 396 29.47 60.65 4.36
C GLU D 396 28.18 60.24 3.63
N LYS D 397 28.16 58.99 3.15
CA LYS D 397 27.00 58.43 2.49
C LYS D 397 26.15 57.65 3.49
N LEU D 398 24.83 57.86 3.42
CA LEU D 398 23.91 57.24 4.39
C LEU D 398 23.71 55.76 4.11
N LEU D 399 23.60 55.39 2.83
CA LEU D 399 23.46 54.02 2.33
C LEU D 399 22.17 53.33 2.79
N TYR D 400 21.19 54.07 3.32
CA TYR D 400 19.92 53.52 3.79
C TYR D 400 18.93 54.65 3.99
N GLU D 401 17.69 54.43 3.56
CA GLU D 401 16.64 55.44 3.62
C GLU D 401 15.46 54.94 4.45
N CYS D 402 14.96 55.81 5.33
CA CYS D 402 13.78 55.51 6.12
C CYS D 402 12.87 56.73 6.19
N THR D 403 11.57 56.48 6.08
CA THR D 403 10.56 57.43 6.53
C THR D 403 10.06 56.98 7.90
N ILE D 404 9.79 57.94 8.77
CA ILE D 404 9.50 57.61 10.16
C ILE D 404 8.10 58.09 10.51
N SER D 405 7.45 57.33 11.41
CA SER D 405 6.17 57.73 12.00
C SER D 405 6.49 58.30 13.38
N ALA D 406 6.85 59.58 13.41
CA ALA D 406 7.29 60.24 14.63
C ALA D 406 6.07 60.62 15.49
N SER D 407 5.46 59.59 16.09
CA SER D 407 4.39 59.79 17.06
C SER D 407 4.50 58.80 18.22
N SER D 408 5.71 58.29 18.48
CA SER D 408 5.91 57.20 19.41
C SER D 408 7.28 57.38 20.06
N PRO D 409 7.52 56.74 21.21
CA PRO D 409 8.90 56.65 21.72
C PRO D 409 9.79 55.87 20.76
N LEU D 410 11.01 56.33 20.59
CA LEU D 410 11.92 55.90 19.52
C LEU D 410 13.26 55.46 20.12
N TYR D 411 13.21 54.53 21.08
CA TYR D 411 14.41 54.04 21.74
C TYR D 411 15.32 53.31 20.74
N PRO D 412 16.64 53.46 20.86
CA PRO D 412 17.56 52.73 19.97
C PRO D 412 17.77 51.31 20.46
N ALA D 413 18.00 50.40 19.50
CA ALA D 413 18.05 48.98 19.81
C ALA D 413 19.18 48.27 19.06
N PHE D 414 19.50 47.08 19.55
CA PHE D 414 20.52 46.21 18.98
C PHE D 414 19.96 44.79 18.94
N TRP D 415 20.46 43.99 17.99
CA TRP D 415 20.05 42.59 17.87
C TRP D 415 21.18 41.82 17.19
N LEU D 416 21.64 40.75 17.82
CA LEU D 416 22.80 40.04 17.31
C LEU D 416 22.74 38.57 17.69
N TYR D 417 23.04 37.71 16.71
CA TYR D 417 23.07 36.27 16.91
C TYR D 417 24.33 35.94 17.69
N GLY D 418 24.19 35.72 18.99
CA GLY D 418 25.31 35.59 19.89
C GLY D 418 25.89 34.22 20.09
N LEU D 419 25.48 33.20 19.32
CA LEU D 419 25.89 31.83 19.60
C LEU D 419 27.35 31.55 19.25
N HIS D 420 28.08 32.53 18.73
CA HIS D 420 29.54 32.49 18.69
C HIS D 420 30.03 33.14 19.98
N PRO D 421 30.51 32.36 20.95
CA PRO D 421 30.87 32.94 22.25
C PRO D 421 32.12 33.79 22.16
N GLY D 422 32.11 34.89 22.92
CA GLY D 422 33.12 35.91 22.78
C GLY D 422 32.80 37.00 21.77
N ASN D 423 31.62 36.95 21.16
CA ASN D 423 31.17 38.04 20.30
C ASN D 423 30.91 39.28 21.13
N TYR D 424 31.29 40.44 20.59
CA TYR D 424 31.11 41.68 21.33
C TYR D 424 30.71 42.79 20.38
N LEU D 425 29.93 43.72 20.91
CA LEU D 425 29.62 45.00 20.28
C LEU D 425 29.94 46.10 21.27
N ILE D 426 30.66 47.12 20.83
CA ILE D 426 31.19 48.16 21.72
C ILE D 426 30.93 49.53 21.12
N ILE D 427 30.58 50.49 21.97
CA ILE D 427 30.36 51.87 21.56
C ILE D 427 31.56 52.70 21.97
N LYS D 428 32.13 53.44 21.02
CA LYS D 428 33.29 54.29 21.27
C LYS D 428 32.86 55.75 21.34
N GLN D 429 33.82 56.63 21.62
CA GLN D 429 33.57 58.06 21.65
C GLN D 429 33.72 58.65 20.26
N VAL D 430 32.88 59.63 19.95
CA VAL D 430 32.92 60.27 18.65
C VAL D 430 33.76 61.54 18.68
PG GTP E 1 -29.88 -4.19 -10.02
O1G GTP E 1 -31.05 -4.86 -10.71
O2G GTP E 1 -28.60 -4.50 -10.79
O3G GTP E 1 -29.75 -4.70 -8.60
O3B GTP E 1 -30.11 -2.54 -9.99
PB GTP E 1 -31.54 -1.82 -9.58
O1B GTP E 1 -32.70 -2.62 -10.14
O2B GTP E 1 -31.58 -0.41 -10.14
O3A GTP E 1 -31.67 -1.75 -7.92
PA GTP E 1 -33.09 -1.40 -7.10
O1A GTP E 1 -33.10 0.07 -6.70
O2A GTP E 1 -34.27 -1.68 -8.01
O5' GTP E 1 -33.19 -2.36 -5.76
C5' GTP E 1 -33.84 -1.85 -4.66
C4' GTP E 1 -34.90 -2.89 -4.16
O4' GTP E 1 -35.68 -3.23 -5.15
C3' GTP E 1 -34.21 -4.18 -3.71
O3' GTP E 1 -34.01 -4.16 -2.36
C2' GTP E 1 -35.21 -5.29 -4.10
O2' GTP E 1 -36.19 -5.49 -3.00
C1' GTP E 1 -35.82 -4.85 -5.15
N9 GTP E 1 -35.19 -5.39 -6.35
C8 GTP E 1 -34.69 -4.56 -7.31
N7 GTP E 1 -34.19 -5.34 -8.30
C5 GTP E 1 -34.35 -6.60 -7.97
C6 GTP E 1 -33.97 -7.87 -8.72
O6 GTP E 1 -33.42 -7.80 -9.78
N1 GTP E 1 -34.27 -9.17 -8.15
C2 GTP E 1 -34.95 -9.23 -6.86
N2 GTP E 1 -35.25 -10.52 -6.28
N3 GTP E 1 -35.32 -7.98 -6.14
C4 GTP E 1 -35.00 -6.65 -6.75
ZN ZN G . -35.16 14.09 0.16
ZN ZN H . -11.48 -9.90 38.62
#